data_3R68
# 
_entry.id   3R68 
# 
_audit_conform.dict_name       mmcif_pdbx.dic 
_audit_conform.dict_version    5.387 
_audit_conform.dict_location   http://mmcif.pdb.org/dictionaries/ascii/mmcif_pdbx.dic 
# 
loop_
_database_2.database_id 
_database_2.database_code 
_database_2.pdbx_database_accession 
_database_2.pdbx_DOI 
PDB   3R68         pdb_00003r68 10.2210/pdb3r68/pdb 
RCSB  RCSB064540   ?            ?                   
WWPDB D_1000064540 ?            ?                   
# 
loop_
_pdbx_audit_revision_history.ordinal 
_pdbx_audit_revision_history.data_content_type 
_pdbx_audit_revision_history.major_revision 
_pdbx_audit_revision_history.minor_revision 
_pdbx_audit_revision_history.revision_date 
1 'Structure model' 1 0 2011-05-18 
2 'Structure model' 1 1 2011-07-13 
3 'Structure model' 1 2 2011-07-27 
4 'Structure model' 1 3 2024-02-21 
# 
_pdbx_audit_revision_details.ordinal             1 
_pdbx_audit_revision_details.revision_ordinal    1 
_pdbx_audit_revision_details.data_content_type   'Structure model' 
_pdbx_audit_revision_details.provider            repository 
_pdbx_audit_revision_details.type                'Initial release' 
_pdbx_audit_revision_details.description         ? 
_pdbx_audit_revision_details.details             ? 
# 
loop_
_pdbx_audit_revision_group.ordinal 
_pdbx_audit_revision_group.revision_ordinal 
_pdbx_audit_revision_group.data_content_type 
_pdbx_audit_revision_group.group 
1 2 'Structure model' 'Version format compliance' 
2 3 'Structure model' 'Database references'       
3 4 'Structure model' 'Data collection'           
4 4 'Structure model' 'Database references'       
5 4 'Structure model' 'Derived calculations'      
# 
loop_
_pdbx_audit_revision_category.ordinal 
_pdbx_audit_revision_category.revision_ordinal 
_pdbx_audit_revision_category.data_content_type 
_pdbx_audit_revision_category.category 
1 4 'Structure model' chem_comp_atom               
2 4 'Structure model' chem_comp_bond               
3 4 'Structure model' database_2                   
4 4 'Structure model' pdbx_struct_conn_angle       
5 4 'Structure model' pdbx_struct_special_symmetry 
6 4 'Structure model' struct_conn                  
7 4 'Structure model' struct_ref_seq_dif           
8 4 'Structure model' struct_site                  
# 
loop_
_pdbx_audit_revision_item.ordinal 
_pdbx_audit_revision_item.revision_ordinal 
_pdbx_audit_revision_item.data_content_type 
_pdbx_audit_revision_item.item 
1  4 'Structure model' '_database_2.pdbx_DOI'                        
2  4 'Structure model' '_database_2.pdbx_database_accession'         
3  4 'Structure model' '_pdbx_struct_conn_angle.ptnr1_auth_seq_id'   
4  4 'Structure model' '_pdbx_struct_conn_angle.ptnr2_auth_seq_id'   
5  4 'Structure model' '_pdbx_struct_conn_angle.ptnr2_label_asym_id' 
6  4 'Structure model' '_pdbx_struct_conn_angle.ptnr3_auth_comp_id'  
7  4 'Structure model' '_pdbx_struct_conn_angle.ptnr3_auth_seq_id'   
8  4 'Structure model' '_pdbx_struct_conn_angle.ptnr3_label_asym_id' 
9  4 'Structure model' '_pdbx_struct_conn_angle.ptnr3_label_atom_id' 
10 4 'Structure model' '_pdbx_struct_conn_angle.ptnr3_label_comp_id' 
11 4 'Structure model' '_pdbx_struct_conn_angle.ptnr3_label_seq_id'  
12 4 'Structure model' '_pdbx_struct_conn_angle.value'               
13 4 'Structure model' '_struct_conn.pdbx_dist_value'                
14 4 'Structure model' '_struct_conn.ptnr1_auth_comp_id'             
15 4 'Structure model' '_struct_conn.ptnr1_auth_seq_id'              
16 4 'Structure model' '_struct_conn.ptnr1_label_asym_id'            
17 4 'Structure model' '_struct_conn.ptnr1_label_atom_id'            
18 4 'Structure model' '_struct_conn.ptnr1_label_comp_id'            
19 4 'Structure model' '_struct_conn.ptnr1_label_seq_id'             
20 4 'Structure model' '_struct_conn.ptnr2_auth_comp_id'             
21 4 'Structure model' '_struct_conn.ptnr2_auth_seq_id'              
22 4 'Structure model' '_struct_conn.ptnr2_label_asym_id'            
23 4 'Structure model' '_struct_conn.ptnr2_label_atom_id'            
24 4 'Structure model' '_struct_conn.ptnr2_label_comp_id'            
25 4 'Structure model' '_struct_conn.ptnr2_label_seq_id'             
26 4 'Structure model' '_struct_ref_seq_dif.details'                 
27 4 'Structure model' '_struct_site.pdbx_auth_asym_id'              
28 4 'Structure model' '_struct_site.pdbx_auth_comp_id'              
29 4 'Structure model' '_struct_site.pdbx_auth_seq_id'               
# 
_pdbx_database_status.status_code                     REL 
_pdbx_database_status.entry_id                        3R68 
_pdbx_database_status.recvd_initial_deposition_date   2011-03-21 
_pdbx_database_status.deposit_site                    RCSB 
_pdbx_database_status.process_site                    RCSB 
_pdbx_database_status.status_code_sf                  REL 
_pdbx_database_status.status_code_mr                  ? 
_pdbx_database_status.SG_entry                        ? 
_pdbx_database_status.status_code_cs                  ? 
_pdbx_database_status.pdb_format_compatible           Y 
_pdbx_database_status.status_code_nmr_data            ? 
_pdbx_database_status.methods_development_category    ? 
# 
loop_
_pdbx_database_related.db_name 
_pdbx_database_related.db_id 
_pdbx_database_related.details 
_pdbx_database_related.content_type 
PDB 3R69 'Structure of PDZK1 PDZ3 bound to the HDL-receptor SR-BI domain' unspecified 
PDB 2D90 'Structure of the same protein solved by NMR spectroscopy'       unspecified 
# 
loop_
_audit_author.name 
_audit_author.pdbx_ordinal 
'Kocher, O.'  1 
'Birrane, G.' 2 
'Krieger, M.' 3 
# 
_citation.id                        primary 
_citation.title                     
;Identification of the PDZ3 Domain of the Adaptor Protein PDZK1 as a Second, Physiologically Functional Binding Site for the C Terminus of the High Density Lipoprotein Receptor Scavenger Receptor Class B Type I.
;
_citation.journal_abbrev            J.Biol.Chem. 
_citation.journal_volume            286 
_citation.page_first                25171 
_citation.page_last                 25186 
_citation.year                      2011 
_citation.journal_id_ASTM           JBCHA3 
_citation.country                   US 
_citation.journal_id_ISSN           0021-9258 
_citation.journal_id_CSD            0071 
_citation.book_publisher            ? 
_citation.pdbx_database_id_PubMed   21602281 
_citation.pdbx_database_id_DOI      10.1074/jbc.M111.242362 
# 
loop_
_citation_author.citation_id 
_citation_author.name 
_citation_author.ordinal 
_citation_author.identifier_ORCID 
primary 'Kocher, O.'     1 ? 
primary 'Birrane, G.'    2 ? 
primary 'Yesilaltay, A.' 3 ? 
primary 'Shechter, S.'   4 ? 
primary 'Pal, R.'        5 ? 
primary 'Daniels, K.'    6 ? 
primary 'Krieger, M.'    7 ? 
# 
loop_
_entity.id 
_entity.type 
_entity.src_method 
_entity.pdbx_description 
_entity.formula_weight 
_entity.pdbx_number_of_molecules 
_entity.pdbx_ec 
_entity.pdbx_mutation 
_entity.pdbx_fragment 
_entity.details 
1 polymer     man 'Na(+)/H(+) exchange regulatory cofactor NHE-RF3' 10241.570 1   ? ? 'PDZ3 (UNP Residues 237-323)' ? 
2 non-polymer syn 'ACETATE ION'                                     59.044    2   ? ? ?                             ? 
3 non-polymer syn 1,2-ETHANEDIOL                                    62.068    1   ? ? ?                             ? 
4 non-polymer syn 'ZINC ION'                                        65.409    4   ? ? ?                             ? 
5 non-polymer syn 'CHLORIDE ION'                                    35.453    5   ? ? ?                             ? 
6 non-polymer syn 'CALCIUM ION'                                     40.078    2   ? ? ?                             ? 
7 water       nat water                                             18.015    116 ? ? ?                             ? 
# 
_entity_name_com.entity_id   1 
_entity_name_com.name        
;NHERF-3, CFTR-associated protein of 70 kDa, Na(+)/H(+) exchanger regulatory factor 3, Na/Pi cotransporter C-terminal-associated protein 1, NaPi-Cap1, PDZ domain-containing protein 1, Sodium-hydrogen exchanger regulatory factor 3
;
# 
_entity_poly.entity_id                      1 
_entity_poly.type                           'polypeptide(L)' 
_entity_poly.nstd_linkage                   no 
_entity_poly.nstd_monomer                   no 
_entity_poly.pdbx_seq_one_letter_code       
;GSPHQPRVVVIKKGSNGYGFYLRAGPEQKGQIIKDIEPGSPAEAAGLKNNDLVVAVNGKSVEALDHDGVVEMIRKGGDQT
TLLVLDKELERPHRD
;
_entity_poly.pdbx_seq_one_letter_code_can   
;GSPHQPRVVVIKKGSNGYGFYLRAGPEQKGQIIKDIEPGSPAEAAGLKNNDLVVAVNGKSVEALDHDGVVEMIRKGGDQT
TLLVLDKELERPHRD
;
_entity_poly.pdbx_strand_id                 A 
_entity_poly.pdbx_target_identifier         ? 
# 
loop_
_pdbx_entity_nonpoly.entity_id 
_pdbx_entity_nonpoly.name 
_pdbx_entity_nonpoly.comp_id 
2 'ACETATE ION'  ACT 
3 1,2-ETHANEDIOL EDO 
4 'ZINC ION'     ZN  
5 'CHLORIDE ION' CL  
6 'CALCIUM ION'  CA  
7 water          HOH 
# 
loop_
_entity_poly_seq.entity_id 
_entity_poly_seq.num 
_entity_poly_seq.mon_id 
_entity_poly_seq.hetero 
1 1  GLY n 
1 2  SER n 
1 3  PRO n 
1 4  HIS n 
1 5  GLN n 
1 6  PRO n 
1 7  ARG n 
1 8  VAL n 
1 9  VAL n 
1 10 VAL n 
1 11 ILE n 
1 12 LYS n 
1 13 LYS n 
1 14 GLY n 
1 15 SER n 
1 16 ASN n 
1 17 GLY n 
1 18 TYR n 
1 19 GLY n 
1 20 PHE n 
1 21 TYR n 
1 22 LEU n 
1 23 ARG n 
1 24 ALA n 
1 25 GLY n 
1 26 PRO n 
1 27 GLU n 
1 28 GLN n 
1 29 LYS n 
1 30 GLY n 
1 31 GLN n 
1 32 ILE n 
1 33 ILE n 
1 34 LYS n 
1 35 ASP n 
1 36 ILE n 
1 37 GLU n 
1 38 PRO n 
1 39 GLY n 
1 40 SER n 
1 41 PRO n 
1 42 ALA n 
1 43 GLU n 
1 44 ALA n 
1 45 ALA n 
1 46 GLY n 
1 47 LEU n 
1 48 LYS n 
1 49 ASN n 
1 50 ASN n 
1 51 ASP n 
1 52 LEU n 
1 53 VAL n 
1 54 VAL n 
1 55 ALA n 
1 56 VAL n 
1 57 ASN n 
1 58 GLY n 
1 59 LYS n 
1 60 SER n 
1 61 VAL n 
1 62 GLU n 
1 63 ALA n 
1 64 LEU n 
1 65 ASP n 
1 66 HIS n 
1 67 ASP n 
1 68 GLY n 
1 69 VAL n 
1 70 VAL n 
1 71 GLU n 
1 72 MET n 
1 73 ILE n 
1 74 ARG n 
1 75 LYS n 
1 76 GLY n 
1 77 GLY n 
1 78 ASP n 
1 79 GLN n 
1 80 THR n 
1 81 THR n 
1 82 LEU n 
1 83 LEU n 
1 84 VAL n 
1 85 LEU n 
1 86 ASP n 
1 87 LYS n 
1 88 GLU n 
1 89 LEU n 
1 90 GLU n 
1 91 ARG n 
1 92 PRO n 
1 93 HIS n 
1 94 ARG n 
1 95 ASP n 
# 
_entity_src_gen.entity_id                          1 
_entity_src_gen.pdbx_src_id                        1 
_entity_src_gen.pdbx_alt_source_flag               sample 
_entity_src_gen.pdbx_seq_type                      ? 
_entity_src_gen.pdbx_beg_seq_num                   ? 
_entity_src_gen.pdbx_end_seq_num                   ? 
_entity_src_gen.gene_src_common_name               mouse 
_entity_src_gen.gene_src_genus                     ? 
_entity_src_gen.pdbx_gene_src_gene                 'Cap70, Nherf3, Pdzk1' 
_entity_src_gen.gene_src_species                   ? 
_entity_src_gen.gene_src_strain                    ? 
_entity_src_gen.gene_src_tissue                    ? 
_entity_src_gen.gene_src_tissue_fraction           ? 
_entity_src_gen.gene_src_details                   ? 
_entity_src_gen.pdbx_gene_src_fragment             ? 
_entity_src_gen.pdbx_gene_src_scientific_name      'Mus musculus' 
_entity_src_gen.pdbx_gene_src_ncbi_taxonomy_id     10090 
_entity_src_gen.pdbx_gene_src_variant              ? 
_entity_src_gen.pdbx_gene_src_cell_line            ? 
_entity_src_gen.pdbx_gene_src_atcc                 ? 
_entity_src_gen.pdbx_gene_src_organ                ? 
_entity_src_gen.pdbx_gene_src_organelle            ? 
_entity_src_gen.pdbx_gene_src_cell                 ? 
_entity_src_gen.pdbx_gene_src_cellular_location    ? 
_entity_src_gen.host_org_common_name               ? 
_entity_src_gen.pdbx_host_org_scientific_name      'Escherichia coli' 
_entity_src_gen.pdbx_host_org_ncbi_taxonomy_id     562 
_entity_src_gen.host_org_genus                     ? 
_entity_src_gen.pdbx_host_org_gene                 ? 
_entity_src_gen.pdbx_host_org_organ                ? 
_entity_src_gen.host_org_species                   ? 
_entity_src_gen.pdbx_host_org_tissue               ? 
_entity_src_gen.pdbx_host_org_tissue_fraction      ? 
_entity_src_gen.pdbx_host_org_strain               JM109 
_entity_src_gen.pdbx_host_org_variant              ? 
_entity_src_gen.pdbx_host_org_cell_line            ? 
_entity_src_gen.pdbx_host_org_atcc                 ? 
_entity_src_gen.pdbx_host_org_culture_collection   ? 
_entity_src_gen.pdbx_host_org_cell                 ? 
_entity_src_gen.pdbx_host_org_organelle            ? 
_entity_src_gen.pdbx_host_org_cellular_location    ? 
_entity_src_gen.pdbx_host_org_vector_type          Plasmid 
_entity_src_gen.pdbx_host_org_vector               ? 
_entity_src_gen.host_org_details                   ? 
_entity_src_gen.expression_system_id               ? 
_entity_src_gen.plasmid_name                       pGEX-4T-3 
_entity_src_gen.plasmid_details                    ? 
_entity_src_gen.pdbx_description                   ? 
# 
loop_
_chem_comp.id 
_chem_comp.type 
_chem_comp.mon_nstd_flag 
_chem_comp.name 
_chem_comp.pdbx_synonyms 
_chem_comp.formula 
_chem_comp.formula_weight 
ACT non-polymer         . 'ACETATE ION'   ?                 'C2 H3 O2 -1'    59.044  
ALA 'L-peptide linking' y ALANINE         ?                 'C3 H7 N O2'     89.093  
ARG 'L-peptide linking' y ARGININE        ?                 'C6 H15 N4 O2 1' 175.209 
ASN 'L-peptide linking' y ASPARAGINE      ?                 'C4 H8 N2 O3'    132.118 
ASP 'L-peptide linking' y 'ASPARTIC ACID' ?                 'C4 H7 N O4'     133.103 
CA  non-polymer         . 'CALCIUM ION'   ?                 'Ca 2'           40.078  
CL  non-polymer         . 'CHLORIDE ION'  ?                 'Cl -1'          35.453  
EDO non-polymer         . 1,2-ETHANEDIOL  'ETHYLENE GLYCOL' 'C2 H6 O2'       62.068  
GLN 'L-peptide linking' y GLUTAMINE       ?                 'C5 H10 N2 O3'   146.144 
GLU 'L-peptide linking' y 'GLUTAMIC ACID' ?                 'C5 H9 N O4'     147.129 
GLY 'peptide linking'   y GLYCINE         ?                 'C2 H5 N O2'     75.067  
HIS 'L-peptide linking' y HISTIDINE       ?                 'C6 H10 N3 O2 1' 156.162 
HOH non-polymer         . WATER           ?                 'H2 O'           18.015  
ILE 'L-peptide linking' y ISOLEUCINE      ?                 'C6 H13 N O2'    131.173 
LEU 'L-peptide linking' y LEUCINE         ?                 'C6 H13 N O2'    131.173 
LYS 'L-peptide linking' y LYSINE          ?                 'C6 H15 N2 O2 1' 147.195 
MET 'L-peptide linking' y METHIONINE      ?                 'C5 H11 N O2 S'  149.211 
PHE 'L-peptide linking' y PHENYLALANINE   ?                 'C9 H11 N O2'    165.189 
PRO 'L-peptide linking' y PROLINE         ?                 'C5 H9 N O2'     115.130 
SER 'L-peptide linking' y SERINE          ?                 'C3 H7 N O3'     105.093 
THR 'L-peptide linking' y THREONINE       ?                 'C4 H9 N O3'     119.119 
TYR 'L-peptide linking' y TYROSINE        ?                 'C9 H11 N O3'    181.189 
VAL 'L-peptide linking' y VALINE          ?                 'C5 H11 N O2'    117.146 
ZN  non-polymer         . 'ZINC ION'      ?                 'Zn 2'           65.409  
# 
loop_
_pdbx_poly_seq_scheme.asym_id 
_pdbx_poly_seq_scheme.entity_id 
_pdbx_poly_seq_scheme.seq_id 
_pdbx_poly_seq_scheme.mon_id 
_pdbx_poly_seq_scheme.ndb_seq_num 
_pdbx_poly_seq_scheme.pdb_seq_num 
_pdbx_poly_seq_scheme.auth_seq_num 
_pdbx_poly_seq_scheme.pdb_mon_id 
_pdbx_poly_seq_scheme.auth_mon_id 
_pdbx_poly_seq_scheme.pdb_strand_id 
_pdbx_poly_seq_scheme.pdb_ins_code 
_pdbx_poly_seq_scheme.hetero 
A 1 1  GLY 1  236 ?   ?   ?   A . n 
A 1 2  SER 2  237 237 SER SER A . n 
A 1 3  PRO 3  238 238 PRO PRO A . n 
A 1 4  HIS 4  239 239 HIS HIS A . n 
A 1 5  GLN 5  240 240 GLN GLN A . n 
A 1 6  PRO 6  241 241 PRO PRO A . n 
A 1 7  ARG 7  242 242 ARG ARG A . n 
A 1 8  VAL 8  243 243 VAL VAL A . n 
A 1 9  VAL 9  244 244 VAL VAL A . n 
A 1 10 VAL 10 245 245 VAL VAL A . n 
A 1 11 ILE 11 246 246 ILE ILE A . n 
A 1 12 LYS 12 247 247 LYS LYS A . n 
A 1 13 LYS 13 248 248 LYS LYS A . n 
A 1 14 GLY 14 249 249 GLY GLY A . n 
A 1 15 SER 15 250 250 SER SER A . n 
A 1 16 ASN 16 251 251 ASN ASN A . n 
A 1 17 GLY 17 252 252 GLY GLY A . n 
A 1 18 TYR 18 253 253 TYR TYR A . n 
A 1 19 GLY 19 254 254 GLY GLY A . n 
A 1 20 PHE 20 255 255 PHE PHE A . n 
A 1 21 TYR 21 256 256 TYR TYR A . n 
A 1 22 LEU 22 257 257 LEU LEU A . n 
A 1 23 ARG 23 258 258 ARG ARG A . n 
A 1 24 ALA 24 259 259 ALA ALA A . n 
A 1 25 GLY 25 260 260 GLY GLY A . n 
A 1 26 PRO 26 261 ?   ?   ?   A . n 
A 1 27 GLU 27 262 ?   ?   ?   A . n 
A 1 28 GLN 28 263 263 GLN GLN A . n 
A 1 29 LYS 29 264 264 LYS LYS A . n 
A 1 30 GLY 30 265 265 GLY GLY A . n 
A 1 31 GLN 31 266 266 GLN GLN A . n 
A 1 32 ILE 32 267 267 ILE ILE A . n 
A 1 33 ILE 33 268 268 ILE ILE A . n 
A 1 34 LYS 34 269 269 LYS LYS A . n 
A 1 35 ASP 35 270 270 ASP ASP A . n 
A 1 36 ILE 36 271 271 ILE ILE A . n 
A 1 37 GLU 37 272 272 GLU GLU A . n 
A 1 38 PRO 38 273 273 PRO PRO A . n 
A 1 39 GLY 39 274 274 GLY GLY A . n 
A 1 40 SER 40 275 275 SER SER A . n 
A 1 41 PRO 41 276 276 PRO PRO A . n 
A 1 42 ALA 42 277 277 ALA ALA A . n 
A 1 43 GLU 43 278 278 GLU GLU A . n 
A 1 44 ALA 44 279 279 ALA ALA A . n 
A 1 45 ALA 45 280 280 ALA ALA A . n 
A 1 46 GLY 46 281 281 GLY GLY A . n 
A 1 47 LEU 47 282 282 LEU LEU A . n 
A 1 48 LYS 48 283 283 LYS LYS A . n 
A 1 49 ASN 49 284 284 ASN ASN A . n 
A 1 50 ASN 50 285 285 ASN ASN A . n 
A 1 51 ASP 51 286 286 ASP ASP A . n 
A 1 52 LEU 52 287 287 LEU LEU A . n 
A 1 53 VAL 53 288 288 VAL VAL A . n 
A 1 54 VAL 54 289 289 VAL VAL A . n 
A 1 55 ALA 55 290 290 ALA ALA A . n 
A 1 56 VAL 56 291 291 VAL VAL A . n 
A 1 57 ASN 57 292 292 ASN ASN A . n 
A 1 58 GLY 58 293 293 GLY GLY A . n 
A 1 59 LYS 59 294 294 LYS LYS A . n 
A 1 60 SER 60 295 295 SER SER A . n 
A 1 61 VAL 61 296 296 VAL VAL A . n 
A 1 62 GLU 62 297 297 GLU GLU A . n 
A 1 63 ALA 63 298 298 ALA ALA A . n 
A 1 64 LEU 64 299 299 LEU LEU A . n 
A 1 65 ASP 65 300 300 ASP ASP A . n 
A 1 66 HIS 66 301 301 HIS HIS A . n 
A 1 67 ASP 67 302 302 ASP ASP A . n 
A 1 68 GLY 68 303 303 GLY GLY A . n 
A 1 69 VAL 69 304 304 VAL VAL A . n 
A 1 70 VAL 70 305 305 VAL VAL A . n 
A 1 71 GLU 71 306 306 GLU GLU A . n 
A 1 72 MET 72 307 307 MET MET A . n 
A 1 73 ILE 73 308 308 ILE ILE A . n 
A 1 74 ARG 74 309 309 ARG ARG A . n 
A 1 75 LYS 75 310 310 LYS LYS A . n 
A 1 76 GLY 76 311 311 GLY GLY A . n 
A 1 77 GLY 77 312 312 GLY GLY A . n 
A 1 78 ASP 78 313 313 ASP ASP A . n 
A 1 79 GLN 79 314 314 GLN GLN A . n 
A 1 80 THR 80 315 315 THR THR A . n 
A 1 81 THR 81 316 316 THR THR A . n 
A 1 82 LEU 82 317 317 LEU LEU A . n 
A 1 83 LEU 83 318 318 LEU LEU A . n 
A 1 84 VAL 84 319 319 VAL VAL A . n 
A 1 85 LEU 85 320 320 LEU LEU A . n 
A 1 86 ASP 86 321 321 ASP ASP A . n 
A 1 87 LYS 87 322 322 LYS LYS A . n 
A 1 88 GLU 88 323 323 GLU GLU A . n 
A 1 89 LEU 89 324 ?   ?   ?   A . n 
A 1 90 GLU 90 325 ?   ?   ?   A . n 
A 1 91 ARG 91 326 ?   ?   ?   A . n 
A 1 92 PRO 92 327 ?   ?   ?   A . n 
A 1 93 HIS 93 328 ?   ?   ?   A . n 
A 1 94 ARG 94 329 ?   ?   ?   A . n 
A 1 95 ASP 95 330 ?   ?   ?   A . n 
# 
loop_
_pdbx_nonpoly_scheme.asym_id 
_pdbx_nonpoly_scheme.entity_id 
_pdbx_nonpoly_scheme.mon_id 
_pdbx_nonpoly_scheme.ndb_seq_num 
_pdbx_nonpoly_scheme.pdb_seq_num 
_pdbx_nonpoly_scheme.auth_seq_num 
_pdbx_nonpoly_scheme.pdb_mon_id 
_pdbx_nonpoly_scheme.auth_mon_id 
_pdbx_nonpoly_scheme.pdb_strand_id 
_pdbx_nonpoly_scheme.pdb_ins_code 
B 2 ACT 1   1   1   ACT ACT A . 
C 2 ACT 1   2   2   ACT ACT A . 
D 3 EDO 1   3   3   EDO EDO A . 
E 4 ZN  1   4   4   ZN  ZN  A . 
F 4 ZN  1   5   5   ZN  ZN  A . 
G 4 ZN  1   6   6   ZN  ZN  A . 
H 4 ZN  1   7   7   ZN  ZN  A . 
I 5 CL  1   8   8   CL  CL  A . 
J 5 CL  1   9   9   CL  CL  A . 
K 5 CL  1   10  10  CL  CL  A . 
L 5 CL  1   11  11  CL  CL  A . 
M 6 CA  1   12  12  CA  CA  A . 
N 5 CL  1   13  13  CL  CL  A . 
O 6 CA  1   14  14  CA  CA  A . 
P 7 HOH 1   15  15  HOH HOH A . 
P 7 HOH 2   16  16  HOH HOH A . 
P 7 HOH 3   17  17  HOH HOH A . 
P 7 HOH 4   18  18  HOH HOH A . 
P 7 HOH 5   20  20  HOH HOH A . 
P 7 HOH 6   21  21  HOH HOH A . 
P 7 HOH 7   22  22  HOH HOH A . 
P 7 HOH 8   23  23  HOH HOH A . 
P 7 HOH 9   24  24  HOH HOH A . 
P 7 HOH 10  29  29  HOH HOH A . 
P 7 HOH 11  34  34  HOH HOH A . 
P 7 HOH 12  40  40  HOH HOH A . 
P 7 HOH 13  49  49  HOH HOH A . 
P 7 HOH 14  50  50  HOH HOH A . 
P 7 HOH 15  52  52  HOH HOH A . 
P 7 HOH 16  54  54  HOH HOH A . 
P 7 HOH 17  55  55  HOH HOH A . 
P 7 HOH 18  56  56  HOH HOH A . 
P 7 HOH 19  60  60  HOH HOH A . 
P 7 HOH 20  61  61  HOH HOH A . 
P 7 HOH 21  63  63  HOH HOH A . 
P 7 HOH 22  64  64  HOH HOH A . 
P 7 HOH 23  65  65  HOH HOH A . 
P 7 HOH 24  66  66  HOH HOH A . 
P 7 HOH 25  67  67  HOH HOH A . 
P 7 HOH 26  68  68  HOH HOH A . 
P 7 HOH 27  69  69  HOH HOH A . 
P 7 HOH 28  70  70  HOH HOH A . 
P 7 HOH 29  71  71  HOH HOH A . 
P 7 HOH 30  72  72  HOH HOH A . 
P 7 HOH 31  73  73  HOH HOH A . 
P 7 HOH 32  74  74  HOH HOH A . 
P 7 HOH 33  75  75  HOH HOH A . 
P 7 HOH 34  76  76  HOH HOH A . 
P 7 HOH 35  77  77  HOH HOH A . 
P 7 HOH 36  78  78  HOH HOH A . 
P 7 HOH 37  80  80  HOH HOH A . 
P 7 HOH 38  82  82  HOH HOH A . 
P 7 HOH 39  84  84  HOH HOH A . 
P 7 HOH 40  85  85  HOH HOH A . 
P 7 HOH 41  86  86  HOH HOH A . 
P 7 HOH 42  87  87  HOH HOH A . 
P 7 HOH 43  89  89  HOH HOH A . 
P 7 HOH 44  90  90  HOH HOH A . 
P 7 HOH 45  91  91  HOH HOH A . 
P 7 HOH 46  92  92  HOH HOH A . 
P 7 HOH 47  93  93  HOH HOH A . 
P 7 HOH 48  94  94  HOH HOH A . 
P 7 HOH 49  95  95  HOH HOH A . 
P 7 HOH 50  96  96  HOH HOH A . 
P 7 HOH 51  97  97  HOH HOH A . 
P 7 HOH 52  98  98  HOH HOH A . 
P 7 HOH 53  99  99  HOH HOH A . 
P 7 HOH 54  100 100 HOH HOH A . 
P 7 HOH 55  101 101 HOH HOH A . 
P 7 HOH 56  107 107 HOH HOH A . 
P 7 HOH 57  108 108 HOH HOH A . 
P 7 HOH 58  109 109 HOH HOH A . 
P 7 HOH 59  110 110 HOH HOH A . 
P 7 HOH 60  111 111 HOH HOH A . 
P 7 HOH 61  112 112 HOH HOH A . 
P 7 HOH 62  113 113 HOH HOH A . 
P 7 HOH 63  114 114 HOH HOH A . 
P 7 HOH 64  115 115 HOH HOH A . 
P 7 HOH 65  116 116 HOH HOH A . 
P 7 HOH 66  117 117 HOH HOH A . 
P 7 HOH 67  118 118 HOH HOH A . 
P 7 HOH 68  120 120 HOH HOH A . 
P 7 HOH 69  121 121 HOH HOH A . 
P 7 HOH 70  122 122 HOH HOH A . 
P 7 HOH 71  123 123 HOH HOH A . 
P 7 HOH 72  124 124 HOH HOH A . 
P 7 HOH 73  125 125 HOH HOH A . 
P 7 HOH 74  126 126 HOH HOH A . 
P 7 HOH 75  127 127 HOH HOH A . 
P 7 HOH 76  130 130 HOH HOH A . 
P 7 HOH 77  132 132 HOH HOH A . 
P 7 HOH 78  133 133 HOH HOH A . 
P 7 HOH 79  134 134 HOH HOH A . 
P 7 HOH 80  135 135 HOH HOH A . 
P 7 HOH 81  136 136 HOH HOH A . 
P 7 HOH 82  137 137 HOH HOH A . 
P 7 HOH 83  138 138 HOH HOH A . 
P 7 HOH 84  139 139 HOH HOH A . 
P 7 HOH 85  140 140 HOH HOH A . 
P 7 HOH 86  141 141 HOH HOH A . 
P 7 HOH 87  142 142 HOH HOH A . 
P 7 HOH 88  145 145 HOH HOH A . 
P 7 HOH 89  146 146 HOH HOH A . 
P 7 HOH 90  147 147 HOH HOH A . 
P 7 HOH 91  148 148 HOH HOH A . 
P 7 HOH 92  149 149 HOH HOH A . 
P 7 HOH 93  150 150 HOH HOH A . 
P 7 HOH 94  151 151 HOH HOH A . 
P 7 HOH 95  152 152 HOH HOH A . 
P 7 HOH 96  153 153 HOH HOH A . 
P 7 HOH 97  154 154 HOH HOH A . 
P 7 HOH 98  155 155 HOH HOH A . 
P 7 HOH 99  156 156 HOH HOH A . 
P 7 HOH 100 157 157 HOH HOH A . 
P 7 HOH 101 158 158 HOH HOH A . 
P 7 HOH 102 159 159 HOH HOH A . 
P 7 HOH 103 160 160 HOH HOH A . 
P 7 HOH 104 331 1   HOH HOH A . 
P 7 HOH 105 332 2   HOH HOH A . 
P 7 HOH 106 333 3   HOH HOH A . 
P 7 HOH 107 334 4   HOH HOH A . 
P 7 HOH 108 335 6   HOH HOH A . 
P 7 HOH 109 336 7   HOH HOH A . 
P 7 HOH 110 337 8   HOH HOH A . 
P 7 HOH 111 338 9   HOH HOH A . 
P 7 HOH 112 339 10  HOH HOH A . 
P 7 HOH 113 340 11  HOH HOH A . 
P 7 HOH 114 341 12  HOH HOH A . 
P 7 HOH 115 342 13  HOH HOH A . 
P 7 HOH 116 343 14  HOH HOH A . 
# 
loop_
_pdbx_unobs_or_zero_occ_atoms.id 
_pdbx_unobs_or_zero_occ_atoms.PDB_model_num 
_pdbx_unobs_or_zero_occ_atoms.polymer_flag 
_pdbx_unobs_or_zero_occ_atoms.occupancy_flag 
_pdbx_unobs_or_zero_occ_atoms.auth_asym_id 
_pdbx_unobs_or_zero_occ_atoms.auth_comp_id 
_pdbx_unobs_or_zero_occ_atoms.auth_seq_id 
_pdbx_unobs_or_zero_occ_atoms.PDB_ins_code 
_pdbx_unobs_or_zero_occ_atoms.auth_atom_id 
_pdbx_unobs_or_zero_occ_atoms.label_alt_id 
_pdbx_unobs_or_zero_occ_atoms.label_asym_id 
_pdbx_unobs_or_zero_occ_atoms.label_comp_id 
_pdbx_unobs_or_zero_occ_atoms.label_seq_id 
_pdbx_unobs_or_zero_occ_atoms.label_atom_id 
1 1 Y 1 A LYS 264 ? CD ? A LYS 29 CD 
2 1 Y 1 A LYS 264 ? CE ? A LYS 29 CE 
3 1 Y 1 A LYS 264 ? NZ ? A LYS 29 NZ 
# 
loop_
_software.name 
_software.classification 
_software.version 
_software.citation_id 
_software.pdbx_ordinal 
CBASS    'data collection' .        ? 1 
SHELXS   phasing           .        ? 2 
REFMAC   refinement        5.5.0109 ? 3 
HKL-2000 'data reduction'  .        ? 4 
HKL-2000 'data scaling'    .        ? 5 
# 
_cell.entry_id           3R68 
_cell.length_a           69.910 
_cell.length_b           69.910 
_cell.length_c           37.659 
_cell.angle_alpha        90.00 
_cell.angle_beta         90.00 
_cell.angle_gamma        90.00 
_cell.Z_PDB              8 
_cell.pdbx_unique_axis   ? 
_cell.length_a_esd       ? 
_cell.length_b_esd       ? 
_cell.length_c_esd       ? 
_cell.angle_alpha_esd    ? 
_cell.angle_beta_esd     ? 
_cell.angle_gamma_esd    ? 
# 
_symmetry.entry_id                         3R68 
_symmetry.space_group_name_H-M             'P 43 21 2' 
_symmetry.pdbx_full_space_group_name_H-M   ? 
_symmetry.cell_setting                     ? 
_symmetry.Int_Tables_number                96 
_symmetry.space_group_name_Hall            ? 
# 
_exptl.entry_id          3R68 
_exptl.method            'X-RAY DIFFRACTION' 
_exptl.crystals_number   1 
# 
_exptl_crystal.id                    1 
_exptl_crystal.density_meas          ? 
_exptl_crystal.density_Matthews      2.25 
_exptl_crystal.density_percent_sol   45.25 
_exptl_crystal.description           ? 
_exptl_crystal.F_000                 ? 
_exptl_crystal.preparation           ? 
# 
_exptl_crystal_grow.crystal_id      1 
_exptl_crystal_grow.method          'VAPOR DIFFUSION, SITTING DROP' 
_exptl_crystal_grow.temp            291 
_exptl_crystal_grow.temp_details    ? 
_exptl_crystal_grow.pH              6.2 
_exptl_crystal_grow.pdbx_details    
;0.2M Zinc acetate, 0.1M sodium cacodylate, pH 6.2, 15% (W/V) PEG 3350, 10% ethylene glycol, VAPOR DIFFUSION, SITTING DROP, temperature 291K
;
_exptl_crystal_grow.pdbx_pH_range   ? 
# 
_diffrn.id                     1 
_diffrn.ambient_temp           100 
_diffrn.ambient_temp_details   ? 
_diffrn.crystal_id             1 
# 
_diffrn_detector.diffrn_id              1 
_diffrn_detector.detector               CCD 
_diffrn_detector.type                   'ADSC QUANTUM 210' 
_diffrn_detector.pdbx_collection_date   2010-01-21 
_diffrn_detector.details                mirrors 
# 
_diffrn_radiation.diffrn_id                        1 
_diffrn_radiation.wavelength_id                    1 
_diffrn_radiation.pdbx_monochromatic_or_laue_m_l   M 
_diffrn_radiation.monochromator                    'Si(111) Channel' 
_diffrn_radiation.pdbx_diffrn_protocol             'SINGLE WAVELENGTH' 
_diffrn_radiation.pdbx_scattering_type             x-ray 
# 
_diffrn_radiation_wavelength.id           1 
_diffrn_radiation_wavelength.wavelength   1.075 
_diffrn_radiation_wavelength.wt           1.0 
# 
_diffrn_source.diffrn_id                   1 
_diffrn_source.source                      SYNCHROTRON 
_diffrn_source.type                        'NSLS BEAMLINE X12C' 
_diffrn_source.pdbx_synchrotron_site       NSLS 
_diffrn_source.pdbx_synchrotron_beamline   X12C 
_diffrn_source.pdbx_wavelength             ? 
_diffrn_source.pdbx_wavelength_list        1.075 
# 
_reflns.entry_id                     3R68 
_reflns.observed_criterion_sigma_I   -3 
_reflns.observed_criterion_sigma_F   0 
_reflns.d_resolution_low             100 
_reflns.d_resolution_high            1.2 
_reflns.number_obs                   28919 
_reflns.number_all                   28919 
_reflns.percent_possible_obs         97 
_reflns.pdbx_Rmerge_I_obs            ? 
_reflns.pdbx_Rsym_value              ? 
_reflns.pdbx_netI_over_sigmaI        ? 
_reflns.B_iso_Wilson_estimate        ? 
_reflns.pdbx_redundancy              ? 
_reflns.R_free_details               ? 
_reflns.limit_h_max                  ? 
_reflns.limit_h_min                  ? 
_reflns.limit_k_max                  ? 
_reflns.limit_k_min                  ? 
_reflns.limit_l_max                  ? 
_reflns.limit_l_min                  ? 
_reflns.observed_criterion_F_max     ? 
_reflns.observed_criterion_F_min     ? 
_reflns.pdbx_chi_squared             ? 
_reflns.pdbx_scaling_rejects         ? 
_reflns.pdbx_ordinal                 1 
_reflns.pdbx_diffrn_id               1 
# 
_reflns_shell.d_res_high             1.20 
_reflns_shell.d_res_low              1.22 
_reflns_shell.percent_possible_all   69.7 
_reflns_shell.Rmerge_I_obs           ? 
_reflns_shell.pdbx_Rsym_value        0.069 
_reflns_shell.meanI_over_sigI_obs    ? 
_reflns_shell.pdbx_redundancy        ? 
_reflns_shell.percent_possible_obs   ? 
_reflns_shell.number_unique_all      ? 
_reflns_shell.number_measured_all    ? 
_reflns_shell.number_measured_obs    ? 
_reflns_shell.number_unique_obs      ? 
_reflns_shell.pdbx_chi_squared       ? 
_reflns_shell.pdbx_ordinal           1 
_reflns_shell.pdbx_diffrn_id         1 
# 
_refine.entry_id                                 3R68 
_refine.ls_number_reflns_obs                     22255 
_refine.ls_number_reflns_all                     22255 
_refine.pdbx_ls_sigma_I                          0 
_refine.pdbx_ls_sigma_F                          0 
_refine.pdbx_data_cutoff_high_absF               ? 
_refine.pdbx_data_cutoff_low_absF                ? 
_refine.pdbx_data_cutoff_high_rms_absF           ? 
_refine.ls_d_res_low                             33.15 
_refine.ls_d_res_high                            1.30 
_refine.ls_percent_reflns_obs                    99.57 
_refine.ls_R_factor_obs                          0.13192 
_refine.ls_R_factor_all                          0.13192 
_refine.ls_R_factor_R_work                       0.13071 
_refine.ls_R_factor_R_free                       0.15686 
_refine.ls_R_factor_R_free_error                 ? 
_refine.ls_R_factor_R_free_error_details         ? 
_refine.ls_percent_reflns_R_free                 5.0 
_refine.ls_number_reflns_R_free                  1162 
_refine.ls_number_parameters                     ? 
_refine.ls_number_restraints                     ? 
_refine.occupancy_min                            ? 
_refine.occupancy_max                            ? 
_refine.correlation_coeff_Fo_to_Fc               0.970 
_refine.correlation_coeff_Fo_to_Fc_free          0.964 
_refine.B_iso_mean                               12.561 
_refine.aniso_B[1][1]                            0.02 
_refine.aniso_B[2][2]                            0.02 
_refine.aniso_B[3][3]                            -0.05 
_refine.aniso_B[1][2]                            0.00 
_refine.aniso_B[1][3]                            0.00 
_refine.aniso_B[2][3]                            0.00 
_refine.solvent_model_details                    'BABINET MODEL WITH MASK' 
_refine.solvent_model_param_ksol                 ? 
_refine.solvent_model_param_bsol                 ? 
_refine.pdbx_solvent_vdw_probe_radii             1.40 
_refine.pdbx_solvent_ion_probe_radii             0.80 
_refine.pdbx_solvent_shrinkage_radii             0.80 
_refine.pdbx_ls_cross_valid_method               THROUGHOUT 
_refine.details                                  'HYDROGENS HAVE BEEN ADDED IN THE RIDING POSITIONS' 
_refine.pdbx_starting_model                      ? 
_refine.pdbx_method_to_determine_struct          SAD 
_refine.pdbx_isotropic_thermal_model             ? 
_refine.pdbx_stereochemistry_target_values       'MAXIMUM LIKELIHOOD' 
_refine.pdbx_stereochem_target_val_spec_case     ? 
_refine.pdbx_R_Free_selection_details            RANDOM 
_refine.pdbx_overall_ESU_R_Free                  0.040 
_refine.overall_SU_ML                            0.018 
_refine.overall_SU_B                             0.880 
_refine.overall_SU_R_Cruickshank_DPI             ? 
_refine.ls_redundancy_reflns_obs                 ? 
_refine.B_iso_min                                ? 
_refine.B_iso_max                                ? 
_refine.overall_SU_R_free                        ? 
_refine.ls_wR_factor_R_free                      ? 
_refine.ls_wR_factor_R_work                      ? 
_refine.overall_FOM_free_R_set                   ? 
_refine.overall_FOM_work_R_set                   ? 
_refine.pdbx_overall_phase_error                 ? 
_refine.pdbx_refine_id                           'X-RAY DIFFRACTION' 
_refine.pdbx_overall_ESU_R                       0.041 
_refine.pdbx_diffrn_id                           1 
_refine.pdbx_TLS_residual_ADP_flag               ? 
_refine.pdbx_overall_SU_R_free_Cruickshank_DPI   ? 
_refine.pdbx_overall_SU_R_Blow_DPI               ? 
_refine.pdbx_overall_SU_R_free_Blow_DPI          ? 
# 
_refine_hist.pdbx_refine_id                   'X-RAY DIFFRACTION' 
_refine_hist.cycle_id                         LAST 
_refine_hist.pdbx_number_atoms_protein        632 
_refine_hist.pdbx_number_atoms_nucleic_acid   0 
_refine_hist.pdbx_number_atoms_ligand         23 
_refine_hist.number_atoms_solvent             116 
_refine_hist.number_atoms_total               771 
_refine_hist.d_res_high                       1.30 
_refine_hist.d_res_low                        33.15 
# 
loop_
_refine_ls_restr.type 
_refine_ls_restr.dev_ideal 
_refine_ls_restr.dev_ideal_target 
_refine_ls_restr.weight 
_refine_ls_restr.number 
_refine_ls_restr.pdbx_restraint_function 
_refine_ls_restr.pdbx_refine_id 
r_bond_refined_d             0.014  0.022  ? 726  ? 'X-RAY DIFFRACTION' 
r_bond_other_d               0.001  0.020  ? 513  ? 'X-RAY DIFFRACTION' 
r_angle_refined_deg          1.607  1.992  ? 986  ? 'X-RAY DIFFRACTION' 
r_angle_other_deg            1.129  3.000  ? 1270 ? 'X-RAY DIFFRACTION' 
r_dihedral_angle_1_deg       6.105  5.000  ? 104  ? 'X-RAY DIFFRACTION' 
r_dihedral_angle_2_deg       37.181 24.848 ? 33   ? 'X-RAY DIFFRACTION' 
r_dihedral_angle_3_deg       13.797 15.000 ? 140  ? 'X-RAY DIFFRACTION' 
r_dihedral_angle_4_deg       9.880  15.000 ? 6    ? 'X-RAY DIFFRACTION' 
r_chiral_restr               0.090  0.200  ? 110  ? 'X-RAY DIFFRACTION' 
r_gen_planes_refined         0.007  0.021  ? 827  ? 'X-RAY DIFFRACTION' 
r_gen_planes_other           0.002  0.020  ? 131  ? 'X-RAY DIFFRACTION' 
r_nbd_refined                ?      ?      ? ?    ? 'X-RAY DIFFRACTION' 
r_nbd_other                  ?      ?      ? ?    ? 'X-RAY DIFFRACTION' 
r_nbtor_refined              ?      ?      ? ?    ? 'X-RAY DIFFRACTION' 
r_nbtor_other                ?      ?      ? ?    ? 'X-RAY DIFFRACTION' 
r_xyhbond_nbd_refined        ?      ?      ? ?    ? 'X-RAY DIFFRACTION' 
r_xyhbond_nbd_other          ?      ?      ? ?    ? 'X-RAY DIFFRACTION' 
r_metal_ion_refined          ?      ?      ? ?    ? 'X-RAY DIFFRACTION' 
r_metal_ion_other            ?      ?      ? ?    ? 'X-RAY DIFFRACTION' 
r_symmetry_vdw_refined       ?      ?      ? ?    ? 'X-RAY DIFFRACTION' 
r_symmetry_vdw_other         ?      ?      ? ?    ? 'X-RAY DIFFRACTION' 
r_symmetry_hbond_refined     ?      ?      ? ?    ? 'X-RAY DIFFRACTION' 
r_symmetry_hbond_other       ?      ?      ? ?    ? 'X-RAY DIFFRACTION' 
r_symmetry_metal_ion_refined ?      ?      ? ?    ? 'X-RAY DIFFRACTION' 
r_symmetry_metal_ion_other   ?      ?      ? ?    ? 'X-RAY DIFFRACTION' 
r_mcbond_it                  1.800  1.500  ? 458  ? 'X-RAY DIFFRACTION' 
r_mcbond_other               0.539  1.500  ? 188  ? 'X-RAY DIFFRACTION' 
r_mcangle_it                 2.646  2.000  ? 739  ? 'X-RAY DIFFRACTION' 
r_scbond_it                  3.383  3.000  ? 268  ? 'X-RAY DIFFRACTION' 
r_scangle_it                 5.247  4.500  ? 237  ? 'X-RAY DIFFRACTION' 
r_rigid_bond_restr           1.449  3.000  ? 1239 ? 'X-RAY DIFFRACTION' 
r_sphericity_free            ?      ?      ? ?    ? 'X-RAY DIFFRACTION' 
r_sphericity_bonded          ?      ?      ? ?    ? 'X-RAY DIFFRACTION' 
# 
_refine_ls_shell.pdbx_total_number_of_bins_used   20 
_refine_ls_shell.d_res_high                       1.300 
_refine_ls_shell.d_res_low                        1.334 
_refine_ls_shell.number_reflns_R_work             1592 
_refine_ls_shell.R_factor_R_work                  0.137 
_refine_ls_shell.percent_reflns_obs               99.76 
_refine_ls_shell.R_factor_R_free                  0.169 
_refine_ls_shell.R_factor_R_free_error            ? 
_refine_ls_shell.percent_reflns_R_free            ? 
_refine_ls_shell.number_reflns_R_free             86 
_refine_ls_shell.number_reflns_all                ? 
_refine_ls_shell.R_factor_all                     ? 
_refine_ls_shell.number_reflns_obs                ? 
_refine_ls_shell.redundancy_reflns_obs            ? 
_refine_ls_shell.pdbx_refine_id                   'X-RAY DIFFRACTION' 
# 
_struct.entry_id                  3R68 
_struct.title                     'Molecular Analysis of the PDZ3 domain of PDZK1' 
_struct.pdbx_model_details        ? 
_struct.pdbx_CASP_flag            ? 
_struct.pdbx_model_type_details   ? 
# 
_struct_keywords.entry_id        3R68 
_struct_keywords.pdbx_keywords   'SIGNALING PROTEIN' 
_struct_keywords.text            'PDZ domain, adaptor protein, SR-BI, SIGNALING PROTEIN' 
# 
loop_
_struct_asym.id 
_struct_asym.pdbx_blank_PDB_chainid_flag 
_struct_asym.pdbx_modified 
_struct_asym.entity_id 
_struct_asym.details 
A N N 1 ? 
B N N 2 ? 
C N N 2 ? 
D N N 3 ? 
E N N 4 ? 
F N N 4 ? 
G N N 4 ? 
H N N 4 ? 
I N N 5 ? 
J N N 5 ? 
K N N 5 ? 
L N N 5 ? 
M N N 6 ? 
N N N 5 ? 
O N N 6 ? 
P N N 7 ? 
# 
_struct_ref.id                         1 
_struct_ref.db_name                    UNP 
_struct_ref.db_code                    NHRF3_MOUSE 
_struct_ref.pdbx_db_accession          Q9JIL4 
_struct_ref.entity_id                  1 
_struct_ref.pdbx_seq_one_letter_code   
;PHQPRVVVIKKGSNGYGFYLRAGPEQKGQIIKDIEPGSPAEAAGLKNNDLVVAVNGKSVEALDHDGVVEMIRKGGDQTTL
LVLDKE
;
_struct_ref.pdbx_align_begin           238 
_struct_ref.pdbx_db_isoform            ? 
# 
_struct_ref_seq.align_id                      1 
_struct_ref_seq.ref_id                        1 
_struct_ref_seq.pdbx_PDB_id_code              3R68 
_struct_ref_seq.pdbx_strand_id                A 
_struct_ref_seq.seq_align_beg                 3 
_struct_ref_seq.pdbx_seq_align_beg_ins_code   ? 
_struct_ref_seq.seq_align_end                 88 
_struct_ref_seq.pdbx_seq_align_end_ins_code   ? 
_struct_ref_seq.pdbx_db_accession             Q9JIL4 
_struct_ref_seq.db_align_beg                  238 
_struct_ref_seq.pdbx_db_align_beg_ins_code    ? 
_struct_ref_seq.db_align_end                  323 
_struct_ref_seq.pdbx_db_align_end_ins_code    ? 
_struct_ref_seq.pdbx_auth_seq_align_beg       238 
_struct_ref_seq.pdbx_auth_seq_align_end       323 
# 
loop_
_struct_ref_seq_dif.align_id 
_struct_ref_seq_dif.pdbx_pdb_id_code 
_struct_ref_seq_dif.mon_id 
_struct_ref_seq_dif.pdbx_pdb_strand_id 
_struct_ref_seq_dif.seq_num 
_struct_ref_seq_dif.pdbx_pdb_ins_code 
_struct_ref_seq_dif.pdbx_seq_db_name 
_struct_ref_seq_dif.pdbx_seq_db_accession_code 
_struct_ref_seq_dif.db_mon_id 
_struct_ref_seq_dif.pdbx_seq_db_seq_num 
_struct_ref_seq_dif.details 
_struct_ref_seq_dif.pdbx_auth_seq_num 
_struct_ref_seq_dif.pdbx_ordinal 
1 3R68 GLY A 1  ? UNP Q9JIL4 ? ? 'expression tag' 236 1 
1 3R68 SER A 2  ? UNP Q9JIL4 ? ? 'expression tag' 237 2 
1 3R68 LEU A 89 ? UNP Q9JIL4 ? ? 'expression tag' 324 3 
1 3R68 GLU A 90 ? UNP Q9JIL4 ? ? 'expression tag' 325 4 
1 3R68 ARG A 91 ? UNP Q9JIL4 ? ? 'expression tag' 326 5 
1 3R68 PRO A 92 ? UNP Q9JIL4 ? ? 'expression tag' 327 6 
1 3R68 HIS A 93 ? UNP Q9JIL4 ? ? 'expression tag' 328 7 
1 3R68 ARG A 94 ? UNP Q9JIL4 ? ? 'expression tag' 329 8 
1 3R68 ASP A 95 ? UNP Q9JIL4 ? ? 'expression tag' 330 9 
# 
loop_
_pdbx_struct_assembly.id 
_pdbx_struct_assembly.details 
_pdbx_struct_assembly.method_details 
_pdbx_struct_assembly.oligomeric_details 
_pdbx_struct_assembly.oligomeric_count 
1 author_defined_assembly   ?    monomeric 1 
2 software_defined_assembly PISA dimeric   2 
# 
loop_
_pdbx_struct_assembly_prop.biol_id 
_pdbx_struct_assembly_prop.type 
_pdbx_struct_assembly_prop.value 
_pdbx_struct_assembly_prop.details 
2 'ABSA (A^2)' 4870 ? 
2 MORE         -412 ? 
2 'SSA (A^2)'  8750 ? 
# 
loop_
_pdbx_struct_assembly_gen.assembly_id 
_pdbx_struct_assembly_gen.oper_expression 
_pdbx_struct_assembly_gen.asym_id_list 
1 1   A,B,C,D,E,F,G,H,I,J,K,L,M,N,O,P 
2 1,2 A,B,C,D,E,F,G,H,I,J,K,L,M,N,O,P 
# 
loop_
_pdbx_struct_oper_list.id 
_pdbx_struct_oper_list.type 
_pdbx_struct_oper_list.name 
_pdbx_struct_oper_list.symmetry_operation 
_pdbx_struct_oper_list.matrix[1][1] 
_pdbx_struct_oper_list.matrix[1][2] 
_pdbx_struct_oper_list.matrix[1][3] 
_pdbx_struct_oper_list.vector[1] 
_pdbx_struct_oper_list.matrix[2][1] 
_pdbx_struct_oper_list.matrix[2][2] 
_pdbx_struct_oper_list.matrix[2][3] 
_pdbx_struct_oper_list.vector[2] 
_pdbx_struct_oper_list.matrix[3][1] 
_pdbx_struct_oper_list.matrix[3][2] 
_pdbx_struct_oper_list.matrix[3][3] 
_pdbx_struct_oper_list.vector[3] 
1 'identity operation'         1_555 x,y,z    1.0000000000  0.0000000000  0.0000000000 0.0000000000  0.0000000000  1.0000000000  0.0000000000  0.0000000000   0.0000000000 0.0000000000  1.0000000000 0.0000000000  
2 'crystal symmetry operation' 7_556 y,x,-z+1 -0.1068626740 -0.1653382465 0.9804303306 -0.0406966852 -0.1653382465 -0.9693924607 -0.1814979925 -21.0752196592 0.9804303306 -0.1814979925 0.0762551347 -3.5170190347 
# 
_struct_biol.id        1 
_struct_biol.details   ? 
# 
loop_
_struct_conf.conf_type_id 
_struct_conf.id 
_struct_conf.pdbx_PDB_helix_id 
_struct_conf.beg_label_comp_id 
_struct_conf.beg_label_asym_id 
_struct_conf.beg_label_seq_id 
_struct_conf.pdbx_beg_PDB_ins_code 
_struct_conf.end_label_comp_id 
_struct_conf.end_label_asym_id 
_struct_conf.end_label_seq_id 
_struct_conf.pdbx_end_PDB_ins_code 
_struct_conf.beg_auth_comp_id 
_struct_conf.beg_auth_asym_id 
_struct_conf.beg_auth_seq_id 
_struct_conf.end_auth_comp_id 
_struct_conf.end_auth_asym_id 
_struct_conf.end_auth_seq_id 
_struct_conf.pdbx_PDB_helix_class 
_struct_conf.details 
_struct_conf.pdbx_PDB_helix_length 
HELX_P HELX_P1 1 SER A 40 ? GLY A 46 ? SER A 275 GLY A 281 1 ? 7  
HELX_P HELX_P2 2 ASP A 65 ? LYS A 75 ? ASP A 300 LYS A 310 1 ? 11 
# 
_struct_conf_type.id          HELX_P 
_struct_conf_type.criteria    ? 
_struct_conf_type.reference   ? 
# 
loop_
_struct_conn.id 
_struct_conn.conn_type_id 
_struct_conn.pdbx_leaving_atom_flag 
_struct_conn.pdbx_PDB_id 
_struct_conn.ptnr1_label_asym_id 
_struct_conn.ptnr1_label_comp_id 
_struct_conn.ptnr1_label_seq_id 
_struct_conn.ptnr1_label_atom_id 
_struct_conn.pdbx_ptnr1_label_alt_id 
_struct_conn.pdbx_ptnr1_PDB_ins_code 
_struct_conn.pdbx_ptnr1_standard_comp_id 
_struct_conn.ptnr1_symmetry 
_struct_conn.ptnr2_label_asym_id 
_struct_conn.ptnr2_label_comp_id 
_struct_conn.ptnr2_label_seq_id 
_struct_conn.ptnr2_label_atom_id 
_struct_conn.pdbx_ptnr2_label_alt_id 
_struct_conn.pdbx_ptnr2_PDB_ins_code 
_struct_conn.ptnr1_auth_asym_id 
_struct_conn.ptnr1_auth_comp_id 
_struct_conn.ptnr1_auth_seq_id 
_struct_conn.ptnr2_auth_asym_id 
_struct_conn.ptnr2_auth_comp_id 
_struct_conn.ptnr2_auth_seq_id 
_struct_conn.ptnr2_symmetry 
_struct_conn.pdbx_ptnr3_label_atom_id 
_struct_conn.pdbx_ptnr3_label_seq_id 
_struct_conn.pdbx_ptnr3_label_comp_id 
_struct_conn.pdbx_ptnr3_label_asym_id 
_struct_conn.pdbx_ptnr3_label_alt_id 
_struct_conn.pdbx_ptnr3_PDB_ins_code 
_struct_conn.details 
_struct_conn.pdbx_dist_value 
_struct_conn.pdbx_value_order 
_struct_conn.pdbx_role 
metalc1 metalc ? ? E ZN . ZN ? ? ? 1_555 A GLU 62 OE2 ? ? A ZN 4  A GLU 297 1_555 ? ? ? ? ? ? ? 1.967 ? ? 
metalc2 metalc ? ? F ZN . ZN ? ? ? 1_555 P HOH .  O   ? ? A ZN 5  A HOH 108 1_555 ? ? ? ? ? ? ? 1.963 ? ? 
metalc3 metalc ? ? F ZN . ZN ? ? ? 1_555 A ASP 67 OD1 ? ? A ZN 5  A ASP 302 1_555 ? ? ? ? ? ? ? 2.018 ? ? 
metalc4 metalc ? ? G ZN . ZN ? ? ? 1_555 P HOH .  O   ? ? A ZN 6  A HOH 34  1_555 ? ? ? ? ? ? ? 1.910 ? ? 
metalc5 metalc ? ? H ZN . ZN ? ? ? 1_555 P HOH .  O   ? ? A ZN 7  A HOH 40  1_555 ? ? ? ? ? ? ? 1.961 ? ? 
metalc6 metalc ? ? H ZN . ZN ? ? ? 1_555 P HOH .  O   ? ? A ZN 7  A HOH 109 1_555 ? ? ? ? ? ? ? 2.022 ? ? 
metalc7 metalc ? ? H ZN . ZN ? ? ? 1_555 A HIS 66 NE2 ? ? A ZN 7  A HIS 301 1_555 ? ? ? ? ? ? ? 2.055 ? ? 
metalc8 metalc ? ? O CA . CA ? ? ? 1_555 A GLU 71 OE2 ? ? A CA 14 A GLU 306 1_555 ? ? ? ? ? ? ? 1.979 ? ? 
metalc9 metalc ? ? O CA . CA ? ? ? 1_555 A GLU 71 OE1 ? ? A CA 14 A GLU 306 1_555 ? ? ? ? ? ? ? 2.886 ? ? 
# 
_struct_conn_type.id          metalc 
_struct_conn_type.criteria    ? 
_struct_conn_type.reference   ? 
# 
loop_
_pdbx_struct_conn_angle.id 
_pdbx_struct_conn_angle.ptnr1_label_atom_id 
_pdbx_struct_conn_angle.ptnr1_label_alt_id 
_pdbx_struct_conn_angle.ptnr1_label_asym_id 
_pdbx_struct_conn_angle.ptnr1_label_comp_id 
_pdbx_struct_conn_angle.ptnr1_label_seq_id 
_pdbx_struct_conn_angle.ptnr1_auth_atom_id 
_pdbx_struct_conn_angle.ptnr1_auth_asym_id 
_pdbx_struct_conn_angle.ptnr1_auth_comp_id 
_pdbx_struct_conn_angle.ptnr1_auth_seq_id 
_pdbx_struct_conn_angle.ptnr1_PDB_ins_code 
_pdbx_struct_conn_angle.ptnr1_symmetry 
_pdbx_struct_conn_angle.ptnr2_label_atom_id 
_pdbx_struct_conn_angle.ptnr2_label_alt_id 
_pdbx_struct_conn_angle.ptnr2_label_asym_id 
_pdbx_struct_conn_angle.ptnr2_label_comp_id 
_pdbx_struct_conn_angle.ptnr2_label_seq_id 
_pdbx_struct_conn_angle.ptnr2_auth_atom_id 
_pdbx_struct_conn_angle.ptnr2_auth_asym_id 
_pdbx_struct_conn_angle.ptnr2_auth_comp_id 
_pdbx_struct_conn_angle.ptnr2_auth_seq_id 
_pdbx_struct_conn_angle.ptnr2_PDB_ins_code 
_pdbx_struct_conn_angle.ptnr2_symmetry 
_pdbx_struct_conn_angle.ptnr3_label_atom_id 
_pdbx_struct_conn_angle.ptnr3_label_alt_id 
_pdbx_struct_conn_angle.ptnr3_label_asym_id 
_pdbx_struct_conn_angle.ptnr3_label_comp_id 
_pdbx_struct_conn_angle.ptnr3_label_seq_id 
_pdbx_struct_conn_angle.ptnr3_auth_atom_id 
_pdbx_struct_conn_angle.ptnr3_auth_asym_id 
_pdbx_struct_conn_angle.ptnr3_auth_comp_id 
_pdbx_struct_conn_angle.ptnr3_auth_seq_id 
_pdbx_struct_conn_angle.ptnr3_PDB_ins_code 
_pdbx_struct_conn_angle.ptnr3_symmetry 
_pdbx_struct_conn_angle.value 
_pdbx_struct_conn_angle.value_esd 
1 O   ? P HOH .  ? A HOH 108 ? 1_555 ZN ? F ZN . ? A ZN 5  ? 1_555 OD1 ? A ASP 67 ? A ASP 302 ? 1_555 105.8 ? 
2 O   ? P HOH .  ? A HOH 40  ? 1_555 ZN ? H ZN . ? A ZN 7  ? 1_555 O   ? P HOH .  ? A HOH 109 ? 1_555 102.4 ? 
3 O   ? P HOH .  ? A HOH 40  ? 1_555 ZN ? H ZN . ? A ZN 7  ? 1_555 NE2 ? A HIS 66 ? A HIS 301 ? 1_555 103.9 ? 
4 O   ? P HOH .  ? A HOH 109 ? 1_555 ZN ? H ZN . ? A ZN 7  ? 1_555 NE2 ? A HIS 66 ? A HIS 301 ? 1_555 120.8 ? 
5 OE2 ? A GLU 71 ? A GLU 306 ? 1_555 CA ? O CA . ? A CA 14 ? 1_555 OE1 ? A GLU 71 ? A GLU 306 ? 1_555 49.1  ? 
# 
loop_
_struct_sheet.id 
_struct_sheet.type 
_struct_sheet.number_strands 
_struct_sheet.details 
A ? 4 ? 
B ? 2 ? 
# 
loop_
_struct_sheet_order.sheet_id 
_struct_sheet_order.range_id_1 
_struct_sheet_order.range_id_2 
_struct_sheet_order.offset 
_struct_sheet_order.sense 
A 1 2 ? anti-parallel 
A 2 3 ? anti-parallel 
A 3 4 ? anti-parallel 
B 1 2 ? anti-parallel 
# 
loop_
_struct_sheet_range.sheet_id 
_struct_sheet_range.id 
_struct_sheet_range.beg_label_comp_id 
_struct_sheet_range.beg_label_asym_id 
_struct_sheet_range.beg_label_seq_id 
_struct_sheet_range.pdbx_beg_PDB_ins_code 
_struct_sheet_range.end_label_comp_id 
_struct_sheet_range.end_label_asym_id 
_struct_sheet_range.end_label_seq_id 
_struct_sheet_range.pdbx_end_PDB_ins_code 
_struct_sheet_range.beg_auth_comp_id 
_struct_sheet_range.beg_auth_asym_id 
_struct_sheet_range.beg_auth_seq_id 
_struct_sheet_range.end_auth_comp_id 
_struct_sheet_range.end_auth_asym_id 
_struct_sheet_range.end_auth_seq_id 
A 1 ARG A 7  ? LYS A 12 ? ARG A 242 LYS A 247 
A 2 GLN A 79 ? ASP A 86 ? GLN A 314 ASP A 321 
A 3 ASP A 51 ? VAL A 56 ? ASP A 286 VAL A 291 
A 4 LYS A 59 ? SER A 60 ? LYS A 294 SER A 295 
B 1 TYR A 21 ? ALA A 24 ? TYR A 256 ALA A 259 
B 2 GLN A 31 ? LYS A 34 ? GLN A 266 LYS A 269 
# 
loop_
_pdbx_struct_sheet_hbond.sheet_id 
_pdbx_struct_sheet_hbond.range_id_1 
_pdbx_struct_sheet_hbond.range_id_2 
_pdbx_struct_sheet_hbond.range_1_label_atom_id 
_pdbx_struct_sheet_hbond.range_1_label_comp_id 
_pdbx_struct_sheet_hbond.range_1_label_asym_id 
_pdbx_struct_sheet_hbond.range_1_label_seq_id 
_pdbx_struct_sheet_hbond.range_1_PDB_ins_code 
_pdbx_struct_sheet_hbond.range_1_auth_atom_id 
_pdbx_struct_sheet_hbond.range_1_auth_comp_id 
_pdbx_struct_sheet_hbond.range_1_auth_asym_id 
_pdbx_struct_sheet_hbond.range_1_auth_seq_id 
_pdbx_struct_sheet_hbond.range_2_label_atom_id 
_pdbx_struct_sheet_hbond.range_2_label_comp_id 
_pdbx_struct_sheet_hbond.range_2_label_asym_id 
_pdbx_struct_sheet_hbond.range_2_label_seq_id 
_pdbx_struct_sheet_hbond.range_2_PDB_ins_code 
_pdbx_struct_sheet_hbond.range_2_auth_atom_id 
_pdbx_struct_sheet_hbond.range_2_auth_comp_id 
_pdbx_struct_sheet_hbond.range_2_auth_asym_id 
_pdbx_struct_sheet_hbond.range_2_auth_seq_id 
A 1 2 N VAL A 9  ? N VAL A 244 O LEU A 82 ? O LEU A 317 
A 2 3 O LEU A 85 ? O LEU A 320 N LEU A 52 ? N LEU A 287 
A 3 4 N VAL A 56 ? N VAL A 291 O LYS A 59 ? O LYS A 294 
B 1 2 N ARG A 23 ? N ARG A 258 O ILE A 32 ? O ILE A 267 
# 
loop_
_struct_site.id 
_struct_site.pdbx_evidence_code 
_struct_site.pdbx_auth_asym_id 
_struct_site.pdbx_auth_comp_id 
_struct_site.pdbx_auth_seq_id 
_struct_site.pdbx_auth_ins_code 
_struct_site.pdbx_num_residues 
_struct_site.details 
AC1 Software A ACT 1  ? 5  'BINDING SITE FOR RESIDUE ACT A 1' 
AC2 Software A ACT 2  ? 10 'BINDING SITE FOR RESIDUE ACT A 2' 
AC3 Software A EDO 3  ? 9  'BINDING SITE FOR RESIDUE EDO A 3' 
AC4 Software A ZN  4  ? 4  'BINDING SITE FOR RESIDUE ZN A 4'  
AC5 Software A ZN  5  ? 5  'BINDING SITE FOR RESIDUE ZN A 5'  
AC6 Software A ZN  6  ? 6  'BINDING SITE FOR RESIDUE ZN A 6'  
AC7 Software A ZN  7  ? 6  'BINDING SITE FOR RESIDUE ZN A 7'  
AC8 Software A CL  8  ? 4  'BINDING SITE FOR RESIDUE CL A 8'  
AC9 Software A CL  9  ? 5  'BINDING SITE FOR RESIDUE CL A 9'  
BC1 Software A CL  10 ? 5  'BINDING SITE FOR RESIDUE CL A 10' 
BC2 Software A CL  11 ? 3  'BINDING SITE FOR RESIDUE CL A 11' 
BC3 Software A CA  12 ? 4  'BINDING SITE FOR RESIDUE CA A 12' 
BC4 Software A CL  13 ? 3  'BINDING SITE FOR RESIDUE CL A 13' 
BC5 Software A CA  14 ? 5  'BINDING SITE FOR RESIDUE CA A 14' 
# 
loop_
_struct_site_gen.id 
_struct_site_gen.site_id 
_struct_site_gen.pdbx_num_res 
_struct_site_gen.label_comp_id 
_struct_site_gen.label_asym_id 
_struct_site_gen.label_seq_id 
_struct_site_gen.pdbx_auth_ins_code 
_struct_site_gen.auth_comp_id 
_struct_site_gen.auth_asym_id 
_struct_site_gen.auth_seq_id 
_struct_site_gen.label_atom_id 
_struct_site_gen.label_alt_id 
_struct_site_gen.symmetry 
_struct_site_gen.details 
1  AC1 5  HOH P .  ? HOH A 117 . ? 7_556 ? 
2  AC1 5  HOH P .  ? HOH A 137 . ? 7_556 ? 
3  AC1 5  LYS A 34 ? LYS A 269 . ? 7_556 ? 
4  AC1 5  ASP A 35 ? ASP A 270 . ? 7_556 ? 
5  AC1 5  ASP A 35 ? ASP A 270 . ? 1_555 ? 
6  AC2 10 ZN  E .  ? ZN  A 4   . ? 3_544 ? 
7  AC2 10 HOH P .  ? HOH A 24  . ? 1_555 ? 
8  AC2 10 HOH P .  ? HOH A 69  . ? 1_555 ? 
9  AC2 10 HIS A 4  ? HIS A 239 . ? 1_555 ? 
10 AC2 10 PRO A 6  ? PRO A 241 . ? 3_544 ? 
11 AC2 10 ARG A 7  ? ARG A 242 . ? 1_555 ? 
12 AC2 10 LYS A 48 ? LYS A 283 . ? 1_555 ? 
13 AC2 10 VAL A 54 ? VAL A 289 . ? 3_544 ? 
14 AC2 10 GLU A 62 ? GLU A 297 . ? 3_544 ? 
15 AC2 10 ASP A 86 ? ASP A 321 . ? 1_555 ? 
16 AC3 9  CL  J .  ? CL  A 9   . ? 1_555 ? 
17 AC3 9  HOH P .  ? HOH A 92  . ? 7_556 ? 
18 AC3 9  HOH P .  ? HOH A 108 . ? 7_556 ? 
19 AC3 9  ASN A 16 ? ASN A 251 . ? 1_555 ? 
20 AC3 9  GLY A 17 ? GLY A 252 . ? 1_555 ? 
21 AC3 9  TYR A 18 ? TYR A 253 . ? 1_555 ? 
22 AC3 9  GLY A 19 ? GLY A 254 . ? 1_555 ? 
23 AC3 9  PHE A 20 ? PHE A 255 . ? 1_555 ? 
24 AC3 9  TYR A 21 ? TYR A 256 . ? 1_555 ? 
25 AC4 4  ACT C .  ? ACT A 2   . ? 4_555 ? 
26 AC4 4  HIS A 4  ? HIS A 239 . ? 4_555 ? 
27 AC4 4  GLU A 62 ? GLU A 297 . ? 1_555 ? 
28 AC4 4  ASP A 86 ? ASP A 321 . ? 4_555 ? 
29 AC5 5  ZN  G .  ? ZN  A 6   . ? 1_555 ? 
30 AC5 5  CL  I .  ? CL  A 8   . ? 7_556 ? 
31 AC5 5  CL  J .  ? CL  A 9   . ? 7_556 ? 
32 AC5 5  HOH P .  ? HOH A 108 . ? 1_555 ? 
33 AC5 5  ASP A 67 ? ASP A 302 . ? 1_555 ? 
34 AC6 6  ZN  F .  ? ZN  A 5   . ? 1_555 ? 
35 AC6 6  ZN  H .  ? ZN  A 7   . ? 1_555 ? 
36 AC6 6  HOH P .  ? HOH A 29  . ? 7_556 ? 
37 AC6 6  HOH P .  ? HOH A 34  . ? 1_555 ? 
38 AC6 6  HOH P .  ? HOH A 40  . ? 1_555 ? 
39 AC6 6  HOH P .  ? HOH A 108 . ? 1_555 ? 
40 AC7 6  ZN  G .  ? ZN  A 6   . ? 1_555 ? 
41 AC7 6  CL  K .  ? CL  A 10  . ? 7_556 ? 
42 AC7 6  HOH P .  ? HOH A 40  . ? 1_555 ? 
43 AC7 6  HOH P .  ? HOH A 109 . ? 7_556 ? 
44 AC7 6  HOH P .  ? HOH A 109 . ? 1_555 ? 
45 AC7 6  HIS A 66 ? HIS A 301 . ? 1_555 ? 
46 AC8 4  ZN  F .  ? ZN  A 5   . ? 7_556 ? 
47 AC8 4  LYS A 13 ? LYS A 248 . ? 1_555 ? 
48 AC8 4  ASP A 67 ? ASP A 302 . ? 7_556 ? 
49 AC8 4  ARG A 74 ? ARG A 309 . ? 1_555 ? 
50 AC9 5  EDO D .  ? EDO A 3   . ? 1_555 ? 
51 AC9 5  ZN  F .  ? ZN  A 5   . ? 7_556 ? 
52 AC9 5  GLY A 17 ? GLY A 252 . ? 1_555 ? 
53 AC9 5  TYR A 18 ? TYR A 253 . ? 1_555 ? 
54 AC9 5  ASP A 67 ? ASP A 302 . ? 7_556 ? 
55 BC1 5  ZN  H .  ? ZN  A 7   . ? 7_556 ? 
56 BC1 5  LEU A 22 ? LEU A 257 . ? 1_555 ? 
57 BC1 5  ARG A 23 ? ARG A 258 . ? 7_556 ? 
58 BC1 5  ARG A 23 ? ARG A 258 . ? 1_555 ? 
59 BC1 5  HIS A 66 ? HIS A 301 . ? 7_556 ? 
60 BC2 3  CL  N .  ? CL  A 13  . ? 1_555 ? 
61 BC2 3  CA  O .  ? CA  A 14  . ? 1_555 ? 
62 BC2 3  GLU A 71 ? GLU A 306 . ? 1_555 ? 
63 BC3 4  CA  O .  ? CA  A 14  . ? 7_556 ? 
64 BC3 4  CA  O .  ? CA  A 14  . ? 1_555 ? 
65 BC3 4  ARG A 74 ? ARG A 309 . ? 7_556 ? 
66 BC3 4  ARG A 74 ? ARG A 309 . ? 1_555 ? 
67 BC4 3  CL  L .  ? CL  A 11  . ? 1_555 ? 
68 BC4 3  CA  O .  ? CA  A 14  . ? 1_555 ? 
69 BC4 3  GLU A 71 ? GLU A 306 . ? 1_555 ? 
70 BC5 5  CL  L .  ? CL  A 11  . ? 1_555 ? 
71 BC5 5  CA  M .  ? CA  A 12  . ? 1_555 ? 
72 BC5 5  CA  M .  ? CA  A 12  . ? 7_556 ? 
73 BC5 5  CL  N .  ? CL  A 13  . ? 1_555 ? 
74 BC5 5  GLU A 71 ? GLU A 306 . ? 1_555 ? 
# 
loop_
_pdbx_validate_close_contact.id 
_pdbx_validate_close_contact.PDB_model_num 
_pdbx_validate_close_contact.auth_atom_id_1 
_pdbx_validate_close_contact.auth_asym_id_1 
_pdbx_validate_close_contact.auth_comp_id_1 
_pdbx_validate_close_contact.auth_seq_id_1 
_pdbx_validate_close_contact.PDB_ins_code_1 
_pdbx_validate_close_contact.label_alt_id_1 
_pdbx_validate_close_contact.auth_atom_id_2 
_pdbx_validate_close_contact.auth_asym_id_2 
_pdbx_validate_close_contact.auth_comp_id_2 
_pdbx_validate_close_contact.auth_seq_id_2 
_pdbx_validate_close_contact.PDB_ins_code_2 
_pdbx_validate_close_contact.label_alt_id_2 
_pdbx_validate_close_contact.dist 
1 1 ZN  A ZN  6   ? ? O   A HOH 108 ? ? 1.64 
2 1 ZN  A ZN  6   ? ? O   A HOH 40  ? ? 1.67 
3 1 OD2 A ASP 270 ? ? OXT A ACT 1   ? ? 2.04 
4 1 O   A HOH 49  ? ? O   A HOH 149 ? ? 2.04 
5 1 NE  A ARG 258 ? B O   A HOH 117 ? ? 2.13 
6 1 O   A HOH 120 ? ? O   A HOH 146 ? ? 2.15 
7 1 NE  A ARG 258 ? A O   A HOH 74  ? ? 2.15 
8 1 CD  A ARG 258 ? B O   A HOH 117 ? ? 2.16 
# 
loop_
_pdbx_validate_symm_contact.id 
_pdbx_validate_symm_contact.PDB_model_num 
_pdbx_validate_symm_contact.auth_atom_id_1 
_pdbx_validate_symm_contact.auth_asym_id_1 
_pdbx_validate_symm_contact.auth_comp_id_1 
_pdbx_validate_symm_contact.auth_seq_id_1 
_pdbx_validate_symm_contact.PDB_ins_code_1 
_pdbx_validate_symm_contact.label_alt_id_1 
_pdbx_validate_symm_contact.site_symmetry_1 
_pdbx_validate_symm_contact.auth_atom_id_2 
_pdbx_validate_symm_contact.auth_asym_id_2 
_pdbx_validate_symm_contact.auth_comp_id_2 
_pdbx_validate_symm_contact.auth_seq_id_2 
_pdbx_validate_symm_contact.PDB_ins_code_2 
_pdbx_validate_symm_contact.label_alt_id_2 
_pdbx_validate_symm_contact.site_symmetry_2 
_pdbx_validate_symm_contact.dist 
1 1 C   A ACT 1   ? ? 1_555 OXT A ACT 1   ? ? 7_556 1.85 
2 1 OD2 A ASP 270 ? ? 1_555 O   A HOH 117 ? ? 7_556 2.18 
# 
_pdbx_validate_rmsd_angle.id                         1 
_pdbx_validate_rmsd_angle.PDB_model_num              1 
_pdbx_validate_rmsd_angle.auth_atom_id_1             NE 
_pdbx_validate_rmsd_angle.auth_asym_id_1             A 
_pdbx_validate_rmsd_angle.auth_comp_id_1             ARG 
_pdbx_validate_rmsd_angle.auth_seq_id_1              309 
_pdbx_validate_rmsd_angle.PDB_ins_code_1             ? 
_pdbx_validate_rmsd_angle.label_alt_id_1             A 
_pdbx_validate_rmsd_angle.auth_atom_id_2             CZ 
_pdbx_validate_rmsd_angle.auth_asym_id_2             A 
_pdbx_validate_rmsd_angle.auth_comp_id_2             ARG 
_pdbx_validate_rmsd_angle.auth_seq_id_2              309 
_pdbx_validate_rmsd_angle.PDB_ins_code_2             ? 
_pdbx_validate_rmsd_angle.label_alt_id_2             A 
_pdbx_validate_rmsd_angle.auth_atom_id_3             NH2 
_pdbx_validate_rmsd_angle.auth_asym_id_3             A 
_pdbx_validate_rmsd_angle.auth_comp_id_3             ARG 
_pdbx_validate_rmsd_angle.auth_seq_id_3              309 
_pdbx_validate_rmsd_angle.PDB_ins_code_3             ? 
_pdbx_validate_rmsd_angle.label_alt_id_3             A 
_pdbx_validate_rmsd_angle.angle_value                117.03 
_pdbx_validate_rmsd_angle.angle_target_value         120.30 
_pdbx_validate_rmsd_angle.angle_deviation            -3.27 
_pdbx_validate_rmsd_angle.angle_standard_deviation   0.50 
_pdbx_validate_rmsd_angle.linker_flag                N 
# 
_pdbx_validate_torsion.id              1 
_pdbx_validate_torsion.PDB_model_num   1 
_pdbx_validate_torsion.auth_comp_id    LYS 
_pdbx_validate_torsion.auth_asym_id    A 
_pdbx_validate_torsion.auth_seq_id     264 
_pdbx_validate_torsion.PDB_ins_code    ? 
_pdbx_validate_torsion.label_alt_id    ? 
_pdbx_validate_torsion.phi             -97.85 
_pdbx_validate_torsion.psi             -113.98 
# 
loop_
_pdbx_struct_special_symmetry.id 
_pdbx_struct_special_symmetry.PDB_model_num 
_pdbx_struct_special_symmetry.auth_asym_id 
_pdbx_struct_special_symmetry.auth_comp_id 
_pdbx_struct_special_symmetry.auth_seq_id 
_pdbx_struct_special_symmetry.PDB_ins_code 
_pdbx_struct_special_symmetry.label_asym_id 
_pdbx_struct_special_symmetry.label_comp_id 
_pdbx_struct_special_symmetry.label_seq_id 
1 1 A ARG 309 ? A ARG 74 
2 1 A HOH 109 ? P HOH .  
# 
loop_
_pdbx_unobs_or_zero_occ_residues.id 
_pdbx_unobs_or_zero_occ_residues.PDB_model_num 
_pdbx_unobs_or_zero_occ_residues.polymer_flag 
_pdbx_unobs_or_zero_occ_residues.occupancy_flag 
_pdbx_unobs_or_zero_occ_residues.auth_asym_id 
_pdbx_unobs_or_zero_occ_residues.auth_comp_id 
_pdbx_unobs_or_zero_occ_residues.auth_seq_id 
_pdbx_unobs_or_zero_occ_residues.PDB_ins_code 
_pdbx_unobs_or_zero_occ_residues.label_asym_id 
_pdbx_unobs_or_zero_occ_residues.label_comp_id 
_pdbx_unobs_or_zero_occ_residues.label_seq_id 
1  1 Y 1 A GLY 236 ? A GLY 1  
2  1 Y 1 A PRO 261 ? A PRO 26 
3  1 Y 1 A GLU 262 ? A GLU 27 
4  1 Y 1 A LEU 324 ? A LEU 89 
5  1 Y 1 A GLU 325 ? A GLU 90 
6  1 Y 1 A ARG 326 ? A ARG 91 
7  1 Y 1 A PRO 327 ? A PRO 92 
8  1 Y 1 A HIS 328 ? A HIS 93 
9  1 Y 1 A ARG 329 ? A ARG 94 
10 1 Y 1 A ASP 330 ? A ASP 95 
# 
loop_
_chem_comp_atom.comp_id 
_chem_comp_atom.atom_id 
_chem_comp_atom.type_symbol 
_chem_comp_atom.pdbx_aromatic_flag 
_chem_comp_atom.pdbx_stereo_config 
_chem_comp_atom.pdbx_ordinal 
ACT C    C  N N 1   
ACT O    O  N N 2   
ACT OXT  O  N N 3   
ACT CH3  C  N N 4   
ACT H1   H  N N 5   
ACT H2   H  N N 6   
ACT H3   H  N N 7   
ALA N    N  N N 8   
ALA CA   C  N S 9   
ALA C    C  N N 10  
ALA O    O  N N 11  
ALA CB   C  N N 12  
ALA OXT  O  N N 13  
ALA H    H  N N 14  
ALA H2   H  N N 15  
ALA HA   H  N N 16  
ALA HB1  H  N N 17  
ALA HB2  H  N N 18  
ALA HB3  H  N N 19  
ALA HXT  H  N N 20  
ARG N    N  N N 21  
ARG CA   C  N S 22  
ARG C    C  N N 23  
ARG O    O  N N 24  
ARG CB   C  N N 25  
ARG CG   C  N N 26  
ARG CD   C  N N 27  
ARG NE   N  N N 28  
ARG CZ   C  N N 29  
ARG NH1  N  N N 30  
ARG NH2  N  N N 31  
ARG OXT  O  N N 32  
ARG H    H  N N 33  
ARG H2   H  N N 34  
ARG HA   H  N N 35  
ARG HB2  H  N N 36  
ARG HB3  H  N N 37  
ARG HG2  H  N N 38  
ARG HG3  H  N N 39  
ARG HD2  H  N N 40  
ARG HD3  H  N N 41  
ARG HE   H  N N 42  
ARG HH11 H  N N 43  
ARG HH12 H  N N 44  
ARG HH21 H  N N 45  
ARG HH22 H  N N 46  
ARG HXT  H  N N 47  
ASN N    N  N N 48  
ASN CA   C  N S 49  
ASN C    C  N N 50  
ASN O    O  N N 51  
ASN CB   C  N N 52  
ASN CG   C  N N 53  
ASN OD1  O  N N 54  
ASN ND2  N  N N 55  
ASN OXT  O  N N 56  
ASN H    H  N N 57  
ASN H2   H  N N 58  
ASN HA   H  N N 59  
ASN HB2  H  N N 60  
ASN HB3  H  N N 61  
ASN HD21 H  N N 62  
ASN HD22 H  N N 63  
ASN HXT  H  N N 64  
ASP N    N  N N 65  
ASP CA   C  N S 66  
ASP C    C  N N 67  
ASP O    O  N N 68  
ASP CB   C  N N 69  
ASP CG   C  N N 70  
ASP OD1  O  N N 71  
ASP OD2  O  N N 72  
ASP OXT  O  N N 73  
ASP H    H  N N 74  
ASP H2   H  N N 75  
ASP HA   H  N N 76  
ASP HB2  H  N N 77  
ASP HB3  H  N N 78  
ASP HD2  H  N N 79  
ASP HXT  H  N N 80  
CA  CA   CA N N 81  
CL  CL   CL N N 82  
EDO C1   C  N N 83  
EDO O1   O  N N 84  
EDO C2   C  N N 85  
EDO O2   O  N N 86  
EDO H11  H  N N 87  
EDO H12  H  N N 88  
EDO HO1  H  N N 89  
EDO H21  H  N N 90  
EDO H22  H  N N 91  
EDO HO2  H  N N 92  
GLN N    N  N N 93  
GLN CA   C  N S 94  
GLN C    C  N N 95  
GLN O    O  N N 96  
GLN CB   C  N N 97  
GLN CG   C  N N 98  
GLN CD   C  N N 99  
GLN OE1  O  N N 100 
GLN NE2  N  N N 101 
GLN OXT  O  N N 102 
GLN H    H  N N 103 
GLN H2   H  N N 104 
GLN HA   H  N N 105 
GLN HB2  H  N N 106 
GLN HB3  H  N N 107 
GLN HG2  H  N N 108 
GLN HG3  H  N N 109 
GLN HE21 H  N N 110 
GLN HE22 H  N N 111 
GLN HXT  H  N N 112 
GLU N    N  N N 113 
GLU CA   C  N S 114 
GLU C    C  N N 115 
GLU O    O  N N 116 
GLU CB   C  N N 117 
GLU CG   C  N N 118 
GLU CD   C  N N 119 
GLU OE1  O  N N 120 
GLU OE2  O  N N 121 
GLU OXT  O  N N 122 
GLU H    H  N N 123 
GLU H2   H  N N 124 
GLU HA   H  N N 125 
GLU HB2  H  N N 126 
GLU HB3  H  N N 127 
GLU HG2  H  N N 128 
GLU HG3  H  N N 129 
GLU HE2  H  N N 130 
GLU HXT  H  N N 131 
GLY N    N  N N 132 
GLY CA   C  N N 133 
GLY C    C  N N 134 
GLY O    O  N N 135 
GLY OXT  O  N N 136 
GLY H    H  N N 137 
GLY H2   H  N N 138 
GLY HA2  H  N N 139 
GLY HA3  H  N N 140 
GLY HXT  H  N N 141 
HIS N    N  N N 142 
HIS CA   C  N S 143 
HIS C    C  N N 144 
HIS O    O  N N 145 
HIS CB   C  N N 146 
HIS CG   C  Y N 147 
HIS ND1  N  Y N 148 
HIS CD2  C  Y N 149 
HIS CE1  C  Y N 150 
HIS NE2  N  Y N 151 
HIS OXT  O  N N 152 
HIS H    H  N N 153 
HIS H2   H  N N 154 
HIS HA   H  N N 155 
HIS HB2  H  N N 156 
HIS HB3  H  N N 157 
HIS HD1  H  N N 158 
HIS HD2  H  N N 159 
HIS HE1  H  N N 160 
HIS HE2  H  N N 161 
HIS HXT  H  N N 162 
HOH O    O  N N 163 
HOH H1   H  N N 164 
HOH H2   H  N N 165 
ILE N    N  N N 166 
ILE CA   C  N S 167 
ILE C    C  N N 168 
ILE O    O  N N 169 
ILE CB   C  N S 170 
ILE CG1  C  N N 171 
ILE CG2  C  N N 172 
ILE CD1  C  N N 173 
ILE OXT  O  N N 174 
ILE H    H  N N 175 
ILE H2   H  N N 176 
ILE HA   H  N N 177 
ILE HB   H  N N 178 
ILE HG12 H  N N 179 
ILE HG13 H  N N 180 
ILE HG21 H  N N 181 
ILE HG22 H  N N 182 
ILE HG23 H  N N 183 
ILE HD11 H  N N 184 
ILE HD12 H  N N 185 
ILE HD13 H  N N 186 
ILE HXT  H  N N 187 
LEU N    N  N N 188 
LEU CA   C  N S 189 
LEU C    C  N N 190 
LEU O    O  N N 191 
LEU CB   C  N N 192 
LEU CG   C  N N 193 
LEU CD1  C  N N 194 
LEU CD2  C  N N 195 
LEU OXT  O  N N 196 
LEU H    H  N N 197 
LEU H2   H  N N 198 
LEU HA   H  N N 199 
LEU HB2  H  N N 200 
LEU HB3  H  N N 201 
LEU HG   H  N N 202 
LEU HD11 H  N N 203 
LEU HD12 H  N N 204 
LEU HD13 H  N N 205 
LEU HD21 H  N N 206 
LEU HD22 H  N N 207 
LEU HD23 H  N N 208 
LEU HXT  H  N N 209 
LYS N    N  N N 210 
LYS CA   C  N S 211 
LYS C    C  N N 212 
LYS O    O  N N 213 
LYS CB   C  N N 214 
LYS CG   C  N N 215 
LYS CD   C  N N 216 
LYS CE   C  N N 217 
LYS NZ   N  N N 218 
LYS OXT  O  N N 219 
LYS H    H  N N 220 
LYS H2   H  N N 221 
LYS HA   H  N N 222 
LYS HB2  H  N N 223 
LYS HB3  H  N N 224 
LYS HG2  H  N N 225 
LYS HG3  H  N N 226 
LYS HD2  H  N N 227 
LYS HD3  H  N N 228 
LYS HE2  H  N N 229 
LYS HE3  H  N N 230 
LYS HZ1  H  N N 231 
LYS HZ2  H  N N 232 
LYS HZ3  H  N N 233 
LYS HXT  H  N N 234 
MET N    N  N N 235 
MET CA   C  N S 236 
MET C    C  N N 237 
MET O    O  N N 238 
MET CB   C  N N 239 
MET CG   C  N N 240 
MET SD   S  N N 241 
MET CE   C  N N 242 
MET OXT  O  N N 243 
MET H    H  N N 244 
MET H2   H  N N 245 
MET HA   H  N N 246 
MET HB2  H  N N 247 
MET HB3  H  N N 248 
MET HG2  H  N N 249 
MET HG3  H  N N 250 
MET HE1  H  N N 251 
MET HE2  H  N N 252 
MET HE3  H  N N 253 
MET HXT  H  N N 254 
PHE N    N  N N 255 
PHE CA   C  N S 256 
PHE C    C  N N 257 
PHE O    O  N N 258 
PHE CB   C  N N 259 
PHE CG   C  Y N 260 
PHE CD1  C  Y N 261 
PHE CD2  C  Y N 262 
PHE CE1  C  Y N 263 
PHE CE2  C  Y N 264 
PHE CZ   C  Y N 265 
PHE OXT  O  N N 266 
PHE H    H  N N 267 
PHE H2   H  N N 268 
PHE HA   H  N N 269 
PHE HB2  H  N N 270 
PHE HB3  H  N N 271 
PHE HD1  H  N N 272 
PHE HD2  H  N N 273 
PHE HE1  H  N N 274 
PHE HE2  H  N N 275 
PHE HZ   H  N N 276 
PHE HXT  H  N N 277 
PRO N    N  N N 278 
PRO CA   C  N S 279 
PRO C    C  N N 280 
PRO O    O  N N 281 
PRO CB   C  N N 282 
PRO CG   C  N N 283 
PRO CD   C  N N 284 
PRO OXT  O  N N 285 
PRO H    H  N N 286 
PRO HA   H  N N 287 
PRO HB2  H  N N 288 
PRO HB3  H  N N 289 
PRO HG2  H  N N 290 
PRO HG3  H  N N 291 
PRO HD2  H  N N 292 
PRO HD3  H  N N 293 
PRO HXT  H  N N 294 
SER N    N  N N 295 
SER CA   C  N S 296 
SER C    C  N N 297 
SER O    O  N N 298 
SER CB   C  N N 299 
SER OG   O  N N 300 
SER OXT  O  N N 301 
SER H    H  N N 302 
SER H2   H  N N 303 
SER HA   H  N N 304 
SER HB2  H  N N 305 
SER HB3  H  N N 306 
SER HG   H  N N 307 
SER HXT  H  N N 308 
THR N    N  N N 309 
THR CA   C  N S 310 
THR C    C  N N 311 
THR O    O  N N 312 
THR CB   C  N R 313 
THR OG1  O  N N 314 
THR CG2  C  N N 315 
THR OXT  O  N N 316 
THR H    H  N N 317 
THR H2   H  N N 318 
THR HA   H  N N 319 
THR HB   H  N N 320 
THR HG1  H  N N 321 
THR HG21 H  N N 322 
THR HG22 H  N N 323 
THR HG23 H  N N 324 
THR HXT  H  N N 325 
TYR N    N  N N 326 
TYR CA   C  N S 327 
TYR C    C  N N 328 
TYR O    O  N N 329 
TYR CB   C  N N 330 
TYR CG   C  Y N 331 
TYR CD1  C  Y N 332 
TYR CD2  C  Y N 333 
TYR CE1  C  Y N 334 
TYR CE2  C  Y N 335 
TYR CZ   C  Y N 336 
TYR OH   O  N N 337 
TYR OXT  O  N N 338 
TYR H    H  N N 339 
TYR H2   H  N N 340 
TYR HA   H  N N 341 
TYR HB2  H  N N 342 
TYR HB3  H  N N 343 
TYR HD1  H  N N 344 
TYR HD2  H  N N 345 
TYR HE1  H  N N 346 
TYR HE2  H  N N 347 
TYR HH   H  N N 348 
TYR HXT  H  N N 349 
VAL N    N  N N 350 
VAL CA   C  N S 351 
VAL C    C  N N 352 
VAL O    O  N N 353 
VAL CB   C  N N 354 
VAL CG1  C  N N 355 
VAL CG2  C  N N 356 
VAL OXT  O  N N 357 
VAL H    H  N N 358 
VAL H2   H  N N 359 
VAL HA   H  N N 360 
VAL HB   H  N N 361 
VAL HG11 H  N N 362 
VAL HG12 H  N N 363 
VAL HG13 H  N N 364 
VAL HG21 H  N N 365 
VAL HG22 H  N N 366 
VAL HG23 H  N N 367 
VAL HXT  H  N N 368 
ZN  ZN   ZN N N 369 
# 
loop_
_chem_comp_bond.comp_id 
_chem_comp_bond.atom_id_1 
_chem_comp_bond.atom_id_2 
_chem_comp_bond.value_order 
_chem_comp_bond.pdbx_aromatic_flag 
_chem_comp_bond.pdbx_stereo_config 
_chem_comp_bond.pdbx_ordinal 
ACT C   O    doub N N 1   
ACT C   OXT  sing N N 2   
ACT C   CH3  sing N N 3   
ACT CH3 H1   sing N N 4   
ACT CH3 H2   sing N N 5   
ACT CH3 H3   sing N N 6   
ALA N   CA   sing N N 7   
ALA N   H    sing N N 8   
ALA N   H2   sing N N 9   
ALA CA  C    sing N N 10  
ALA CA  CB   sing N N 11  
ALA CA  HA   sing N N 12  
ALA C   O    doub N N 13  
ALA C   OXT  sing N N 14  
ALA CB  HB1  sing N N 15  
ALA CB  HB2  sing N N 16  
ALA CB  HB3  sing N N 17  
ALA OXT HXT  sing N N 18  
ARG N   CA   sing N N 19  
ARG N   H    sing N N 20  
ARG N   H2   sing N N 21  
ARG CA  C    sing N N 22  
ARG CA  CB   sing N N 23  
ARG CA  HA   sing N N 24  
ARG C   O    doub N N 25  
ARG C   OXT  sing N N 26  
ARG CB  CG   sing N N 27  
ARG CB  HB2  sing N N 28  
ARG CB  HB3  sing N N 29  
ARG CG  CD   sing N N 30  
ARG CG  HG2  sing N N 31  
ARG CG  HG3  sing N N 32  
ARG CD  NE   sing N N 33  
ARG CD  HD2  sing N N 34  
ARG CD  HD3  sing N N 35  
ARG NE  CZ   sing N N 36  
ARG NE  HE   sing N N 37  
ARG CZ  NH1  sing N N 38  
ARG CZ  NH2  doub N N 39  
ARG NH1 HH11 sing N N 40  
ARG NH1 HH12 sing N N 41  
ARG NH2 HH21 sing N N 42  
ARG NH2 HH22 sing N N 43  
ARG OXT HXT  sing N N 44  
ASN N   CA   sing N N 45  
ASN N   H    sing N N 46  
ASN N   H2   sing N N 47  
ASN CA  C    sing N N 48  
ASN CA  CB   sing N N 49  
ASN CA  HA   sing N N 50  
ASN C   O    doub N N 51  
ASN C   OXT  sing N N 52  
ASN CB  CG   sing N N 53  
ASN CB  HB2  sing N N 54  
ASN CB  HB3  sing N N 55  
ASN CG  OD1  doub N N 56  
ASN CG  ND2  sing N N 57  
ASN ND2 HD21 sing N N 58  
ASN ND2 HD22 sing N N 59  
ASN OXT HXT  sing N N 60  
ASP N   CA   sing N N 61  
ASP N   H    sing N N 62  
ASP N   H2   sing N N 63  
ASP CA  C    sing N N 64  
ASP CA  CB   sing N N 65  
ASP CA  HA   sing N N 66  
ASP C   O    doub N N 67  
ASP C   OXT  sing N N 68  
ASP CB  CG   sing N N 69  
ASP CB  HB2  sing N N 70  
ASP CB  HB3  sing N N 71  
ASP CG  OD1  doub N N 72  
ASP CG  OD2  sing N N 73  
ASP OD2 HD2  sing N N 74  
ASP OXT HXT  sing N N 75  
EDO C1  O1   sing N N 76  
EDO C1  C2   sing N N 77  
EDO C1  H11  sing N N 78  
EDO C1  H12  sing N N 79  
EDO O1  HO1  sing N N 80  
EDO C2  O2   sing N N 81  
EDO C2  H21  sing N N 82  
EDO C2  H22  sing N N 83  
EDO O2  HO2  sing N N 84  
GLN N   CA   sing N N 85  
GLN N   H    sing N N 86  
GLN N   H2   sing N N 87  
GLN CA  C    sing N N 88  
GLN CA  CB   sing N N 89  
GLN CA  HA   sing N N 90  
GLN C   O    doub N N 91  
GLN C   OXT  sing N N 92  
GLN CB  CG   sing N N 93  
GLN CB  HB2  sing N N 94  
GLN CB  HB3  sing N N 95  
GLN CG  CD   sing N N 96  
GLN CG  HG2  sing N N 97  
GLN CG  HG3  sing N N 98  
GLN CD  OE1  doub N N 99  
GLN CD  NE2  sing N N 100 
GLN NE2 HE21 sing N N 101 
GLN NE2 HE22 sing N N 102 
GLN OXT HXT  sing N N 103 
GLU N   CA   sing N N 104 
GLU N   H    sing N N 105 
GLU N   H2   sing N N 106 
GLU CA  C    sing N N 107 
GLU CA  CB   sing N N 108 
GLU CA  HA   sing N N 109 
GLU C   O    doub N N 110 
GLU C   OXT  sing N N 111 
GLU CB  CG   sing N N 112 
GLU CB  HB2  sing N N 113 
GLU CB  HB3  sing N N 114 
GLU CG  CD   sing N N 115 
GLU CG  HG2  sing N N 116 
GLU CG  HG3  sing N N 117 
GLU CD  OE1  doub N N 118 
GLU CD  OE2  sing N N 119 
GLU OE2 HE2  sing N N 120 
GLU OXT HXT  sing N N 121 
GLY N   CA   sing N N 122 
GLY N   H    sing N N 123 
GLY N   H2   sing N N 124 
GLY CA  C    sing N N 125 
GLY CA  HA2  sing N N 126 
GLY CA  HA3  sing N N 127 
GLY C   O    doub N N 128 
GLY C   OXT  sing N N 129 
GLY OXT HXT  sing N N 130 
HIS N   CA   sing N N 131 
HIS N   H    sing N N 132 
HIS N   H2   sing N N 133 
HIS CA  C    sing N N 134 
HIS CA  CB   sing N N 135 
HIS CA  HA   sing N N 136 
HIS C   O    doub N N 137 
HIS C   OXT  sing N N 138 
HIS CB  CG   sing N N 139 
HIS CB  HB2  sing N N 140 
HIS CB  HB3  sing N N 141 
HIS CG  ND1  sing Y N 142 
HIS CG  CD2  doub Y N 143 
HIS ND1 CE1  doub Y N 144 
HIS ND1 HD1  sing N N 145 
HIS CD2 NE2  sing Y N 146 
HIS CD2 HD2  sing N N 147 
HIS CE1 NE2  sing Y N 148 
HIS CE1 HE1  sing N N 149 
HIS NE2 HE2  sing N N 150 
HIS OXT HXT  sing N N 151 
HOH O   H1   sing N N 152 
HOH O   H2   sing N N 153 
ILE N   CA   sing N N 154 
ILE N   H    sing N N 155 
ILE N   H2   sing N N 156 
ILE CA  C    sing N N 157 
ILE CA  CB   sing N N 158 
ILE CA  HA   sing N N 159 
ILE C   O    doub N N 160 
ILE C   OXT  sing N N 161 
ILE CB  CG1  sing N N 162 
ILE CB  CG2  sing N N 163 
ILE CB  HB   sing N N 164 
ILE CG1 CD1  sing N N 165 
ILE CG1 HG12 sing N N 166 
ILE CG1 HG13 sing N N 167 
ILE CG2 HG21 sing N N 168 
ILE CG2 HG22 sing N N 169 
ILE CG2 HG23 sing N N 170 
ILE CD1 HD11 sing N N 171 
ILE CD1 HD12 sing N N 172 
ILE CD1 HD13 sing N N 173 
ILE OXT HXT  sing N N 174 
LEU N   CA   sing N N 175 
LEU N   H    sing N N 176 
LEU N   H2   sing N N 177 
LEU CA  C    sing N N 178 
LEU CA  CB   sing N N 179 
LEU CA  HA   sing N N 180 
LEU C   O    doub N N 181 
LEU C   OXT  sing N N 182 
LEU CB  CG   sing N N 183 
LEU CB  HB2  sing N N 184 
LEU CB  HB3  sing N N 185 
LEU CG  CD1  sing N N 186 
LEU CG  CD2  sing N N 187 
LEU CG  HG   sing N N 188 
LEU CD1 HD11 sing N N 189 
LEU CD1 HD12 sing N N 190 
LEU CD1 HD13 sing N N 191 
LEU CD2 HD21 sing N N 192 
LEU CD2 HD22 sing N N 193 
LEU CD2 HD23 sing N N 194 
LEU OXT HXT  sing N N 195 
LYS N   CA   sing N N 196 
LYS N   H    sing N N 197 
LYS N   H2   sing N N 198 
LYS CA  C    sing N N 199 
LYS CA  CB   sing N N 200 
LYS CA  HA   sing N N 201 
LYS C   O    doub N N 202 
LYS C   OXT  sing N N 203 
LYS CB  CG   sing N N 204 
LYS CB  HB2  sing N N 205 
LYS CB  HB3  sing N N 206 
LYS CG  CD   sing N N 207 
LYS CG  HG2  sing N N 208 
LYS CG  HG3  sing N N 209 
LYS CD  CE   sing N N 210 
LYS CD  HD2  sing N N 211 
LYS CD  HD3  sing N N 212 
LYS CE  NZ   sing N N 213 
LYS CE  HE2  sing N N 214 
LYS CE  HE3  sing N N 215 
LYS NZ  HZ1  sing N N 216 
LYS NZ  HZ2  sing N N 217 
LYS NZ  HZ3  sing N N 218 
LYS OXT HXT  sing N N 219 
MET N   CA   sing N N 220 
MET N   H    sing N N 221 
MET N   H2   sing N N 222 
MET CA  C    sing N N 223 
MET CA  CB   sing N N 224 
MET CA  HA   sing N N 225 
MET C   O    doub N N 226 
MET C   OXT  sing N N 227 
MET CB  CG   sing N N 228 
MET CB  HB2  sing N N 229 
MET CB  HB3  sing N N 230 
MET CG  SD   sing N N 231 
MET CG  HG2  sing N N 232 
MET CG  HG3  sing N N 233 
MET SD  CE   sing N N 234 
MET CE  HE1  sing N N 235 
MET CE  HE2  sing N N 236 
MET CE  HE3  sing N N 237 
MET OXT HXT  sing N N 238 
PHE N   CA   sing N N 239 
PHE N   H    sing N N 240 
PHE N   H2   sing N N 241 
PHE CA  C    sing N N 242 
PHE CA  CB   sing N N 243 
PHE CA  HA   sing N N 244 
PHE C   O    doub N N 245 
PHE C   OXT  sing N N 246 
PHE CB  CG   sing N N 247 
PHE CB  HB2  sing N N 248 
PHE CB  HB3  sing N N 249 
PHE CG  CD1  doub Y N 250 
PHE CG  CD2  sing Y N 251 
PHE CD1 CE1  sing Y N 252 
PHE CD1 HD1  sing N N 253 
PHE CD2 CE2  doub Y N 254 
PHE CD2 HD2  sing N N 255 
PHE CE1 CZ   doub Y N 256 
PHE CE1 HE1  sing N N 257 
PHE CE2 CZ   sing Y N 258 
PHE CE2 HE2  sing N N 259 
PHE CZ  HZ   sing N N 260 
PHE OXT HXT  sing N N 261 
PRO N   CA   sing N N 262 
PRO N   CD   sing N N 263 
PRO N   H    sing N N 264 
PRO CA  C    sing N N 265 
PRO CA  CB   sing N N 266 
PRO CA  HA   sing N N 267 
PRO C   O    doub N N 268 
PRO C   OXT  sing N N 269 
PRO CB  CG   sing N N 270 
PRO CB  HB2  sing N N 271 
PRO CB  HB3  sing N N 272 
PRO CG  CD   sing N N 273 
PRO CG  HG2  sing N N 274 
PRO CG  HG3  sing N N 275 
PRO CD  HD2  sing N N 276 
PRO CD  HD3  sing N N 277 
PRO OXT HXT  sing N N 278 
SER N   CA   sing N N 279 
SER N   H    sing N N 280 
SER N   H2   sing N N 281 
SER CA  C    sing N N 282 
SER CA  CB   sing N N 283 
SER CA  HA   sing N N 284 
SER C   O    doub N N 285 
SER C   OXT  sing N N 286 
SER CB  OG   sing N N 287 
SER CB  HB2  sing N N 288 
SER CB  HB3  sing N N 289 
SER OG  HG   sing N N 290 
SER OXT HXT  sing N N 291 
THR N   CA   sing N N 292 
THR N   H    sing N N 293 
THR N   H2   sing N N 294 
THR CA  C    sing N N 295 
THR CA  CB   sing N N 296 
THR CA  HA   sing N N 297 
THR C   O    doub N N 298 
THR C   OXT  sing N N 299 
THR CB  OG1  sing N N 300 
THR CB  CG2  sing N N 301 
THR CB  HB   sing N N 302 
THR OG1 HG1  sing N N 303 
THR CG2 HG21 sing N N 304 
THR CG2 HG22 sing N N 305 
THR CG2 HG23 sing N N 306 
THR OXT HXT  sing N N 307 
TYR N   CA   sing N N 308 
TYR N   H    sing N N 309 
TYR N   H2   sing N N 310 
TYR CA  C    sing N N 311 
TYR CA  CB   sing N N 312 
TYR CA  HA   sing N N 313 
TYR C   O    doub N N 314 
TYR C   OXT  sing N N 315 
TYR CB  CG   sing N N 316 
TYR CB  HB2  sing N N 317 
TYR CB  HB3  sing N N 318 
TYR CG  CD1  doub Y N 319 
TYR CG  CD2  sing Y N 320 
TYR CD1 CE1  sing Y N 321 
TYR CD1 HD1  sing N N 322 
TYR CD2 CE2  doub Y N 323 
TYR CD2 HD2  sing N N 324 
TYR CE1 CZ   doub Y N 325 
TYR CE1 HE1  sing N N 326 
TYR CE2 CZ   sing Y N 327 
TYR CE2 HE2  sing N N 328 
TYR CZ  OH   sing N N 329 
TYR OH  HH   sing N N 330 
TYR OXT HXT  sing N N 331 
VAL N   CA   sing N N 332 
VAL N   H    sing N N 333 
VAL N   H2   sing N N 334 
VAL CA  C    sing N N 335 
VAL CA  CB   sing N N 336 
VAL CA  HA   sing N N 337 
VAL C   O    doub N N 338 
VAL C   OXT  sing N N 339 
VAL CB  CG1  sing N N 340 
VAL CB  CG2  sing N N 341 
VAL CB  HB   sing N N 342 
VAL CG1 HG11 sing N N 343 
VAL CG1 HG12 sing N N 344 
VAL CG1 HG13 sing N N 345 
VAL CG2 HG21 sing N N 346 
VAL CG2 HG22 sing N N 347 
VAL CG2 HG23 sing N N 348 
VAL OXT HXT  sing N N 349 
# 
_atom_sites.entry_id                    3R68 
_atom_sites.fract_transf_matrix[1][1]   0.00731437 
_atom_sites.fract_transf_matrix[1][2]   0.00877814 
_atom_sites.fract_transf_matrix[1][3]   0.00860516 
_atom_sites.fract_transf_matrix[2][1]   0.00620376 
_atom_sites.fract_transf_matrix[2][2]   -0.01128062 
_atom_sites.fract_transf_matrix[2][3]   0.00623420 
_atom_sites.fract_transf_matrix[3][1]   0.01970044 
_atom_sites.fract_transf_matrix[3][2]   0.00101038 
_atom_sites.fract_transf_matrix[3][3]   -0.01777602 
_atom_sites.fract_transf_vector[1]      0.410722 
_atom_sites.fract_transf_vector[2]      0.195159 
_atom_sites.fract_transf_vector[3]      0.479787 
# 
loop_
_atom_type.symbol 
C  
CA 
CL 
N  
O  
S  
ZN 
# 
loop_
_atom_site.group_PDB 
_atom_site.id 
_atom_site.type_symbol 
_atom_site.label_atom_id 
_atom_site.label_alt_id 
_atom_site.label_comp_id 
_atom_site.label_asym_id 
_atom_site.label_entity_id 
_atom_site.label_seq_id 
_atom_site.pdbx_PDB_ins_code 
_atom_site.Cartn_x 
_atom_site.Cartn_y 
_atom_site.Cartn_z 
_atom_site.occupancy 
_atom_site.B_iso_or_equiv 
_atom_site.pdbx_formal_charge 
_atom_site.auth_seq_id 
_atom_site.auth_comp_id 
_atom_site.auth_asym_id 
_atom_site.auth_atom_id 
_atom_site.pdbx_PDB_model_num 
ATOM   1   N  N   . SER A 1 2  ? -1.861  19.044  -15.734 1.00 33.33  ? 237 SER A N   1 
ATOM   2   C  CA  . SER A 1 2  ? -1.051  18.901  -14.481 1.00 33.00  ? 237 SER A CA  1 
ATOM   3   C  C   . SER A 1 2  ? -1.435  17.637  -13.701 1.00 31.38  ? 237 SER A C   1 
ATOM   4   O  O   . SER A 1 2  ? -2.587  17.511  -13.235 1.00 32.02  ? 237 SER A O   1 
ATOM   5   C  CB  . SER A 1 2  ? -1.206  20.134  -13.606 1.00 33.63  ? 237 SER A CB  1 
ATOM   6   O  OG  . SER A 1 2  ? -0.163  20.207  -12.640 1.00 35.90  ? 237 SER A OG  1 
ATOM   7   N  N   . PRO A 1 3  ? -0.486  16.685  -13.561 1.00 28.96  ? 238 PRO A N   1 
ATOM   8   C  CA  . PRO A 1 3  ? -0.823  15.358  -13.057 1.00 26.77  ? 238 PRO A CA  1 
ATOM   9   C  C   . PRO A 1 3  ? -1.184  15.380  -11.591 1.00 22.95  ? 238 PRO A C   1 
ATOM   10  O  O   . PRO A 1 3  ? -0.831  16.325  -10.877 1.00 22.32  ? 238 PRO A O   1 
ATOM   11  C  CB  . PRO A 1 3  ? 0.463   14.546  -13.270 1.00 27.59  ? 238 PRO A CB  1 
ATOM   12  C  CG  . PRO A 1 3  ? 1.259   15.321  -14.207 1.00 29.02  ? 238 PRO A CG  1 
ATOM   13  C  CD  . PRO A 1 3  ? 0.946   16.754  -13.914 1.00 29.15  ? 238 PRO A CD  1 
ATOM   14  N  N   . HIS A 1 4  ? -1.902  14.352  -11.144 1.00 19.23  ? 239 HIS A N   1 
ATOM   15  C  CA  . HIS A 1 4  ? -2.233  14.280  -9.748  1.00 15.84  ? 239 HIS A CA  1 
ATOM   16  C  C   . HIS A 1 4  ? -0.982  14.003  -8.940  1.00 15.56  ? 239 HIS A C   1 
ATOM   17  O  O   . HIS A 1 4  ? -0.099  13.257  -9.335  1.00 17.69  ? 239 HIS A O   1 
ATOM   18  C  CB  . HIS A 1 4  ? -3.252  13.188  -9.467  1.00 14.66  ? 239 HIS A CB  1 
ATOM   19  C  CG  . HIS A 1 4  ? -4.569  13.413  -10.126 1.00 14.33  ? 239 HIS A CG  1 
ATOM   20  N  ND1 . HIS A 1 4  ? -5.490  12.402  -10.282 1.00 12.34  ? 239 HIS A ND1 1 
ATOM   21  C  CD2 . HIS A 1 4  ? -5.110  14.522  -10.685 1.00 15.21  ? 239 HIS A CD2 1 
ATOM   22  C  CE1 . HIS A 1 4  ? -6.549  12.892  -10.906 1.00 13.10  ? 239 HIS A CE1 1 
ATOM   23  N  NE2 . HIS A 1 4  ? -6.335  14.167  -11.169 1.00 15.94  ? 239 HIS A NE2 1 
ATOM   24  N  N   . GLN A 1 5  ? -0.919  14.627  -7.787  1.00 15.07  ? 240 GLN A N   1 
ATOM   25  C  CA  . GLN A 1 5  ? 0.251   14.523  -6.936  1.00 15.44  ? 240 GLN A CA  1 
ATOM   26  C  C   . GLN A 1 5  ? 0.269   13.213  -6.149  1.00 14.57  ? 240 GLN A C   1 
ATOM   27  O  O   . GLN A 1 5  ? -0.778  12.646  -5.826  1.00 14.82  ? 240 GLN A O   1 
ATOM   28  C  CB  . GLN A 1 5  ? 0.258   15.681  -5.956  1.00 16.83  ? 240 GLN A CB  1 
ATOM   29  C  CG  . GLN A 1 5  ? 0.371   17.038  -6.640  1.00 20.41  ? 240 GLN A CG  1 
ATOM   30  C  CD  . GLN A 1 5  ? 1.605   17.119  -7.477  1.00 24.04  ? 240 GLN A CD  1 
ATOM   31  O  OE1 . GLN A 1 5  ? 2.721   16.953  -6.959  1.00 26.05  ? 240 GLN A OE1 1 
ATOM   32  N  NE2 . GLN A 1 5  ? 1.440   17.371  -8.786  1.00 27.36  ? 240 GLN A NE2 1 
ATOM   33  N  N   . PRO A 1 6  ? 1.465   12.750  -5.792  1.00 13.78  ? 241 PRO A N   1 
ATOM   34  C  CA  . PRO A 1 6  ? 1.577   11.653  -4.836  1.00 13.97  ? 241 PRO A CA  1 
ATOM   35  C  C   . PRO A 1 6  ? 0.902   12.060  -3.537  1.00 13.67  ? 241 PRO A C   1 
ATOM   36  O  O   . PRO A 1 6  ? 0.839   13.248  -3.223  1.00 14.66  ? 241 PRO A O   1 
ATOM   37  C  CB  . PRO A 1 6  ? 3.102   11.524  -4.650  1.00 15.67  ? 241 PRO A CB  1 
ATOM   38  C  CG  . PRO A 1 6  ? 3.651   12.072  -5.906  1.00 16.73  ? 241 PRO A CG  1 
ATOM   39  C  CD  . PRO A 1 6  ? 2.801   13.227  -6.206  1.00 15.56  ? 241 PRO A CD  1 
ATOM   40  N  N   . ARG A 1 7  ? 0.434   11.096  -2.771  1.00 12.32  ? 242 ARG A N   1 
ATOM   41  C  CA  A ARG A 1 7  ? -0.238  11.378  -1.522  0.50 12.06  ? 242 ARG A CA  1 
ATOM   42  C  CA  B ARG A 1 7  ? -0.208  11.407  -1.502  0.50 12.26  ? 242 ARG A CA  1 
ATOM   43  C  C   . ARG A 1 7  ? 0.046   10.307  -0.475  1.00 10.89  ? 242 ARG A C   1 
ATOM   44  O  O   . ARG A 1 7  ? 0.351   9.160   -0.822  1.00 11.74  ? 242 ARG A O   1 
ATOM   45  C  CB  A ARG A 1 7  ? -1.718  11.437  -1.809  0.50 12.75  ? 242 ARG A CB  1 
ATOM   46  C  CB  B ARG A 1 7  ? -1.709  11.661  -1.697  0.50 12.91  ? 242 ARG A CB  1 
ATOM   47  C  CG  A ARG A 1 7  ? -2.219  10.126  -2.358  0.50 11.75  ? 242 ARG A CG  1 
ATOM   48  C  CG  B ARG A 1 7  ? -2.543  10.385  -1.645  0.50 13.94  ? 242 ARG A CG  1 
ATOM   49  C  CD  A ARG A 1 7  ? -3.412  10.295  -3.150  0.50 13.76  ? 242 ARG A CD  1 
ATOM   50  C  CD  B ARG A 1 7  ? -3.720  10.356  -2.548  0.50 15.81  ? 242 ARG A CD  1 
ATOM   51  N  NE  A ARG A 1 7  ? -4.295  9.163   -2.957  0.50 14.31  ? 242 ARG A NE  1 
ATOM   52  N  NE  B ARG A 1 7  ? -4.007  9.015   -3.067  0.50 15.54  ? 242 ARG A NE  1 
ATOM   53  C  CZ  A ARG A 1 7  ? -4.228  8.070   -3.692  0.50 9.87   ? 242 ARG A CZ  1 
ATOM   54  C  CZ  B ARG A 1 7  ? -5.020  8.260   -2.651  0.50 14.35  ? 242 ARG A CZ  1 
ATOM   55  N  NH1 A ARG A 1 7  ? -3.342  7.980   -4.664  0.50 10.54  ? 242 ARG A NH1 1 
ATOM   56  N  NH1 B ARG A 1 7  ? -5.823  8.690   -1.689  0.50 15.31  ? 242 ARG A NH1 1 
ATOM   57  N  NH2 A ARG A 1 7  ? -5.072  7.071   -3.465  0.50 9.59   ? 242 ARG A NH2 1 
ATOM   58  N  NH2 B ARG A 1 7  ? -5.208  7.055   -3.177  0.50 14.02  ? 242 ARG A NH2 1 
ATOM   59  N  N   . VAL A 1 8  ? -0.116  10.686  0.782   1.00 9.92   ? 243 VAL A N   1 
ATOM   60  C  CA  . VAL A 1 8  ? 0.104   9.787   1.904   1.00 10.22  ? 243 VAL A CA  1 
ATOM   61  C  C   . VAL A 1 8  ? -1.227  9.225   2.376   1.00 10.45  ? 243 VAL A C   1 
ATOM   62  O  O   . VAL A 1 8  ? -2.197  9.972   2.552   1.00 12.16  ? 243 VAL A O   1 
ATOM   63  C  CB  . VAL A 1 8  ? 0.798   10.522  3.079   1.00 10.71  ? 243 VAL A CB  1 
ATOM   64  C  CG1 . VAL A 1 8  ? 0.877   9.649   4.322   1.00 12.16  ? 243 VAL A CG1 1 
ATOM   65  C  CG2 . VAL A 1 8  ? 2.201   11.015  2.653   1.00 12.16  ? 243 VAL A CG2 1 
ATOM   66  N  N   . VAL A 1 9  ? -1.268  7.909   2.580   1.00 9.31   ? 244 VAL A N   1 
ATOM   67  C  CA  . VAL A 1 9  ? -2.451  7.236   3.098   1.00 9.75   ? 244 VAL A CA  1 
ATOM   68  C  C   . VAL A 1 9  ? -2.023  6.370   4.270   1.00 9.60   ? 244 VAL A C   1 
ATOM   69  O  O   . VAL A 1 9  ? -1.148  5.515   4.131   1.00 10.47  ? 244 VAL A O   1 
ATOM   70  C  CB  . VAL A 1 9  ? -3.131  6.368   2.020   1.00 9.89   ? 244 VAL A CB  1 
ATOM   71  C  CG1 . VAL A 1 9  ? -4.373  5.693   2.582   1.00 10.92  ? 244 VAL A CG1 1 
ATOM   72  C  CG2 . VAL A 1 9  ? -3.504  7.232   0.795   1.00 12.08  ? 244 VAL A CG2 1 
ATOM   73  N  N   . VAL A 1 10 ? -2.638  6.589   5.428   1.00 10.45  ? 245 VAL A N   1 
ATOM   74  C  CA  . VAL A 1 10 ? -2.428  5.789   6.630   1.00 11.03  ? 245 VAL A CA  1 
ATOM   75  C  C   . VAL A 1 10 ? -3.550  4.768   6.737   1.00 10.21  ? 245 VAL A C   1 
ATOM   76  O  O   . VAL A 1 10 ? -4.721  5.110   6.612   1.00 11.73  ? 245 VAL A O   1 
ATOM   77  C  CB  . VAL A 1 10 ? -2.380  6.663   7.893   1.00 11.68  ? 245 VAL A CB  1 
ATOM   78  C  CG1 . VAL A 1 10 ? -2.127  5.804   9.113   1.00 14.47  ? 245 VAL A CG1 1 
ATOM   79  C  CG2 . VAL A 1 10 ? -1.326  7.761   7.751   1.00 13.60  ? 245 VAL A CG2 1 
ATOM   80  N  N   . ILE A 1 11 ? -3.201  3.507   6.943   1.00 10.40  ? 246 ILE A N   1 
ATOM   81  C  CA  . ILE A 1 11 ? -4.188  2.447   7.128   1.00 10.68  ? 246 ILE A CA  1 
ATOM   82  C  C   . ILE A 1 11 ? -3.851  1.677   8.376   1.00 11.12  ? 246 ILE A C   1 
ATOM   83  O  O   . ILE A 1 11 ? -2.704  1.318   8.608   1.00 11.08  ? 246 ILE A O   1 
ATOM   84  C  CB  . ILE A 1 11 ? -4.259  1.472   5.921   1.00 10.31  ? 246 ILE A CB  1 
ATOM   85  C  CG1 . ILE A 1 11 ? -4.117  2.202   4.578   1.00 10.19  ? 246 ILE A CG1 1 
ATOM   86  C  CG2 . ILE A 1 11 ? -5.552  0.661   5.960   1.00 11.38  ? 246 ILE A CG2 1 
ATOM   87  C  CD1 . ILE A 1 11 ? -2.686  2.332   3.984   1.00 10.98  ? 246 ILE A CD1 1 
ATOM   88  N  N   . LYS A 1 12 ? -4.873  1.411   9.196   1.00 12.82  ? 247 LYS A N   1 
ATOM   89  C  CA  . LYS A 1 12 ? -4.749  0.570   10.359  1.00 14.12  ? 247 LYS A CA  1 
ATOM   90  C  C   . LYS A 1 12 ? -5.365  -0.786  10.075  1.00 14.10  ? 247 LYS A C   1 
ATOM   91  O  O   . LYS A 1 12 ? -6.451  -0.895  9.498   1.00 14.68  ? 247 LYS A O   1 
ATOM   92  C  CB  . LYS A 1 12 ? -5.448  1.203   11.557  1.00 15.72  ? 247 LYS A CB  1 
ATOM   93  C  CG  . LYS A 1 12 ? -4.833  2.495   11.968  1.00 20.61  ? 247 LYS A CG  1 
ATOM   94  C  CD  . LYS A 1 12 ? -5.485  3.049   13.221  1.00 25.59  ? 247 LYS A CD  1 
ATOM   95  C  CE  . LYS A 1 12 ? -4.684  4.202   13.794  1.00 30.29  ? 247 LYS A CE  1 
ATOM   96  N  NZ  . LYS A 1 12 ? -4.934  4.376   15.256  1.00 33.86  ? 247 LYS A NZ  1 
ATOM   97  N  N   . LYS A 1 13 ? -4.665  -1.843  10.493  1.00 15.67  ? 248 LYS A N   1 
ATOM   98  C  CA  . LYS A 1 13 ? -5.064  -3.208  10.234  1.00 18.16  ? 248 LYS A CA  1 
ATOM   99  C  C   . LYS A 1 13 ? -6.332  -3.496  11.024  1.00 19.07  ? 248 LYS A C   1 
ATOM   100 O  O   . LYS A 1 13 ? -6.427  -3.160  12.215  1.00 21.90  ? 248 LYS A O   1 
ATOM   101 C  CB  . LYS A 1 13 ? -3.914  -4.141  10.638  1.00 19.32  ? 248 LYS A CB  1 
ATOM   102 C  CG  . LYS A 1 13 ? -3.751  -5.344  9.844   1.00 20.39  ? 248 LYS A CG  1 
ATOM   103 C  CD  . LYS A 1 13 ? -2.653  -6.221  10.345  1.00 18.51  ? 248 LYS A CD  1 
ATOM   104 C  CE  . LYS A 1 13 ? -1.310  -5.980  9.730   1.00 16.07  ? 248 LYS A CE  1 
ATOM   105 N  NZ  . LYS A 1 13 ? -0.493  -7.240  9.889   1.00 16.36  ? 248 LYS A NZ  1 
ATOM   106 N  N   . GLY A 1 14 ? -7.321  -4.067  10.351  1.00 20.27  ? 249 GLY A N   1 
ATOM   107 C  CA  . GLY A 1 14 ? -8.534  -4.508  11.010  1.00 22.31  ? 249 GLY A CA  1 
ATOM   108 C  C   . GLY A 1 14 ? -8.462  -5.976  11.394  1.00 23.93  ? 249 GLY A C   1 
ATOM   109 O  O   . GLY A 1 14 ? -7.418  -6.629  11.236  1.00 23.36  ? 249 GLY A O   1 
ATOM   110 N  N   A SER A 1 15 ? -9.593  -6.482  11.879  0.50 25.28  ? 250 SER A N   1 
ATOM   111 N  N   B SER A 1 15 ? -9.596  -6.486  11.867  0.50 25.12  ? 250 SER A N   1 
ATOM   112 C  CA  A SER A 1 15 ? -9.737  -7.878  12.287  0.50 25.81  ? 250 SER A CA  1 
ATOM   113 C  CA  B SER A 1 15 ? -9.731  -7.874  12.305  0.50 25.47  ? 250 SER A CA  1 
ATOM   114 C  C   A SER A 1 15 ? -9.438  -8.792  11.132  0.50 25.75  ? 250 SER A C   1 
ATOM   115 C  C   B SER A 1 15 ? -9.529  -8.824  11.135  0.50 25.57  ? 250 SER A C   1 
ATOM   116 O  O   A SER A 1 15 ? -8.962  -9.917  11.317  0.50 26.48  ? 250 SER A O   1 
ATOM   117 O  O   B SER A 1 15 ? -9.230  -10.004 11.320  0.50 26.16  ? 250 SER A O   1 
ATOM   118 C  CB  A SER A 1 15 ? -11.165 -8.156  12.766  0.50 26.27  ? 250 SER A CB  1 
ATOM   119 C  CB  B SER A 1 15 ? -11.120 -8.105  12.929  0.50 25.85  ? 250 SER A CB  1 
ATOM   120 O  OG  A SER A 1 15 ? -11.386 -7.584  14.030  0.50 27.92  ? 250 SER A OG  1 
ATOM   121 O  OG  B SER A 1 15 ? -12.147 -8.022  11.956  0.50 26.02  ? 250 SER A OG  1 
ATOM   122 N  N   . ASN A 1 16 ? -9.709  -8.288  9.934   1.00 24.74  ? 251 ASN A N   1 
ATOM   123 C  CA  A ASN A 1 16 ? -9.546  -9.050  8.706   0.70 24.20  ? 251 ASN A CA  1 
ATOM   124 C  CA  B ASN A 1 16 ? -9.595  -8.993  8.691   0.30 24.01  ? 251 ASN A CA  1 
ATOM   125 C  C   . ASN A 1 16 ? -8.411  -8.482  7.854   1.00 22.08  ? 251 ASN A C   1 
ATOM   126 O  O   . ASN A 1 16 ? -8.427  -8.577  6.637   1.00 23.09  ? 251 ASN A O   1 
ATOM   127 C  CB  A ASN A 1 16 ? -10.871 -9.085  7.933   0.70 25.20  ? 251 ASN A CB  1 
ATOM   128 C  CB  B ASN A 1 16 ? -10.893 -8.752  7.915   0.30 24.75  ? 251 ASN A CB  1 
ATOM   129 C  CG  A ASN A 1 16 ? -11.891 -9.971  8.603   0.70 28.40  ? 251 ASN A CG  1 
ATOM   130 C  CG  B ASN A 1 16 ? -11.580 -10.018 7.541   0.30 26.63  ? 251 ASN A CG  1 
ATOM   131 O  OD1 A ASN A 1 16 ? -11.801 -11.196 8.518   0.70 33.46  ? 251 ASN A OD1 1 
ATOM   132 O  OD1 B ASN A 1 16 ? -12.105 -10.723 8.399   0.30 28.50  ? 251 ASN A OD1 1 
ATOM   133 N  ND2 A ASN A 1 16 ? -12.834 -9.366  9.316   0.70 32.22  ? 251 ASN A ND2 1 
ATOM   134 N  ND2 B ASN A 1 16 ? -11.602 -10.317 6.249   0.30 28.58  ? 251 ASN A ND2 1 
ATOM   135 N  N   . GLY A 1 17 ? -7.397  -7.915  8.501   1.00 17.93  ? 252 GLY A N   1 
ATOM   136 C  CA  . GLY A 1 17 ? -6.217  -7.380  7.779   1.00 15.88  ? 252 GLY A CA  1 
ATOM   137 C  C   . GLY A 1 17 ? -6.456  -5.977  7.254   1.00 13.05  ? 252 GLY A C   1 
ATOM   138 O  O   . GLY A 1 17 ? -7.387  -5.285  7.646   1.00 13.54  ? 252 GLY A O   1 
ATOM   139 N  N   . TYR A 1 18 ? -5.590  -5.552  6.364   1.00 11.74  ? 253 TYR A N   1 
ATOM   140 C  CA  . TYR A 1 18 ? -5.733  -4.224  5.761   1.00 10.90  ? 253 TYR A CA  1 
ATOM   141 C  C   . TYR A 1 18 ? -6.827  -4.171  4.704   1.00 11.16  ? 253 TYR A C   1 
ATOM   142 O  O   . TYR A 1 18 ? -7.438  -3.128  4.495   1.00 12.21  ? 253 TYR A O   1 
ATOM   143 C  CB  . TYR A 1 18 ? -4.418  -3.807  5.095   1.00 11.20  ? 253 TYR A CB  1 
ATOM   144 C  CG  . TYR A 1 18 ? -3.328  -3.414  6.065   1.00 10.94  ? 253 TYR A CG  1 
ATOM   145 C  CD1 . TYR A 1 18 ? -3.453  -2.285  6.856   1.00 11.26  ? 253 TYR A CD1 1 
ATOM   146 C  CD2 . TYR A 1 18 ? -2.150  -4.122  6.140   1.00 11.04  ? 253 TYR A CD2 1 
ATOM   147 C  CE1 . TYR A 1 18 ? -2.464  -1.905  7.729   1.00 11.98  ? 253 TYR A CE1 1 
ATOM   148 C  CE2 . TYR A 1 18 ? -1.140  -3.732  7.013   1.00 11.28  ? 253 TYR A CE2 1 
ATOM   149 C  CZ  . TYR A 1 18 ? -1.302  -2.617  7.802   1.00 11.21  ? 253 TYR A CZ  1 
ATOM   150 O  OH  . TYR A 1 18 ? -0.328  -2.218  8.684   1.00 12.94  ? 253 TYR A OH  1 
ATOM   151 N  N   . GLY A 1 19 ? -7.012  -5.257  3.969   1.00 11.60  ? 254 GLY A N   1 
ATOM   152 C  CA  . GLY A 1 19 ? -7.962  -5.285  2.862   1.00 12.24  ? 254 GLY A CA  1 
ATOM   153 C  C   . GLY A 1 19 ? -7.451  -4.722  1.549   1.00 10.65  ? 254 GLY A C   1 
ATOM   154 O  O   . GLY A 1 19 ? -8.243  -4.474  0.661   1.00 11.84  ? 254 GLY A O   1 
ATOM   155 N  N   . PHE A 1 20 ? -6.139  -4.491  1.427   1.00 10.24  ? 255 PHE A N   1 
ATOM   156 C  CA  . PHE A 1 20 ? -5.496  -4.234  0.144   1.00 9.92   ? 255 PHE A CA  1 
ATOM   157 C  C   . PHE A 1 20 ? -4.476  -5.301  -0.111  1.00 10.01  ? 255 PHE A C   1 
ATOM   158 O  O   . PHE A 1 20 ? -3.955  -5.912  0.801   1.00 10.04  ? 255 PHE A O   1 
ATOM   159 C  CB  . PHE A 1 20 ? -4.828  -2.838  0.023   1.00 10.51  ? 255 PHE A CB  1 
ATOM   160 C  CG  . PHE A 1 20 ? -3.612  -2.642  0.875   1.00 10.39  ? 255 PHE A CG  1 
ATOM   161 C  CD1 . PHE A 1 20 ? -2.361  -2.979  0.394   1.00 9.95   ? 255 PHE A CD1 1 
ATOM   162 C  CD2 . PHE A 1 20 ? -3.690  -2.049  2.125   1.00 10.30  ? 255 PHE A CD2 1 
ATOM   163 C  CE1 . PHE A 1 20 ? -1.232  -2.787  1.148   1.00 10.37  ? 255 PHE A CE1 1 
ATOM   164 C  CE2 . PHE A 1 20 ? -2.554  -1.864  2.906   1.00 9.92   ? 255 PHE A CE2 1 
ATOM   165 C  CZ  . PHE A 1 20 ? -1.323  -2.226  2.410   1.00 10.32  ? 255 PHE A CZ  1 
ATOM   166 N  N   . TYR A 1 21 ? -4.142  -5.452  -1.376  1.00 9.53   ? 256 TYR A N   1 
ATOM   167 C  CA  . TYR A 1 21 ? -3.122  -6.387  -1.819  1.00 9.77   ? 256 TYR A CA  1 
ATOM   168 C  C   . TYR A 1 21 ? -2.161  -5.653  -2.749  1.00 9.88   ? 256 TYR A C   1 
ATOM   169 O  O   . TYR A 1 21 ? -2.387  -4.487  -3.089  1.00 11.32  ? 256 TYR A O   1 
ATOM   170 C  CB  . TYR A 1 21 ? -3.761  -7.631  -2.450  1.00 10.76  ? 256 TYR A CB  1 
ATOM   171 C  CG  . TYR A 1 21 ? -4.708  -8.292  -1.471  1.00 10.52  ? 256 TYR A CG  1 
ATOM   172 C  CD1 . TYR A 1 21 ? -4.243  -9.270  -0.596  1.00 12.11  ? 256 TYR A CD1 1 
ATOM   173 C  CD2 . TYR A 1 21 ? -6.028  -7.903  -1.369  1.00 11.53  ? 256 TYR A CD2 1 
ATOM   174 C  CE1 . TYR A 1 21 ? -5.060  -9.836  0.330   1.00 15.91  ? 256 TYR A CE1 1 
ATOM   175 C  CE2 . TYR A 1 21 ? -6.870  -8.459  -0.445  1.00 13.39  ? 256 TYR A CE2 1 
ATOM   176 C  CZ  . TYR A 1 21 ? -6.381  -9.433  0.404   1.00 16.52  ? 256 TYR A CZ  1 
ATOM   177 O  OH  . TYR A 1 21 ? -7.190  -10.007 1.338   1.00 23.35  ? 256 TYR A OH  1 
ATOM   178 N  N   . LEU A 1 22 ? -1.083  -6.309  -3.124  1.00 9.15   ? 257 LEU A N   1 
ATOM   179 C  CA  . LEU A 1 22 ? 0.011   -5.732  -3.888  1.00 9.15   ? 257 LEU A CA  1 
ATOM   180 C  C   . LEU A 1 22 ? 0.396   -6.644  -5.027  1.00 9.52   ? 257 LEU A C   1 
ATOM   181 O  O   . LEU A 1 22 ? 0.578   -7.845  -4.821  1.00 10.43  ? 257 LEU A O   1 
ATOM   182 C  CB  . LEU A 1 22 ? 1.236   -5.543  -2.987  1.00 9.09   ? 257 LEU A CB  1 
ATOM   183 C  CG  . LEU A 1 22 ? 1.070   -4.558  -1.833  1.00 9.62   ? 257 LEU A CG  1 
ATOM   184 C  CD1 . LEU A 1 22 ? 2.145   -4.836  -0.777  1.00 12.79  ? 257 LEU A CD1 1 
ATOM   185 C  CD2 . LEU A 1 22 ? 1.072   -3.128  -2.325  1.00 12.23  ? 257 LEU A CD2 1 
ATOM   186 N  N   . ARG A 1 23 ? 0.569   -6.079  -6.220  1.00 10.60  ? 258 ARG A N   1 
ATOM   187 C  CA  A ARG A 1 23 ? 1.007   -6.823  -7.378  0.50 13.02  ? 258 ARG A CA  1 
ATOM   188 C  CA  B ARG A 1 23 ? 1.094   -6.863  -7.341  0.50 12.52  ? 258 ARG A CA  1 
ATOM   189 C  C   . ARG A 1 23 ? 1.814   -5.925  -8.275  1.00 14.01  ? 258 ARG A C   1 
ATOM   190 O  O   . ARG A 1 23 ? 1.397   -4.793  -8.494  1.00 15.48  ? 258 ARG A O   1 
ATOM   191 C  CB  A ARG A 1 23 ? -0.184  -7.329  -8.186  0.50 14.53  ? 258 ARG A CB  1 
ATOM   192 C  CB  B ARG A 1 23 ? 0.022   -7.642  -8.137  0.50 13.65  ? 258 ARG A CB  1 
ATOM   193 C  CG  A ARG A 1 23 ? 0.262   -8.534  -8.951  0.50 17.33  ? 258 ARG A CG  1 
ATOM   194 C  CG  B ARG A 1 23 ? -0.628  -8.872  -7.485  0.50 14.20  ? 258 ARG A CG  1 
ATOM   195 C  CD  A ARG A 1 23 ? -0.614  -8.986  -10.079 0.50 19.35  ? 258 ARG A CD  1 
ATOM   196 C  CD  B ARG A 1 23 ? -1.740  -8.448  -6.613  0.50 15.72  ? 258 ARG A CD  1 
ATOM   197 N  NE  A ARG A 1 23 ? 0.198   -9.887  -10.892 0.50 22.34  ? 258 ARG A NE  1 
ATOM   198 N  NE  B ARG A 1 23 ? -2.591  -9.505  -6.062  0.50 11.96  ? 258 ARG A NE  1 
ATOM   199 C  CZ  A ARG A 1 23 ? -0.078  -10.378 -12.091 0.50 22.79  ? 258 ARG A CZ  1 
ATOM   200 C  CZ  B ARG A 1 23 ? -2.402  -10.058 -4.878  0.50 11.65  ? 258 ARG A CZ  1 
ATOM   201 N  NH1 A ARG A 1 23 ? -1.217  -10.140 -12.704 0.50 26.47  ? 258 ARG A NH1 1 
ATOM   202 N  NH1 B ARG A 1 23 ? -1.314  -9.773  -4.174  0.50 10.32  ? 258 ARG A NH1 1 
ATOM   203 N  NH2 A ARG A 1 23 ? 0.826   -11.154 -12.655 0.50 23.98  ? 258 ARG A NH2 1 
ATOM   204 N  NH2 B ARG A 1 23 ? -3.267  -10.944 -4.414  0.50 11.68  ? 258 ARG A NH2 1 
ATOM   205 N  N   . ALA A 1 24 ? 2.884   -6.442  -8.866  1.00 16.95  ? 259 ALA A N   1 
ATOM   206 C  CA  . ALA A 1 24 ? 3.636   -5.706  -9.879  1.00 19.82  ? 259 ALA A CA  1 
ATOM   207 C  C   . ALA A 1 24 ? 2.762   -5.455  -11.093 1.00 21.96  ? 259 ALA A C   1 
ATOM   208 O  O   . ALA A 1 24 ? 1.936   -6.270  -11.440 1.00 22.32  ? 259 ALA A O   1 
ATOM   209 C  CB  . ALA A 1 24 ? 4.871   -6.494  -10.295 1.00 22.75  ? 259 ALA A CB  1 
ATOM   210 N  N   . GLY A 1 25 ? 2.951   -4.306  -11.748 1.00 25.20  ? 260 GLY A N   1 
ATOM   211 C  CA  . GLY A 1 25 ? 2.195   -3.965  -12.941 1.00 27.66  ? 260 GLY A CA  1 
ATOM   212 C  C   . GLY A 1 25 ? 2.918   -4.545  -14.127 1.00 28.55  ? 260 GLY A C   1 
ATOM   213 O  O   . GLY A 1 25 ? 4.025   -5.067  -13.972 1.00 30.68  ? 260 GLY A O   1 
ATOM   214 N  N   . GLN A 1 28 ? 6.390   -4.836  -14.702 0.50 29.64  ? 263 GLN A N   1 
ATOM   215 C  CA  . GLN A 1 28 ? 6.874   -5.606  -13.567 0.50 28.90  ? 263 GLN A CA  1 
ATOM   216 C  C   . GLN A 1 28 ? 7.903   -4.802  -12.769 0.50 28.05  ? 263 GLN A C   1 
ATOM   217 O  O   . GLN A 1 28 ? 8.967   -5.313  -12.408 0.50 28.74  ? 263 GLN A O   1 
ATOM   218 C  CB  . GLN A 1 28 ? 7.426   -6.955  -14.039 0.50 29.23  ? 263 GLN A CB  1 
ATOM   219 C  CG  . GLN A 1 28 ? 6.389   -7.822  -14.770 0.50 29.70  ? 263 GLN A CG  1 
ATOM   220 C  CD  . GLN A 1 28 ? 5.214   -8.253  -13.889 0.50 30.41  ? 263 GLN A CD  1 
ATOM   221 O  OE1 . GLN A 1 28 ? 4.059   -7.865  -14.125 0.50 30.14  ? 263 GLN A OE1 1 
ATOM   222 N  NE2 . GLN A 1 28 ? 5.501   -9.065  -12.874 0.50 28.81  ? 263 GLN A NE2 1 
ATOM   223 N  N   . LYS A 1 29 ? 7.551   -3.546  -12.487 0.50 26.48  ? 264 LYS A N   1 
ATOM   224 C  CA  . LYS A 1 29 ? 8.359   -2.645  -11.653 0.50 25.02  ? 264 LYS A CA  1 
ATOM   225 C  C   . LYS A 1 29 ? 7.863   -2.588  -10.171 0.50 22.83  ? 264 LYS A C   1 
ATOM   226 O  O   . LYS A 1 29 ? 7.948   -3.587  -9.458  0.50 22.34  ? 264 LYS A O   1 
ATOM   227 C  CB  . LYS A 1 29 ? 8.374   -1.255  -12.292 0.50 24.97  ? 264 LYS A CB  1 
ATOM   228 C  CG  . LYS A 1 29 ? 8.880   -1.252  -13.724 0.50 25.84  ? 264 LYS A CG  1 
ATOM   229 N  N   . GLY A 1 30 ? 7.360   -1.438  -9.728  1.00 21.22  ? 265 GLY A N   1 
ATOM   230 C  CA  . GLY A 1 30 ? 6.792   -1.246  -8.393  1.00 18.86  ? 265 GLY A CA  1 
ATOM   231 C  C   . GLY A 1 30 ? 5.454   -1.927  -8.173  1.00 16.38  ? 265 GLY A C   1 
ATOM   232 O  O   . GLY A 1 30 ? 4.730   -2.267  -9.103  1.00 17.98  ? 265 GLY A O   1 
ATOM   233 N  N   . GLN A 1 31 ? 5.101   -2.090  -6.925  1.00 13.01  ? 266 GLN A N   1 
ATOM   234 C  CA  . GLN A 1 31 ? 3.877   -2.738  -6.531  1.00 11.94  ? 266 GLN A CA  1 
ATOM   235 C  C   . GLN A 1 31 ? 2.724   -1.784  -6.608  1.00 10.97  ? 266 GLN A C   1 
ATOM   236 O  O   . GLN A 1 31 ? 2.805   -0.647  -6.132  1.00 12.64  ? 266 GLN A O   1 
ATOM   237 C  CB  . GLN A 1 31 ? 3.945   -3.265  -5.100  1.00 12.34  ? 266 GLN A CB  1 
ATOM   238 C  CG  . GLN A 1 31 ? 5.026   -4.292  -4.852  1.00 12.58  ? 266 GLN A CG  1 
ATOM   239 C  CD  . GLN A 1 31 ? 4.790   -5.583  -5.589  1.00 11.08  ? 266 GLN A CD  1 
ATOM   240 O  OE1 . GLN A 1 31 ? 3.790   -6.251  -5.357  1.00 11.38  ? 266 GLN A OE1 1 
ATOM   241 N  NE2 . GLN A 1 31 ? 5.708   -5.954  -6.483  1.00 12.57  ? 266 GLN A NE2 1 
ATOM   242 N  N   . ILE A 1 32 ? 1.660   -2.268  -7.221  1.00 10.70  ? 267 ILE A N   1 
ATOM   243 C  CA  A ILE A 1 32 ? 0.416   -1.521  -7.306  0.50 11.46  ? 267 ILE A CA  1 
ATOM   244 C  CA  B ILE A 1 32 ? 0.379   -1.577  -7.358  0.50 11.13  ? 267 ILE A CA  1 
ATOM   245 C  C   . ILE A 1 32 ? -0.605  -2.129  -6.342  1.00 10.42  ? 267 ILE A C   1 
ATOM   246 O  O   . ILE A 1 32 ? -0.673  -3.341  -6.162  1.00 11.29  ? 267 ILE A O   1 
ATOM   247 C  CB  A ILE A 1 32 ? -0.134  -1.429  -8.772  0.50 12.10  ? 267 ILE A CB  1 
ATOM   248 C  CB  B ILE A 1 32 ? -0.251  -1.811  -8.772  0.50 11.61  ? 267 ILE A CB  1 
ATOM   249 C  CG1 A ILE A 1 32 ? 0.957   -0.924  -9.731  0.50 14.05  ? 267 ILE A CG1 1 
ATOM   250 C  CG1 B ILE A 1 32 ? 0.781   -1.559  -9.875  0.50 12.25  ? 267 ILE A CG1 1 
ATOM   251 C  CG2 A ILE A 1 32 ? -1.332  -0.480  -8.847  0.50 13.39  ? 267 ILE A CG2 1 
ATOM   252 C  CG2 B ILE A 1 32 ? -1.508  -0.949  -8.977  0.50 12.83  ? 267 ILE A CG2 1 
ATOM   253 C  CD1 A ILE A 1 32 ? 0.688   -1.223  -11.170 0.50 18.71  ? 267 ILE A CD1 1 
ATOM   254 C  CD1 B ILE A 1 32 ? 1.510   -0.245  -9.744  0.50 12.93  ? 267 ILE A CD1 1 
ATOM   255 N  N   . ILE A 1 33 ? -1.360  -1.256  -5.709  1.00 10.40  ? 268 ILE A N   1 
ATOM   256 C  CA  . ILE A 1 33 ? -2.480  -1.653  -4.863  1.00 10.26  ? 268 ILE A CA  1 
ATOM   257 C  C   . ILE A 1 33 ? -3.559  -2.303  -5.701  1.00 11.04  ? 268 ILE A C   1 
ATOM   258 O  O   . ILE A 1 33 ? -3.978  -1.715  -6.715  1.00 12.30  ? 268 ILE A O   1 
ATOM   259 C  CB  . ILE A 1 33 ? -3.085  -0.447  -4.146  1.00 10.82  ? 268 ILE A CB  1 
ATOM   260 C  CG1 . ILE A 1 33 ? -2.053  0.253   -3.248  1.00 12.83  ? 268 ILE A CG1 1 
ATOM   261 C  CG2 . ILE A 1 33 ? -4.374  -0.830  -3.361  1.00 13.42  ? 268 ILE A CG2 1 
ATOM   262 C  CD1 . ILE A 1 33 ? -1.671  -0.495  -2.009  1.00 14.77  ? 268 ILE A CD1 1 
ATOM   263 N  N   . LYS A 1 34 ? -4.016  -3.493  -5.264  1.00 11.32  ? 269 LYS A N   1 
ATOM   264 C  CA  . LYS A 1 34 ? -5.020  -4.251  -6.007  1.00 12.04  ? 269 LYS A CA  1 
ATOM   265 C  C   . LYS A 1 34 ? -6.014  -4.889  -5.096  1.00 11.82  ? 269 LYS A C   1 
ATOM   266 O  O   . LYS A 1 34 ? -5.744  -5.150  -3.908  1.00 12.44  ? 269 LYS A O   1 
ATOM   267 C  CB  . LYS A 1 34 ? -4.371  -5.325  -6.905  1.00 13.35  ? 269 LYS A CB  1 
ATOM   268 C  CG  . LYS A 1 34 ? -3.508  -4.814  -8.067  1.00 15.10  ? 269 LYS A CG  1 
ATOM   269 C  CD  . LYS A 1 34 ? -4.323  -3.911  -9.028  1.00 17.99  ? 269 LYS A CD  1 
ATOM   270 C  CE  . LYS A 1 34 ? -3.554  -3.477  -10.261 1.00 19.27  ? 269 LYS A CE  1 
ATOM   271 N  NZ  . LYS A 1 34 ? -4.398  -2.598  -11.118 1.00 20.86  ? 269 LYS A NZ  1 
ATOM   272 N  N   . ASP A 1 35 ? -7.173  -5.202  -5.672  1.00 12.53  ? 270 ASP A N   1 
ATOM   273 C  CA  . ASP A 1 35 ? -8.149  -6.096  -5.054  1.00 14.26  ? 270 ASP A CA  1 
ATOM   274 C  C   . ASP A 1 35 ? -8.582  -5.615  -3.689  1.00 13.39  ? 270 ASP A C   1 
ATOM   275 O  O   . ASP A 1 35 ? -8.704  -6.388  -2.739  1.00 14.83  ? 270 ASP A O   1 
ATOM   276 C  CB  . ASP A 1 35 ? -7.594  -7.514  -5.020  1.00 15.58  ? 270 ASP A CB  1 
ATOM   277 C  CG  . ASP A 1 35 ? -7.338  -8.068  -6.395  1.00 19.42  ? 270 ASP A CG  1 
ATOM   278 O  OD1 . ASP A 1 35 ? -8.171  -7.843  -7.293  1.00 23.39  ? 270 ASP A OD1 1 
ATOM   279 O  OD2 . ASP A 1 35 ? -6.284  -8.723  -6.595  1.00 21.00  ? 270 ASP A OD2 1 
ATOM   280 N  N   . ILE A 1 36 ? -8.835  -4.315  -3.613  1.00 12.33  ? 271 ILE A N   1 
ATOM   281 C  CA  . ILE A 1 36 ? -9.306  -3.735  -2.364  1.00 12.00  ? 271 ILE A CA  1 
ATOM   282 C  C   . ILE A 1 36 ? -10.641 -4.338  -1.992  1.00 12.57  ? 271 ILE A C   1 
ATOM   283 O  O   . ILE A 1 36 ? -11.581 -4.369  -2.792  1.00 12.94  ? 271 ILE A O   1 
ATOM   284 C  CB  . ILE A 1 36 ? -9.389  -2.207  -2.452  1.00 11.64  ? 271 ILE A CB  1 
ATOM   285 C  CG1 . ILE A 1 36 ? -7.989  -1.635  -2.626  1.00 12.26  ? 271 ILE A CG1 1 
ATOM   286 C  CG2 . ILE A 1 36 ? -10.073 -1.637  -1.221  1.00 13.37  ? 271 ILE A CG2 1 
ATOM   287 C  CD1 . ILE A 1 36 ? -7.991  -0.243  -3.061  1.00 13.58  ? 271 ILE A CD1 1 
ATOM   288 N  N   . GLU A 1 37 ? -10.755 -4.780  -0.756  1.00 12.52  ? 272 GLU A N   1 
ATOM   289 C  CA  A GLU A 1 37 ? -11.975 -5.416  -0.284  0.40 13.45  ? 272 GLU A CA  1 
ATOM   290 C  CA  B GLU A 1 37 ? -11.990 -5.405  -0.271  0.60 14.00  ? 272 GLU A CA  1 
ATOM   291 C  C   . GLU A 1 37 ? -13.011 -4.346  0.094   1.00 14.13  ? 272 GLU A C   1 
ATOM   292 O  O   . GLU A 1 37 ? -12.725 -3.427  0.864   1.00 13.37  ? 272 GLU A O   1 
ATOM   293 C  CB  A GLU A 1 37 ? -11.664 -6.327  0.907   0.40 13.89  ? 272 GLU A CB  1 
ATOM   294 C  CB  B GLU A 1 37 ? -11.719 -6.232  0.981   0.60 15.07  ? 272 GLU A CB  1 
ATOM   295 C  CG  A GLU A 1 37 ? -10.740 -7.501  0.537   0.40 13.79  ? 272 GLU A CG  1 
ATOM   296 C  CG  B GLU A 1 37 ? -12.922 -6.970  1.569   0.60 19.53  ? 272 GLU A CG  1 
ATOM   297 C  CD  A GLU A 1 37 ? -10.206 -8.255  1.720   0.40 13.98  ? 272 GLU A CD  1 
ATOM   298 C  CD  B GLU A 1 37 ? -13.487 -8.086  0.691   0.60 23.07  ? 272 GLU A CD  1 
ATOM   299 O  OE1 A GLU A 1 37 ? -10.400 -7.831  2.872   0.40 17.53  ? 272 GLU A OE1 1 
ATOM   300 O  OE1 B GLU A 1 37 ? -12.910 -8.444  -0.363  0.60 24.07  ? 272 GLU A OE1 1 
ATOM   301 O  OE2 A GLU A 1 37 ? -9.624  -9.307  1.469   0.40 14.58  ? 272 GLU A OE2 1 
ATOM   302 O  OE2 B GLU A 1 37 ? -14.537 -8.629  1.087   0.60 28.04  ? 272 GLU A OE2 1 
ATOM   303 N  N   . PRO A 1 38 ? -14.246 -4.470  -0.419  1.00 16.47  ? 273 PRO A N   1 
ATOM   304 C  CA  . PRO A 1 38 ? -15.299 -3.535  0.031   1.00 16.78  ? 273 PRO A CA  1 
ATOM   305 C  C   . PRO A 1 38 ? -15.479 -3.574  1.546   1.00 16.14  ? 273 PRO A C   1 
ATOM   306 O  O   . PRO A 1 38 ? -15.455 -4.642  2.157   1.00 17.88  ? 273 PRO A O   1 
ATOM   307 C  CB  . PRO A 1 38 ? -16.539 -4.024  -0.729  1.00 18.29  ? 273 PRO A CB  1 
ATOM   308 C  CG  . PRO A 1 38 ? -15.972 -4.566  -1.977  1.00 19.77  ? 273 PRO A CG  1 
ATOM   309 C  CD  . PRO A 1 38 ? -14.705 -5.297  -1.555  1.00 18.05  ? 273 PRO A CD  1 
ATOM   310 N  N   . GLY A 1 39 ? -15.615 -2.408  2.158   1.00 15.01  ? 274 GLY A N   1 
ATOM   311 C  CA  . GLY A 1 39 ? -15.857 -2.318  3.592   1.00 15.53  ? 274 GLY A CA  1 
ATOM   312 C  C   . GLY A 1 39 ? -14.584 -2.431  4.426   1.00 15.43  ? 274 GLY A C   1 
ATOM   313 O  O   . GLY A 1 39 ? -14.643 -2.389  5.650   1.00 17.68  ? 274 GLY A O   1 
ATOM   314 N  N   . SER A 1 40 ? -13.422 -2.507  3.782   1.00 13.50  ? 275 SER A N   1 
ATOM   315 C  CA  . SER A 1 40 ? -12.149 -2.708  4.490   1.00 13.44  ? 275 SER A CA  1 
ATOM   316 C  C   . SER A 1 40 ? -11.526 -1.388  4.932   1.00 12.19  ? 275 SER A C   1 
ATOM   317 O  O   . SER A 1 40 ? -11.865 -0.312  4.411   1.00 12.10  ? 275 SER A O   1 
ATOM   318 C  CB  . SER A 1 40 ? -11.163 -3.400  3.581   1.00 13.18  ? 275 SER A CB  1 
ATOM   319 O  OG  . SER A 1 40 ? -10.802 -2.572  2.490   1.00 13.66  ? 275 SER A OG  1 
ATOM   320 N  N   . PRO A 1 41 ? -10.523 -1.472  5.825   1.00 11.63  ? 276 PRO A N   1 
ATOM   321 C  CA  . PRO A 1 41 ? -9.789  -0.261  6.175   1.00 12.01  ? 276 PRO A CA  1 
ATOM   322 C  C   . PRO A 1 41 ? -9.112  0.390   4.970   1.00 10.29  ? 276 PRO A C   1 
ATOM   323 O  O   . PRO A 1 41 ? -9.064  1.598   4.883   1.00 10.64  ? 276 PRO A O   1 
ATOM   324 C  CB  . PRO A 1 41 ? -8.764  -0.769  7.200   1.00 13.19  ? 276 PRO A CB  1 
ATOM   325 C  CG  . PRO A 1 41 ? -9.436  -1.962  7.850   1.00 14.32  ? 276 PRO A CG  1 
ATOM   326 C  CD  . PRO A 1 41 ? -10.152 -2.620  6.689   1.00 12.93  ? 276 PRO A CD  1 
ATOM   327 N  N   . ALA A 1 42 ? -8.614  -0.413  4.037   1.00 10.26  ? 277 ALA A N   1 
ATOM   328 C  CA  . ALA A 1 42 ? -7.995  0.092   2.824   1.00 9.49   ? 277 ALA A CA  1 
ATOM   329 C  C   . ALA A 1 42 ? -8.938  0.991   2.027   1.00 9.56   ? 277 ALA A C   1 
ATOM   330 O  O   . ALA A 1 42 ? -8.563  2.083   1.587   1.00 10.04  ? 277 ALA A O   1 
ATOM   331 C  CB  . ALA A 1 42 ? -7.551  -1.062  1.965   1.00 10.90  ? 277 ALA A CB  1 
ATOM   332 N  N   . GLU A 1 43 ? -10.160 0.516   1.821   1.00 9.98   ? 278 GLU A N   1 
ATOM   333 C  CA  . GLU A 1 43 ? -11.131 1.303   1.083   1.00 10.24  ? 278 GLU A CA  1 
ATOM   334 C  C   . GLU A 1 43 ? -11.452 2.596   1.832   1.00 10.17  ? 278 GLU A C   1 
ATOM   335 O  O   . GLU A 1 43 ? -11.500 3.687   1.242   1.00 10.46  ? 278 GLU A O   1 
ATOM   336 C  CB  . GLU A 1 43 ? -12.406 0.495   0.866   1.00 11.18  ? 278 GLU A CB  1 
ATOM   337 C  CG  . GLU A 1 43 ? -13.474 1.228   0.044   1.00 12.20  ? 278 GLU A CG  1 
ATOM   338 C  CD  . GLU A 1 43 ? -14.810 0.539   0.075   1.00 12.89  ? 278 GLU A CD  1 
ATOM   339 O  OE1 . GLU A 1 43 ? -15.267 0.164   1.166   1.00 15.22  ? 278 GLU A OE1 1 
ATOM   340 O  OE2 . GLU A 1 43 ? -15.423 0.415   -0.995  1.00 15.78  ? 278 GLU A OE2 1 
ATOM   341 N  N   . ALA A 1 44 ? -11.704 2.474   3.140   1.00 10.46  ? 279 ALA A N   1 
ATOM   342 C  CA  . ALA A 1 44 ? -12.096 3.615   3.953   1.00 11.71  ? 279 ALA A CA  1 
ATOM   343 C  C   . ALA A 1 44 ? -11.022 4.667   4.024   1.00 11.03  ? 279 ALA A C   1 
ATOM   344 O  O   . ALA A 1 44 ? -11.308 5.852   4.155   1.00 12.47  ? 279 ALA A O   1 
ATOM   345 C  CB  . ALA A 1 44 ? -12.509 3.148   5.372   1.00 13.46  ? 279 ALA A CB  1 
ATOM   346 N  N   . ALA A 1 45 ? -9.759  4.252   3.972   1.00 10.87  ? 280 ALA A N   1 
ATOM   347 C  CA  . ALA A 1 45 ? -8.624  5.169   4.055   1.00 10.90  ? 280 ALA A CA  1 
ATOM   348 C  C   . ALA A 1 45 ? -8.341  5.909   2.761   1.00 10.54  ? 280 ALA A C   1 
ATOM   349 O  O   . ALA A 1 45 ? -7.584  6.862   2.754   1.00 12.45  ? 280 ALA A O   1 
ATOM   350 C  CB  . ALA A 1 45 ? -7.380  4.387   4.484   1.00 12.12  ? 280 ALA A CB  1 
ATOM   351 N  N   . GLY A 1 46 ? -8.907  5.441   1.672   1.00 9.90   ? 281 GLY A N   1 
ATOM   352 C  CA  . GLY A 1 46 ? -8.717  6.080   0.390   1.00 10.27  ? 281 GLY A CA  1 
ATOM   353 C  C   . GLY A 1 46 ? -7.656  5.521   -0.519  1.00 10.00  ? 281 GLY A C   1 
ATOM   354 O  O   . GLY A 1 46 ? -7.106  6.261   -1.333  1.00 11.70  ? 281 GLY A O   1 
ATOM   355 N  N   . LEU A 1 47 ? -7.394  4.228   -0.414  1.00 9.26   ? 282 LEU A N   1 
ATOM   356 C  CA  . LEU A 1 47 ? -6.626  3.557   -1.436  1.00 9.07   ? 282 LEU A CA  1 
ATOM   357 C  C   . LEU A 1 47 ? -7.505  3.214   -2.637  1.00 9.25   ? 282 LEU A C   1 
ATOM   358 O  O   . LEU A 1 47 ? -8.733  3.070   -2.506  1.00 9.92   ? 282 LEU A O   1 
ATOM   359 C  CB  . LEU A 1 47 ? -5.965  2.300   -0.883  1.00 9.40   ? 282 LEU A CB  1 
ATOM   360 C  CG  . LEU A 1 47 ? -4.904  2.516   0.186   1.00 9.27   ? 282 LEU A CG  1 
ATOM   361 C  CD1 . LEU A 1 47 ? -4.416  1.142   0.704   1.00 11.05  ? 282 LEU A CD1 1 
ATOM   362 C  CD2 . LEU A 1 47 ? -3.746  3.321   -0.362  1.00 10.91  ? 282 LEU A CD2 1 
ATOM   363 N  N   . LYS A 1 48 ? -6.866  3.041   -3.788  1.00 9.38   ? 283 LYS A N   1 
ATOM   364 C  CA  . LYS A 1 48 ? -7.556  2.620   -5.003  1.00 9.30   ? 283 LYS A CA  1 
ATOM   365 C  C   . LYS A 1 48 ? -6.601  1.781   -5.850  1.00 9.50   ? 283 LYS A C   1 
ATOM   366 O  O   . LYS A 1 48 ? -5.388  1.759   -5.641  1.00 9.99   ? 283 LYS A O   1 
ATOM   367 C  CB  . LYS A 1 48 ? -8.103  3.809   -5.786  1.00 9.72   ? 283 LYS A CB  1 
ATOM   368 C  CG  . LYS A 1 48 ? -7.043  4.809   -6.187  1.00 10.38  ? 283 LYS A CG  1 
ATOM   369 C  CD  . LYS A 1 48 ? -7.563  5.953   -7.026  1.00 11.19  ? 283 LYS A CD  1 
ATOM   370 C  CE  . LYS A 1 48 ? -6.595  7.118   -7.154  1.00 12.70  ? 283 LYS A CE  1 
ATOM   371 N  NZ  . LYS A 1 48 ? -5.288  6.691   -7.674  1.00 11.96  ? 283 LYS A NZ  1 
ATOM   372 N  N   . ASN A 1 49 ? -7.166  1.068   -6.820  1.00 10.16  ? 284 ASN A N   1 
ATOM   373 C  CA  . ASN A 1 49 ? -6.444  0.015   -7.512  1.00 10.16  ? 284 ASN A CA  1 
ATOM   374 C  C   . ASN A 1 49 ? -5.559  0.423   -8.664  1.00 11.01  ? 284 ASN A C   1 
ATOM   375 O  O   . ASN A 1 49 ? -5.128  -0.434  -9.435  1.00 12.07  ? 284 ASN A O   1 
ATOM   376 C  CB  . ASN A 1 49 ? -7.399  -1.121  -7.934  1.00 10.95  ? 284 ASN A CB  1 
ATOM   377 C  CG  . ASN A 1 49 ? -8.249  -0.768  -9.098  1.00 11.91  ? 284 ASN A CG  1 
ATOM   378 O  OD1 . ASN A 1 49 ? -8.309  0.388   -9.512  1.00 12.46  ? 284 ASN A OD1 1 
ATOM   379 N  ND2 . ASN A 1 49 ? -8.946  -1.767  -9.642  1.00 17.17  ? 284 ASN A ND2 1 
ATOM   380 N  N   . ASN A 1 50 ? -5.249  1.713   -8.775  1.00 11.10  ? 285 ASN A N   1 
ATOM   381 C  CA  . ASN A 1 50 ? -4.128  2.173   -9.626  1.00 11.70  ? 285 ASN A CA  1 
ATOM   382 C  C   . ASN A 1 50 ? -3.083  2.926   -8.837  1.00 11.92  ? 285 ASN A C   1 
ATOM   383 O  O   . ASN A 1 50 ? -2.291  3.646   -9.411  1.00 12.15  ? 285 ASN A O   1 
ATOM   384 C  CB  . ASN A 1 50 ? -4.625  2.999   -10.835 1.00 12.35  ? 285 ASN A CB  1 
ATOM   385 C  CG  . ASN A 1 50 ? -5.010  4.421   -10.466 1.00 12.61  ? 285 ASN A CG  1 
ATOM   386 O  OD1 . ASN A 1 50 ? -4.813  5.380   -11.260 1.00 16.95  ? 285 ASN A OD1 1 
ATOM   387 N  ND2 . ASN A 1 50 ? -5.587  4.573   -9.311  1.00 10.42  ? 285 ASN A ND2 1 
ATOM   388 N  N   . ASP A 1 51 ? -3.047  2.728   -7.514  1.00 11.16  ? 286 ASP A N   1 
ATOM   389 C  CA  . ASP A 1 51 ? -2.024  3.344   -6.679  1.00 9.88   ? 286 ASP A CA  1 
ATOM   390 C  C   . ASP A 1 51 ? -0.715  2.564   -6.685  1.00 10.02  ? 286 ASP A C   1 
ATOM   391 O  O   . ASP A 1 51 ? -0.650  1.418   -6.272  1.00 12.30  ? 286 ASP A O   1 
ATOM   392 C  CB  . ASP A 1 51 ? -2.529  3.444   -5.237  1.00 9.58   ? 286 ASP A CB  1 
ATOM   393 C  CG  . ASP A 1 51 ? -3.561  4.541   -4.995  1.00 10.68  ? 286 ASP A CG  1 
ATOM   394 O  OD1 . ASP A 1 51 ? -3.602  5.534   -5.775  1.00 11.64  ? 286 ASP A OD1 1 
ATOM   395 O  OD2 . ASP A 1 51 ? -4.315  4.404   -4.002  1.00 10.81  ? 286 ASP A OD2 1 
ATOM   396 N  N   . LEU A 1 52 ? 0.335   3.201   -7.170  1.00 9.68   ? 287 LEU A N   1 
ATOM   397 C  CA  . LEU A 1 52 ? 1.694   2.681   -7.101  1.00 9.41   ? 287 LEU A CA  1 
ATOM   398 C  C   . LEU A 1 52 ? 2.315   3.036   -5.767  1.00 8.92   ? 287 LEU A C   1 
ATOM   399 O  O   . LEU A 1 52 ? 2.338   4.205   -5.400  1.00 10.00  ? 287 LEU A O   1 
ATOM   400 C  CB  . LEU A 1 52 ? 2.516   3.280   -8.220  1.00 11.25  ? 287 LEU A CB  1 
ATOM   401 C  CG  . LEU A 1 52 ? 4.020   2.932   -8.226  1.00 14.10  ? 287 LEU A CG  1 
ATOM   402 C  CD1 . LEU A 1 52 ? 4.214   1.457   -8.554  1.00 17.67  ? 287 LEU A CD1 1 
ATOM   403 C  CD2 . LEU A 1 52 ? 4.810   3.816   -9.179  1.00 15.89  ? 287 LEU A CD2 1 
ATOM   404 N  N   . VAL A 1 53 ? 2.789   2.035   -5.035  1.00 8.67   ? 288 VAL A N   1 
ATOM   405 C  CA  . VAL A 1 53 ? 3.392   2.272   -3.723  1.00 8.98   ? 288 VAL A CA  1 
ATOM   406 C  C   . VAL A 1 53 ? 4.856   2.623   -3.897  1.00 9.05   ? 288 VAL A C   1 
ATOM   407 O  O   . VAL A 1 53 ? 5.621   1.823   -4.435  1.00 10.19  ? 288 VAL A O   1 
ATOM   408 C  CB  . VAL A 1 53 ? 3.246   1.042   -2.799  1.00 9.02   ? 288 VAL A CB  1 
ATOM   409 C  CG1 . VAL A 1 53 ? 3.900   1.308   -1.457  1.00 10.26  ? 288 VAL A CG1 1 
ATOM   410 C  CG2 . VAL A 1 53 ? 1.766   0.663   -2.644  1.00 10.93  ? 288 VAL A CG2 1 
ATOM   411 N  N   . VAL A 1 54 ? 5.243   3.820   -3.460  1.00 8.86   ? 289 VAL A N   1 
ATOM   412 C  CA  . VAL A 1 54 ? 6.626   4.254   -3.576  1.00 9.53   ? 289 VAL A CA  1 
ATOM   413 C  C   . VAL A 1 54 ? 7.361   4.388   -2.242  1.00 8.90   ? 289 VAL A C   1 
ATOM   414 O  O   . VAL A 1 54 ? 8.591   4.372   -2.231  1.00 9.82   ? 289 VAL A O   1 
ATOM   415 C  CB  . VAL A 1 54 ? 6.784   5.529   -4.422  1.00 9.95   ? 289 VAL A CB  1 
ATOM   416 C  CG1 . VAL A 1 54 ? 6.330   5.280   -5.849  1.00 12.33  ? 289 VAL A CG1 1 
ATOM   417 C  CG2 . VAL A 1 54 ? 6.087   6.721   -3.784  1.00 11.25  ? 289 VAL A CG2 1 
ATOM   418 N  N   . ALA A 1 55 ? 6.641   4.463   -1.118  1.00 8.67   ? 290 ALA A N   1 
ATOM   419 C  CA  . ALA A 1 55 ? 7.297   4.450   0.198   1.00 8.91   ? 290 ALA A CA  1 
ATOM   420 C  C   . ALA A 1 55 ? 6.356   3.845   1.221   1.00 8.68   ? 290 ALA A C   1 
ATOM   421 O  O   . ALA A 1 55 ? 5.136   3.892   1.078   1.00 8.88   ? 290 ALA A O   1 
ATOM   422 C  CB  . ALA A 1 55 ? 7.762   5.832   0.660   1.00 10.37  ? 290 ALA A CB  1 
ATOM   423 N  N   . VAL A 1 56 ? 6.970   3.278   2.253   1.00 8.45   ? 291 VAL A N   1 
ATOM   424 C  CA  . VAL A 1 56 ? 6.289   2.688   3.399   1.00 9.03   ? 291 VAL A CA  1 
ATOM   425 C  C   . VAL A 1 56 ? 6.978   3.282   4.633   1.00 9.20   ? 291 VAL A C   1 
ATOM   426 O  O   . VAL A 1 56 ? 8.190   3.146   4.803   1.00 9.83   ? 291 VAL A O   1 
ATOM   427 C  CB  . VAL A 1 56 ? 6.418   1.166   3.390   1.00 9.03   ? 291 VAL A CB  1 
ATOM   428 C  CG1 . VAL A 1 56 ? 5.845   0.580   4.656   1.00 10.25  ? 291 VAL A CG1 1 
ATOM   429 C  CG2 . VAL A 1 56 ? 5.752   0.579   2.135   1.00 9.92   ? 291 VAL A CG2 1 
ATOM   430 N  N   . ASN A 1 57 ? 6.205   3.994   5.459   1.00 9.06   ? 292 ASN A N   1 
ATOM   431 C  CA  . ASN A 1 57 ? 6.725   4.535   6.706   1.00 9.60   ? 292 ASN A CA  1 
ATOM   432 C  C   . ASN A 1 57 ? 7.974   5.398   6.476   1.00 9.93   ? 292 ASN A C   1 
ATOM   433 O  O   . ASN A 1 57 ? 8.920   5.339   7.247   1.00 11.28  ? 292 ASN A O   1 
ATOM   434 C  CB  . ASN A 1 57 ? 6.996   3.409   7.722   1.00 10.79  ? 292 ASN A CB  1 
ATOM   435 C  CG  . ASN A 1 57 ? 5.778   2.518   7.965   1.00 10.11  ? 292 ASN A CG  1 
ATOM   436 O  OD1 . ASN A 1 57 ? 5.917   1.289   8.248   1.00 12.60  ? 292 ASN A OD1 1 
ATOM   437 N  ND2 . ASN A 1 57 ? 4.609   3.086   7.849   1.00 9.23   ? 292 ASN A ND2 1 
ATOM   438 N  N   . GLY A 1 58 ? 7.950   6.193   5.414   1.00 9.76   ? 293 GLY A N   1 
ATOM   439 C  CA  . GLY A 1 58 ? 9.024   7.122   5.093   1.00 9.94   ? 293 GLY A CA  1 
ATOM   440 C  C   . GLY A 1 58 ? 10.194  6.526   4.338   1.00 9.71   ? 293 GLY A C   1 
ATOM   441 O  O   . GLY A 1 58 ? 11.106  7.242   3.951   1.00 11.47  ? 293 GLY A O   1 
ATOM   442 N  N   . LYS A 1 59 ? 10.185  5.203   4.126   1.00 10.44  ? 294 LYS A N   1 
ATOM   443 C  CA  A LYS A 1 59 ? 11.253  4.474   3.473   0.60 10.36  ? 294 LYS A CA  1 
ATOM   444 C  CA  B LYS A 1 59 ? 11.289  4.586   3.431   0.40 11.00  ? 294 LYS A CA  1 
ATOM   445 C  C   . LYS A 1 59 ? 10.878  4.191   2.019   1.00 9.92   ? 294 LYS A C   1 
ATOM   446 O  O   . LYS A 1 59 ? 9.856   3.555   1.773   1.00 10.53  ? 294 LYS A O   1 
ATOM   447 C  CB  A LYS A 1 59 ? 11.483  3.149   4.229   0.60 10.84  ? 294 LYS A CB  1 
ATOM   448 C  CB  B LYS A 1 59 ? 11.880  3.426   4.232   0.40 12.15  ? 294 LYS A CB  1 
ATOM   449 C  CG  A LYS A 1 59 ? 12.016  3.414   5.643   0.60 11.60  ? 294 LYS A CG  1 
ATOM   450 C  CG  B LYS A 1 59 ? 12.632  3.923   5.480   0.40 14.78  ? 294 LYS A CG  1 
ATOM   451 C  CD  A LYS A 1 59 ? 12.080  2.220   6.525   0.60 15.33  ? 294 LYS A CD  1 
ATOM   452 C  CD  B LYS A 1 59 ? 13.080  2.791   6.350   0.40 17.63  ? 294 LYS A CD  1 
ATOM   453 C  CE  A LYS A 1 59 ? 10.687  1.811   6.962   0.60 15.39  ? 294 LYS A CE  1 
ATOM   454 C  CE  B LYS A 1 59 ? 14.002  3.296   7.429   0.40 18.77  ? 294 LYS A CE  1 
ATOM   455 N  NZ  A LYS A 1 59 ? 10.836  0.777   8.011   0.60 18.05  ? 294 LYS A NZ  1 
ATOM   456 N  NZ  B LYS A 1 59 ? 15.411  3.294   6.949   0.40 21.44  ? 294 LYS A NZ  1 
ATOM   457 N  N   . SER A 1 60 ? 11.697  4.620   1.071   1.00 10.60  ? 295 SER A N   1 
ATOM   458 C  CA  . SER A 1 60 ? 11.446  4.290   -0.318  1.00 10.35  ? 295 SER A CA  1 
ATOM   459 C  C   . SER A 1 60 ? 11.442  2.785   -0.515  1.00 10.59  ? 295 SER A C   1 
ATOM   460 O  O   . SER A 1 60 ? 12.328  2.090   -0.049  1.00 12.26  ? 295 SER A O   1 
ATOM   461 C  CB  . SER A 1 60 ? 12.550  4.860   -1.223  1.00 12.11  ? 295 SER A CB  1 
ATOM   462 O  OG  . SER A 1 60 ? 12.290  4.477   -2.566  1.00 13.49  ? 295 SER A OG  1 
ATOM   463 N  N   . VAL A 1 61 ? 10.460  2.299   -1.262  1.00 10.28  ? 296 VAL A N   1 
ATOM   464 C  CA  . VAL A 1 61 ? 10.397  0.898   -1.648  1.00 11.09  ? 296 VAL A CA  1 
ATOM   465 C  C   . VAL A 1 61 ? 10.611  0.713   -3.142  1.00 13.14  ? 296 VAL A C   1 
ATOM   466 O  O   . VAL A 1 61 ? 10.366  -0.359  -3.667  1.00 13.62  ? 296 VAL A O   1 
ATOM   467 C  CB  . VAL A 1 61 ? 9.109   0.202   -1.161  1.00 10.75  ? 296 VAL A CB  1 
ATOM   468 C  CG1 . VAL A 1 61 ? 9.062   0.174   0.363   1.00 12.69  ? 296 VAL A CG1 1 
ATOM   469 C  CG2 . VAL A 1 61 ? 7.877   0.805   -1.769  1.00 12.84  ? 296 VAL A CG2 1 
ATOM   470 N  N   . GLU A 1 62 ? 11.096  1.764   -3.813  1.00 13.99  ? 297 GLU A N   1 
ATOM   471 C  CA  . GLU A 1 62 ? 11.222  1.793   -5.258  1.00 16.18  ? 297 GLU A CA  1 
ATOM   472 C  C   . GLU A 1 62 ? 12.203  0.762   -5.813  1.00 16.21  ? 297 GLU A C   1 
ATOM   473 O  O   . GLU A 1 62 ? 12.140  0.417   -6.989  1.00 20.61  ? 297 GLU A O   1 
ATOM   474 C  CB  . GLU A 1 62 ? 11.532  3.242   -5.705  1.00 16.22  ? 297 GLU A CB  1 
ATOM   475 C  CG  . GLU A 1 62 ? 10.337  4.168   -5.407  1.00 16.78  ? 297 GLU A CG  1 
ATOM   476 C  CD  . GLU A 1 62 ? 10.467  5.584   -5.843  1.00 17.04  ? 297 GLU A CD  1 
ATOM   477 O  OE1 . GLU A 1 62 ? 11.200  6.391   -5.221  1.00 24.49  ? 297 GLU A OE1 1 
ATOM   478 O  OE2 . GLU A 1 62 ? 9.711   5.955   -6.709  1.00 15.71  ? 297 GLU A OE2 1 
ATOM   479 N  N   . ALA A 1 63 ? 13.128  0.296   -4.988  1.00 16.36  ? 298 ALA A N   1 
ATOM   480 C  CA  . ALA A 1 63 ? 14.131  -0.696  -5.417  1.00 16.70  ? 298 ALA A CA  1 
ATOM   481 C  C   . ALA A 1 63 ? 13.771  -2.126  -5.002  1.00 16.52  ? 298 ALA A C   1 
ATOM   482 O  O   . ALA A 1 63 ? 14.565  -3.058  -5.227  1.00 18.88  ? 298 ALA A O   1 
ATOM   483 C  CB  . ALA A 1 63 ? 15.516  -0.307  -4.871  1.00 18.20  ? 298 ALA A CB  1 
ATOM   484 N  N   . LEU A 1 64 ? 12.575  -2.313  -4.429  1.00 14.87  ? 299 LEU A N   1 
ATOM   485 C  CA  . LEU A 1 64 ? 12.197  -3.587  -3.835  1.00 13.11  ? 299 LEU A CA  1 
ATOM   486 C  C   . LEU A 1 64 ? 11.206  -4.381  -4.694  1.00 12.96  ? 299 LEU A C   1 
ATOM   487 O  O   . LEU A 1 64 ? 10.396  -3.837  -5.441  1.00 14.98  ? 299 LEU A O   1 
ATOM   488 C  CB  . LEU A 1 64 ? 11.575  -3.367  -2.464  1.00 13.22  ? 299 LEU A CB  1 
ATOM   489 C  CG  . LEU A 1 64 ? 12.432  -2.626  -1.432  1.00 14.23  ? 299 LEU A CG  1 
ATOM   490 C  CD1 . LEU A 1 64 ? 11.748  -2.593  -0.107  1.00 14.00  ? 299 LEU A CD1 1 
ATOM   491 C  CD2 . LEU A 1 64 ? 13.849  -3.209  -1.297  1.00 18.00  ? 299 LEU A CD2 1 
ATOM   492 N  N   . ASP A 1 65 ? 11.256  -5.690  -4.531  1.00 12.24  ? 300 ASP A N   1 
ATOM   493 C  CA  . ASP A 1 65 ? 10.301  -6.595  -5.150  1.00 12.27  ? 300 ASP A CA  1 
ATOM   494 C  C   . ASP A 1 65 ? 9.097   -6.808  -4.228  1.00 11.05  ? 300 ASP A C   1 
ATOM   495 O  O   . ASP A 1 65 ? 9.006   -6.205  -3.150  1.00 11.16  ? 300 ASP A O   1 
ATOM   496 C  CB  . ASP A 1 65 ? 10.974  -7.922  -5.526  1.00 13.34  ? 300 ASP A CB  1 
ATOM   497 C  CG  . ASP A 1 65 ? 11.486  -8.723  -4.337  1.00 14.08  ? 300 ASP A CG  1 
ATOM   498 O  OD1 . ASP A 1 65 ? 11.231  -8.398  -3.170  1.00 14.39  ? 300 ASP A OD1 1 
ATOM   499 O  OD2 . ASP A 1 65 ? 12.158  -9.750  -4.598  1.00 19.94  ? 300 ASP A OD2 1 
ATOM   500 N  N   . HIS A 1 66 ? 8.165   -7.649  -4.652  1.00 10.52  ? 301 HIS A N   1 
ATOM   501 C  CA  . HIS A 1 66 ? 6.952   -7.895  -3.884  1.00 9.69   ? 301 HIS A CA  1 
ATOM   502 C  C   . HIS A 1 66 ? 7.290   -8.286  -2.453  1.00 9.42   ? 301 HIS A C   1 
ATOM   503 O  O   . HIS A 1 66 ? 6.744   -7.726  -1.511  1.00 9.64   ? 301 HIS A O   1 
ATOM   504 C  CB  . HIS A 1 66 ? 6.139   -8.998  -4.567  1.00 9.36   ? 301 HIS A CB  1 
ATOM   505 C  CG  . HIS A 1 66 ? 4.894   -9.379  -3.832  1.00 9.00   ? 301 HIS A CG  1 
ATOM   506 N  ND1 . HIS A 1 66 ? 3.737   -8.641  -3.885  1.00 9.41   ? 301 HIS A ND1 1 
ATOM   507 C  CD2 . HIS A 1 66 ? 4.613   -10.452 -3.052  1.00 8.74   ? 301 HIS A CD2 1 
ATOM   508 C  CE1 . HIS A 1 66 ? 2.807   -9.233  -3.158  1.00 8.48   ? 301 HIS A CE1 1 
ATOM   509 N  NE2 . HIS A 1 66 ? 3.305   -10.337 -2.644  1.00 8.65   ? 301 HIS A NE2 1 
ATOM   510 N  N   . ASP A 1 67 ? 8.171   -9.270  -2.277  1.00 9.75   ? 302 ASP A N   1 
ATOM   511 C  CA  . ASP A 1 67 ? 8.497   -9.737  -0.933  1.00 9.88   ? 302 ASP A CA  1 
ATOM   512 C  C   . ASP A 1 67 ? 9.023   -8.594  -0.075  1.00 10.13  ? 302 ASP A C   1 
ATOM   513 O  O   . ASP A 1 67 ? 8.709   -8.510  1.109   1.00 10.23  ? 302 ASP A O   1 
ATOM   514 C  CB  . ASP A 1 67 ? 9.558   -10.844 -0.964  1.00 10.61  ? 302 ASP A CB  1 
ATOM   515 C  CG  . ASP A 1 67 ? 9.069   -12.173 -1.489  1.00 11.37  ? 302 ASP A CG  1 
ATOM   516 O  OD1 . ASP A 1 67 ? 7.838   -12.383 -1.622  1.00 10.25  ? 302 ASP A OD1 1 
ATOM   517 O  OD2 . ASP A 1 67 ? 9.922   -13.041 -1.737  1.00 15.15  ? 302 ASP A OD2 1 
ATOM   518 N  N   . GLY A 1 68 ? 9.859   -7.730  -0.659  1.00 9.80   ? 303 GLY A N   1 
ATOM   519 C  CA  . GLY A 1 68 ? 10.453  -6.640  0.097   1.00 10.21  ? 303 GLY A CA  1 
ATOM   520 C  C   . GLY A 1 68 ? 9.455   -5.584  0.539   1.00 9.70   ? 303 GLY A C   1 
ATOM   521 O  O   . GLY A 1 68 ? 9.521   -5.080  1.658   1.00 11.01  ? 303 GLY A O   1 
ATOM   522 N  N   . VAL A 1 69 ? 8.530   -5.239  -0.334  1.00 9.32   ? 304 VAL A N   1 
ATOM   523 C  CA  . VAL A 1 69 ? 7.479   -4.278  0.011   1.00 9.58   ? 304 VAL A CA  1 
ATOM   524 C  C   . VAL A 1 69 ? 6.565   -4.860  1.090   1.00 8.91   ? 304 VAL A C   1 
ATOM   525 O  O   . VAL A 1 69 ? 6.239   -4.199  2.079   1.00 9.71   ? 304 VAL A O   1 
ATOM   526 C  CB  . VAL A 1 69 ? 6.677   -3.844  -1.232  1.00 9.58   ? 304 VAL A CB  1 
ATOM   527 C  CG1 . VAL A 1 69 ? 5.588   -2.853  -0.838  1.00 10.87  ? 304 VAL A CG1 1 
ATOM   528 C  CG2 . VAL A 1 69 ? 7.596   -3.258  -2.302  1.00 10.84  ? 304 VAL A CG2 1 
ATOM   529 N  N   . VAL A 1 70 ? 6.167   -6.113  0.906   1.00 8.86   ? 305 VAL A N   1 
ATOM   530 C  CA  . VAL A 1 70 ? 5.354   -6.794  1.901   1.00 9.28   ? 305 VAL A CA  1 
ATOM   531 C  C   . VAL A 1 70 ? 6.049   -6.770  3.264   1.00 9.42   ? 305 VAL A C   1 
ATOM   532 O  O   . VAL A 1 70 ? 5.412   -6.503  4.271   1.00 9.80   ? 305 VAL A O   1 
ATOM   533 C  CB  . VAL A 1 70 ? 5.031   -8.227  1.407   1.00 9.03   ? 305 VAL A CB  1 
ATOM   534 C  CG1 . VAL A 1 70 ? 4.506   -9.115  2.548   1.00 10.81  ? 305 VAL A CG1 1 
ATOM   535 C  CG2 . VAL A 1 70 ? 4.060   -8.161  0.223   1.00 10.27  ? 305 VAL A CG2 1 
ATOM   536 N  N   . GLU A 1 71 ? 7.335   -7.113  3.289   1.00 9.86   ? 306 GLU A N   1 
ATOM   537 C  CA  . GLU A 1 71 ? 8.060   -7.141  4.541   1.00 10.65  ? 306 GLU A CA  1 
ATOM   538 C  C   . GLU A 1 71 ? 8.104   -5.766  5.205   1.00 10.13  ? 306 GLU A C   1 
ATOM   539 O  O   . GLU A 1 71 ? 7.941   -5.646  6.414   1.00 10.88  ? 306 GLU A O   1 
ATOM   540 C  CB  . GLU A 1 71 ? 9.468   -7.675  4.316   1.00 11.56  ? 306 GLU A CB  1 
ATOM   541 C  CG  . GLU A 1 71 ? 10.383  -7.608  5.514   1.00 14.02  ? 306 GLU A CG  1 
ATOM   542 C  CD  . GLU A 1 71 ? 9.904   -8.358  6.727   1.00 14.88  ? 306 GLU A CD  1 
ATOM   543 O  OE1 . GLU A 1 71 ? 8.974   -9.179  6.651   1.00 16.27  ? 306 GLU A OE1 1 
ATOM   544 O  OE2 . GLU A 1 71 ? 10.520  -8.146  7.795   1.00 17.17  ? 306 GLU A OE2 1 
ATOM   545 N  N   . MET A 1 72 ? 8.334   -4.716  4.429   1.00 9.86   ? 307 MET A N   1 
ATOM   546 C  CA  A MET A 1 72 ? 8.412   -3.360  4.964   0.55 10.37  ? 307 MET A CA  1 
ATOM   547 C  CA  B MET A 1 72 ? 8.413   -3.373  4.989   0.15 9.77   ? 307 MET A CA  1 
ATOM   548 C  CA  C MET A 1 72 ? 8.428   -3.414  5.045   0.30 10.46  ? 307 MET A CA  1 
ATOM   549 C  C   . MET A 1 72 ? 7.098   -3.024  5.669   1.00 9.70   ? 307 MET A C   1 
ATOM   550 O  O   . MET A 1 72 ? 7.077   -2.403  6.712   1.00 11.14  ? 307 MET A O   1 
ATOM   551 C  CB  A MET A 1 72 ? 8.694   -2.352  3.828   0.55 10.95  ? 307 MET A CB  1 
ATOM   552 C  CB  B MET A 1 72 ? 8.733   -2.345  3.902   0.15 9.64   ? 307 MET A CB  1 
ATOM   553 C  CB  C MET A 1 72 ? 8.888   -2.351  4.072   0.30 11.10  ? 307 MET A CB  1 
ATOM   554 C  CG  A MET A 1 72 ? 9.253   -0.974  4.265   0.55 12.64  ? 307 MET A CG  1 
ATOM   555 C  CG  B MET A 1 72 ? 10.153  -2.444  3.365   0.15 8.42   ? 307 MET A CG  1 
ATOM   556 C  CG  C MET A 1 72 ? 9.395   -1.126  4.790   0.30 12.89  ? 307 MET A CG  1 
ATOM   557 S  SD  A MET A 1 72 ? 10.876  -1.013  5.053   0.55 14.39  ? 307 MET A SD  1 
ATOM   558 S  SD  B MET A 1 72 ? 11.413  -2.182  4.630   0.15 9.06   ? 307 MET A SD  1 
ATOM   559 S  SD  C MET A 1 72 ? 10.143  0.010   3.643   0.30 16.49  ? 307 MET A SD  1 
ATOM   560 C  CE  A MET A 1 72 ? 11.931  -1.009  3.613   0.55 14.43  ? 307 MET A CE  1 
ATOM   561 C  CE  B MET A 1 72 ? 11.493  -0.390  4.621   0.15 9.95   ? 307 MET A CE  1 
ATOM   562 C  CE  C MET A 1 72 ? 11.189  0.912   4.782   0.30 19.07  ? 307 MET A CE  1 
ATOM   563 N  N   . ILE A 1 73 ? 5.992   -3.410  5.033   1.00 9.61   ? 308 ILE A N   1 
ATOM   564 C  CA  . ILE A 1 73 ? 4.685   -3.141  5.618   1.00 9.48   ? 308 ILE A CA  1 
ATOM   565 C  C   . ILE A 1 73 ? 4.463   -3.987  6.878   1.00 10.36  ? 308 ILE A C   1 
ATOM   566 O  O   . ILE A 1 73 ? 4.107   -3.466  7.934   1.00 10.50  ? 308 ILE A O   1 
ATOM   567 C  CB  . ILE A 1 73 ? 3.540   -3.345  4.611   1.00 9.08   ? 308 ILE A CB  1 
ATOM   568 C  CG1 . ILE A 1 73 ? 3.637   -2.315  3.471   1.00 9.45   ? 308 ILE A CG1 1 
ATOM   569 C  CG2 . ILE A 1 73 ? 2.191   -3.267  5.325   1.00 10.17  ? 308 ILE A CG2 1 
ATOM   570 C  CD1 . ILE A 1 73 ? 2.818   -2.630  2.260   1.00 10.45  ? 308 ILE A CD1 1 
ATOM   571 N  N   . ARG A 1 74 ? 4.720   -5.293  6.768   1.00 10.68  ? 309 ARG A N   1 
ATOM   572 C  CA  A ARG A 1 74 ? 4.399   -6.199  7.873   0.50 11.91  ? 309 ARG A CA  1 
ATOM   573 C  CA  B ARG A 1 74 ? 4.549   -6.286  7.862   0.50 12.49  ? 309 ARG A CA  1 
ATOM   574 C  C   . ARG A 1 74 ? 5.183   -5.834  9.133   1.00 12.52  ? 309 ARG A C   1 
ATOM   575 O  O   . ARG A 1 74 ? 4.650   -5.961  10.237  1.00 14.84  ? 309 ARG A O   1 
ATOM   576 C  CB  A ARG A 1 74 ? 4.701   -7.690  7.540   0.50 12.59  ? 309 ARG A CB  1 
ATOM   577 C  CB  B ARG A 1 74 ? 5.273   -7.647  7.549   0.50 13.68  ? 309 ARG A CB  1 
ATOM   578 C  CG  A ARG A 1 74 ? 3.939   -8.372  6.499   0.50 13.43  ? 309 ARG A CG  1 
ATOM   579 C  CG  B ARG A 1 74 ? 4.735   -8.390  6.432   0.50 15.63  ? 309 ARG A CG  1 
ATOM   580 C  CD  A ARG A 1 74 ? 4.710   -9.649  6.097   0.50 14.03  ? 309 ARG A CD  1 
ATOM   581 C  CD  B ARG A 1 74 ? 5.125   -9.853  6.475   0.50 13.53  ? 309 ARG A CD  1 
ATOM   582 N  NE  A ARG A 1 74 ? 4.745   -10.626 7.197   0.50 13.67  ? 309 ARG A NE  1 
ATOM   583 N  NE  B ARG A 1 74 ? 6.514   -10.292 6.666   0.50 15.09  ? 309 ARG A NE  1 
ATOM   584 C  CZ  A ARG A 1 74 ? 3.988   -11.727 7.279   0.50 12.35  ? 309 ARG A CZ  1 
ATOM   585 C  CZ  B ARG A 1 74 ? 6.790   -11.597 6.816   0.50 12.85  ? 309 ARG A CZ  1 
ATOM   586 N  NH1 A ARG A 1 74 ? 3.121   -12.092 6.275   0.50 5.48   ? 309 ARG A NH1 1 
ATOM   587 N  NH1 B ARG A 1 74 ? 5.791   -12.463 6.764   0.50 13.34  ? 309 ARG A NH1 1 
ATOM   588 N  NH2 A ARG A 1 74 ? 4.140   -12.490 8.366   0.50 15.45  ? 309 ARG A NH2 1 
ATOM   589 N  NH2 B ARG A 1 74 ? 8.017   -12.061 7.030   0.50 13.17  ? 309 ARG A NH2 1 
ATOM   590 N  N   . LYS A 1 75 ? 6.408   -5.419  8.975   1.00 13.41  ? 310 LYS A N   1 
ATOM   591 C  CA  . LYS A 1 75 ? 7.231   -5.208  10.149  1.00 15.25  ? 310 LYS A CA  1 
ATOM   592 C  C   . LYS A 1 75 ? 6.841   -3.953  10.919  1.00 15.14  ? 310 LYS A C   1 
ATOM   593 O  O   . LYS A 1 75 ? 7.296   -3.768  12.049  1.00 16.81  ? 310 LYS A O   1 
ATOM   594 C  CB  . LYS A 1 75 ? 8.688   -5.263  9.774   1.00 17.38  ? 310 LYS A CB  1 
ATOM   595 C  CG  . LYS A 1 75 ? 9.168   -4.027  9.158   1.00 16.06  ? 310 LYS A CG  1 
ATOM   596 C  CD  . LYS A 1 75 ? 10.627  -4.175  8.687   1.00 19.62  ? 310 LYS A CD  1 
ATOM   597 C  CE  . LYS A 1 75 ? 11.196  -2.834  8.337   1.00 21.29  ? 310 LYS A CE  1 
ATOM   598 N  NZ  . LYS A 1 75 ? 12.594  -2.903  7.888   1.00 24.38  ? 310 LYS A NZ  1 
ATOM   599 N  N   . GLY A 1 76 ? 5.967   -3.117  10.352  1.00 14.39  ? 311 GLY A N   1 
ATOM   600 C  CA  . GLY A 1 76 ? 5.488   -1.917  11.036  1.00 14.62  ? 311 GLY A CA  1 
ATOM   601 C  C   . GLY A 1 76 ? 4.345   -2.156  11.988  1.00 15.52  ? 311 GLY A C   1 
ATOM   602 O  O   . GLY A 1 76 ? 3.773   -1.206  12.497  1.00 17.93  ? 311 GLY A O   1 
ATOM   603 N  N   . GLY A 1 77 ? 3.968   -3.408  12.189  1.00 16.24  ? 312 GLY A N   1 
ATOM   604 C  CA  . GLY A 1 77 ? 2.993   -3.747  13.198  1.00 16.90  ? 312 GLY A CA  1 
ATOM   605 C  C   . GLY A 1 77 ? 1.585   -3.699  12.683  1.00 16.54  ? 312 GLY A C   1 
ATOM   606 O  O   . GLY A 1 77 ? 1.266   -4.359  11.694  1.00 17.58  ? 312 GLY A O   1 
ATOM   607 N  N   . ASP A 1 78 ? 0.733   -2.924  13.347  1.00 16.31  ? 313 ASP A N   1 
ATOM   608 C  CA  A ASP A 1 78 ? -0.683  -2.950  12.944  0.50 16.83  ? 313 ASP A CA  1 
ATOM   609 C  CA  B ASP A 1 78 ? -0.699  -2.878  13.078  0.50 17.03  ? 313 ASP A CA  1 
ATOM   610 C  C   . ASP A 1 78 ? -1.147  -1.684  12.236  1.00 15.65  ? 313 ASP A C   1 
ATOM   611 O  O   . ASP A 1 78 ? -2.353  -1.458  12.082  1.00 16.61  ? 313 ASP A O   1 
ATOM   612 C  CB  A ASP A 1 78 ? -1.613  -3.300  14.106  0.50 18.06  ? 313 ASP A CB  1 
ATOM   613 C  CB  B ASP A 1 78 ? -1.490  -2.904  14.401  0.50 18.79  ? 313 ASP A CB  1 
ATOM   614 C  CG  A ASP A 1 78 ? -1.357  -4.676  14.666  0.50 20.15  ? 313 ASP A CG  1 
ATOM   615 C  CG  B ASP A 1 78 ? -1.177  -1.730  15.326  0.50 20.65  ? 313 ASP A CG  1 
ATOM   616 O  OD1 A ASP A 1 78 ? -1.102  -5.606  13.879  0.50 22.65  ? 313 ASP A OD1 1 
ATOM   617 O  OD1 B ASP A 1 78 ? -0.810  -0.630  14.867  0.50 23.26  ? 313 ASP A OD1 1 
ATOM   618 O  OD2 A ASP A 1 78 ? -1.408  -4.831  15.903  0.50 24.50  ? 313 ASP A OD2 1 
ATOM   619 O  OD2 B ASP A 1 78 ? -1.300  -1.904  16.557  0.50 25.45  ? 313 ASP A OD2 1 
ATOM   620 N  N   . GLN A 1 79 ? -0.204  -0.903  11.715  1.00 13.11  ? 314 GLN A N   1 
ATOM   621 C  CA  . GLN A 1 79 ? -0.567  0.174   10.825  1.00 12.83  ? 314 GLN A CA  1 
ATOM   622 C  C   . GLN A 1 79 ? 0.546   0.387   9.834   1.00 10.86  ? 314 GLN A C   1 
ATOM   623 O  O   . GLN A 1 79 ? 1.676   -0.046  10.040  1.00 11.49  ? 314 GLN A O   1 
ATOM   624 C  CB  . GLN A 1 79 ? -0.891  1.437   11.575  1.00 15.17  ? 314 GLN A CB  1 
ATOM   625 C  CG  . GLN A 1 79 ? 0.221   2.185   12.172  1.00 20.13  ? 314 GLN A CG  1 
ATOM   626 C  CD  . GLN A 1 79 ? -0.210  3.615   12.536  1.00 24.36  ? 314 GLN A CD  1 
ATOM   627 O  OE1 . GLN A 1 79 ? -1.199  3.805   13.239  1.00 31.25  ? 314 GLN A OE1 1 
ATOM   628 N  NE2 . GLN A 1 79 ? 0.516   4.614   12.038  1.00 25.48  ? 314 GLN A NE2 1 
ATOM   629 N  N   . THR A 1 80 ? 0.220   1.096   8.760   1.00 9.70   ? 315 THR A N   1 
ATOM   630 C  CA  . THR A 1 80 ? 1.195   1.428   7.740   1.00 9.95   ? 315 THR A CA  1 
ATOM   631 C  C   . THR A 1 80 ? 0.873   2.787   7.140   1.00 9.76   ? 315 THR A C   1 
ATOM   632 O  O   . THR A 1 80 ? -0.292  3.162   7.016   1.00 10.41  ? 315 THR A O   1 
ATOM   633 C  CB  . THR A 1 80 ? 1.263   0.291   6.660   1.00 9.75   ? 315 THR A CB  1 
ATOM   634 O  OG1 . THR A 1 80 ? 2.506   0.393   5.953   1.00 10.72  ? 315 THR A OG1 1 
ATOM   635 C  CG2 . THR A 1 80 ? 0.110   0.351   5.679   1.00 10.69  ? 315 THR A CG2 1 
ATOM   636 N  N   . THR A 1 81 ? 1.929   3.485   6.714   1.00 9.81   ? 316 THR A N   1 
ATOM   637 C  CA  . THR A 1 81 ? 1.824   4.824   6.126   1.00 9.73   ? 316 THR A CA  1 
ATOM   638 C  C   . THR A 1 81 ? 2.414   4.741   4.744   1.00 9.66   ? 316 THR A C   1 
ATOM   639 O  O   . THR A 1 81 ? 3.633   4.659   4.571   1.00 11.05  ? 316 THR A O   1 
ATOM   640 C  CB  . THR A 1 81 ? 2.509   5.860   6.985   1.00 10.17  ? 316 THR A CB  1 
ATOM   641 O  OG1 . THR A 1 81 ? 1.841   5.871   8.257   1.00 12.77  ? 316 THR A OG1 1 
ATOM   642 C  CG2 . THR A 1 81 ? 2.437   7.232   6.372   1.00 11.75  ? 316 THR A CG2 1 
ATOM   643 N  N   . LEU A 1 82 ? 1.557   4.731   3.730   1.00 9.06   ? 317 LEU A N   1 
ATOM   644 C  CA  . LEU A 1 82 ? 1.997   4.556   2.340   1.00 8.98   ? 317 LEU A CA  1 
ATOM   645 C  C   . LEU A 1 82 ? 2.095   5.895   1.630   1.00 8.93   ? 317 LEU A C   1 
ATOM   646 O  O   . LEU A 1 82 ? 1.205   6.750   1.750   1.00 10.56  ? 317 LEU A O   1 
ATOM   647 C  CB  . LEU A 1 82 ? 1.038   3.659   1.568   1.00 8.97   ? 317 LEU A CB  1 
ATOM   648 C  CG  . LEU A 1 82 ? 0.725   2.276   2.175   1.00 8.79   ? 317 LEU A CG  1 
ATOM   649 C  CD1 . LEU A 1 82 ? -0.181  1.504   1.255   1.00 10.57  ? 317 LEU A CD1 1 
ATOM   650 C  CD2 . LEU A 1 82 ? 2.030   1.499   2.466   1.00 10.29  ? 317 LEU A CD2 1 
ATOM   651 N  N   . LEU A 1 83 ? 3.140   6.083   0.852   1.00 8.72   ? 318 LEU A N   1 
ATOM   652 C  CA  . LEU A 1 83 ? 3.183   7.140   -0.158  1.00 9.25   ? 318 LEU A CA  1 
ATOM   653 C  C   . LEU A 1 83 ? 2.867   6.479   -1.482  1.00 8.86   ? 318 LEU A C   1 
ATOM   654 O  O   . LEU A 1 83 ? 3.558   5.540   -1.881  1.00 9.22   ? 318 LEU A O   1 
ATOM   655 C  CB  . LEU A 1 83 ? 4.553   7.814   -0.201  1.00 9.42   ? 318 LEU A CB  1 
ATOM   656 C  CG  . LEU A 1 83 ? 4.691   8.984   -1.163  1.00 10.52  ? 318 LEU A CG  1 
ATOM   657 C  CD1 . LEU A 1 83 ? 3.756   10.131  -0.858  1.00 11.19  ? 318 LEU A CD1 1 
ATOM   658 C  CD2 . LEU A 1 83 ? 6.141   9.478   -1.166  1.00 13.20  ? 318 LEU A CD2 1 
ATOM   659 N  N   . VAL A 1 84 ? 1.799   6.938   -2.121  1.00 9.63   ? 319 VAL A N   1 
ATOM   660 C  CA  . VAL A 1 84 ? 1.291   6.358   -3.355  1.00 10.71  ? 319 VAL A CA  1 
ATOM   661 C  C   . VAL A 1 84 ? 1.127   7.415   -4.412  1.00 10.82  ? 319 VAL A C   1 
ATOM   662 O  O   . VAL A 1 84 ? 0.958   8.610   -4.119  1.00 12.85  ? 319 VAL A O   1 
ATOM   663 C  CB  . VAL A 1 84 ? -0.045  5.625   -3.168  1.00 10.67  ? 319 VAL A CB  1 
ATOM   664 C  CG1 . VAL A 1 84 ? 0.121   4.413   -2.274  1.00 11.95  ? 319 VAL A CG1 1 
ATOM   665 C  CG2 . VAL A 1 84 ? -1.114  6.551   -2.635  1.00 13.86  ? 319 VAL A CG2 1 
ATOM   666 N  N   . LEU A 1 85 ? 1.242   6.996   -5.663  1.00 11.07  ? 320 LEU A N   1 
ATOM   667 C  CA  . LEU A 1 85 ? 0.989   7.890   -6.793  1.00 11.94  ? 320 LEU A CA  1 
ATOM   668 C  C   . LEU A 1 85 ? 0.299   7.112   -7.886  1.00 10.84  ? 320 LEU A C   1 
ATOM   669 O  O   . LEU A 1 85 ? 0.381   5.900   -7.994  1.00 11.16  ? 320 LEU A O   1 
ATOM   670 C  CB  . LEU A 1 85 ? 2.246   8.597   -7.286  1.00 15.01  ? 320 LEU A CB  1 
ATOM   671 C  CG  . LEU A 1 85 ? 3.327   7.821   -8.036  1.00 19.12  ? 320 LEU A CG  1 
ATOM   672 C  CD1 . LEU A 1 85 ? 2.980   7.229   -9.390  1.00 23.62  ? 320 LEU A CD1 1 
ATOM   673 C  CD2 . LEU A 1 85 ? 4.566   8.670   -8.247  1.00 25.08  ? 320 LEU A CD2 1 
ATOM   674 N  N   . ASP A 1 86 ? -0.395  7.834   -8.754  1.00 11.12  ? 321 ASP A N   1 
ATOM   675 C  CA  . ASP A 1 86 ? -1.172  7.202   -9.811  1.00 11.26  ? 321 ASP A CA  1 
ATOM   676 C  C   . ASP A 1 86 ? -0.263  6.485   -10.784 1.00 12.94  ? 321 ASP A C   1 
ATOM   677 O  O   . ASP A 1 86 ? 0.736   7.048   -11.247 1.00 14.24  ? 321 ASP A O   1 
ATOM   678 C  CB  . ASP A 1 86 ? -1.959  8.256   -10.599 1.00 11.88  ? 321 ASP A CB  1 
ATOM   679 C  CG  . ASP A 1 86 ? -3.101  8.867   -9.826  1.00 11.27  ? 321 ASP A CG  1 
ATOM   680 O  OD1 . ASP A 1 86 ? -3.477  8.376   -8.750  1.00 13.55  ? 321 ASP A OD1 1 
ATOM   681 O  OD2 . ASP A 1 86 ? -3.615  9.891   -10.327 1.00 12.34  ? 321 ASP A OD2 1 
ATOM   682 N  N   . LYS A 1 87 ? -0.638  5.253   -11.113 1.00 13.52  ? 322 LYS A N   1 
ATOM   683 C  CA  . LYS A 1 87 ? -0.170  4.542   -12.293 1.00 19.07  ? 322 LYS A CA  1 
ATOM   684 C  C   . LYS A 1 87 ? -1.277  4.726   -13.371 1.00 21.94  ? 322 LYS A C   1 
ATOM   685 O  O   . LYS A 1 87 ? -2.454  4.536   -13.097 1.00 22.80  ? 322 LYS A O   1 
ATOM   686 C  CB  . LYS A 1 87 ? 0.045   3.050   -11.964 1.00 18.67  ? 322 LYS A CB  1 
ATOM   687 C  CG  . LYS A 1 87 ? 0.699   2.284   -13.096 1.00 23.37  ? 322 LYS A CG  1 
ATOM   688 C  CD  . LYS A 1 87 ? 2.152   2.730   -13.356 1.00 27.70  ? 322 LYS A CD  1 
ATOM   689 C  CE  . LYS A 1 87 ? 2.796   1.925   -14.461 1.00 28.82  ? 322 LYS A CE  1 
ATOM   690 N  NZ  . LYS A 1 87 ? 2.999   0.489   -14.097 1.00 33.70  ? 322 LYS A NZ  1 
ATOM   691 N  N   . GLU A 1 88 ? -0.941  5.107   -14.592 1.00 24.89  ? 323 GLU A N   1 
ATOM   692 C  CA  . GLU A 1 88 ? -1.974  5.200   -15.640 1.00 27.23  ? 323 GLU A CA  1 
ATOM   693 C  C   . GLU A 1 88 ? -2.424  3.820   -16.122 1.00 27.86  ? 323 GLU A C   1 
ATOM   694 O  O   . GLU A 1 88 ? -3.640  3.523   -16.135 1.00 30.01  ? 323 GLU A O   1 
ATOM   695 C  CB  . GLU A 1 88 ? -1.487  6.022   -16.833 1.00 27.95  ? 323 GLU A CB  1 
ATOM   696 C  CG  . GLU A 1 88 ? -2.635  6.441   -17.740 1.00 29.89  ? 323 GLU A CG  1 
ATOM   697 C  CD  . GLU A 1 88 ? -2.211  7.251   -18.946 1.00 32.43  ? 323 GLU A CD  1 
ATOM   698 O  OE1 . GLU A 1 88 ? -1.072  7.772   -18.972 1.00 34.91  ? 323 GLU A OE1 1 
ATOM   699 O  OE2 . GLU A 1 88 ? -3.044  7.373   -19.870 1.00 35.62  ? 323 GLU A OE2 1 
HETATM 700 C  C   . ACT B 2 .  ? -7.475  -10.369 -8.774  1.00 24.23  ? 1   ACT A C   1 
HETATM 701 O  O   . ACT B 2 .  ? -7.729  -11.261 -7.969  1.00 24.95  ? 1   ACT A O   1 
HETATM 702 O  OXT . ACT B 2 .  ? -6.469  -9.566  -8.443  0.50 11.95  ? 1   ACT A OXT 1 
HETATM 703 C  CH3 . ACT B 2 .  ? -8.382  -10.247 -9.956  1.00 27.20  ? 1   ACT A CH3 1 
HETATM 704 C  C   . ACT C 2 .  ? -5.445  10.701  -6.962  1.00 10.59  ? 2   ACT A C   1 
HETATM 705 O  O   . ACT C 2 .  ? -4.389  11.280  -7.180  1.00 15.59  ? 2   ACT A O   1 
HETATM 706 O  OXT . ACT C 2 .  ? -6.091  10.240  -7.891  1.00 13.50  ? 2   ACT A OXT 1 
HETATM 707 C  CH3 . ACT C 2 .  ? -6.030  10.622  -5.591  1.00 15.38  ? 2   ACT A CH3 1 
HETATM 708 C  C1  . EDO D 3 .  ? -5.109  -8.919  3.834   1.00 21.82  ? 3   EDO A C1  1 
HETATM 709 O  O1  . EDO D 3 .  ? -6.217  -8.109  4.196   1.00 16.89  ? 3   EDO A O1  1 
HETATM 710 C  C2  . EDO D 3 .  ? -4.174  -8.053  3.019   1.00 20.82  ? 3   EDO A C2  1 
HETATM 711 O  O2  . EDO D 3 .  ? -3.703  -6.886  3.684   1.00 16.40  ? 3   EDO A O2  1 
HETATM 712 ZN ZN  . ZN  E 4 .  ? 9.437   7.745   -7.477  1.00 11.93  ? 4   ZN  A ZN  1 
HETATM 713 ZN ZN  . ZN  F 4 .  ? 7.365   -14.180 -2.411  1.00 11.03  ? 5   ZN  A ZN  1 
HETATM 714 ZN ZN  . ZN  G 4 .  ? 4.094   -14.375 -1.890  1.00 9.88   ? 6   ZN  A ZN  1 
HETATM 715 ZN ZN  . ZN  H 4 .  ? 2.323   -11.632 -1.388  1.00 9.03   ? 7   ZN  A ZN  1 
HETATM 716 CL CL  . CL  I 5 .  ? 0.832   -6.886  6.940   1.00 13.15  ? 8   CL  A CL  1 
HETATM 717 CL CL  . CL  J 5 .  ? -2.934  -7.761  6.874   1.00 13.83  ? 9   CL  A CL  1 
HETATM 718 CL CL  . CL  K 5 .  ? -0.283  -8.763  -1.082  1.00 9.85   ? 10  CL  A CL  1 
HETATM 719 CL CL  . CL  L 5 .  ? 7.993   -8.880  10.174  1.00 35.59  ? 11  CL  A CL  1 
HETATM 720 CA CA  . CA  M 6 .  ? 10.219  -12.379 9.983   0.50 22.54  ? 12  CA  A CA  1 
HETATM 721 CL CL  . CL  N 5 .  ? 11.364  -8.622  10.864  1.00 37.93  ? 13  CL  A CL  1 
HETATM 722 CA CA  . CA  O 6 .  ? 9.995   -9.253  9.350   1.00 15.63  ? 14  CA  A CA  1 
HETATM 723 O  O   . HOH P 7 .  ? -10.030 -5.732  8.474   1.00 28.17  ? 15  HOH A O   1 
HETATM 724 O  O   . HOH P 7 .  ? 8.685   -0.555  10.910  1.00 20.89  ? 16  HOH A O   1 
HETATM 725 O  O   . HOH P 7 .  ? -9.394  3.000   7.292   1.00 15.65  ? 17  HOH A O   1 
HETATM 726 O  O   . HOH P 7 .  ? -0.366  13.572  1.011   1.00 18.21  ? 18  HOH A O   1 
HETATM 727 O  O   . HOH P 7 .  ? -3.761  11.953  1.518   1.00 22.20  ? 20  HOH A O   1 
HETATM 728 O  O   . HOH P 7 .  ? 8.342   -0.417  8.153   1.00 13.08  ? 21  HOH A O   1 
HETATM 729 O  O   . HOH P 7 .  ? 7.910   -8.228  -7.504  1.00 21.30  ? 22  HOH A O   1 
HETATM 730 O  O   . HOH P 7 .  ? 9.037   -11.115 -4.483  1.00 13.77  ? 23  HOH A O   1 
HETATM 731 O  O   . HOH P 7 .  ? -3.364  13.193  -5.468  1.00 19.71  ? 24  HOH A O   1 
HETATM 732 O  O   . HOH P 7 .  ? 1.464   -6.418  3.586   1.00 17.77  ? 29  HOH A O   1 
HETATM 733 O  O   . HOH P 7 .  ? 2.730   -14.886 -3.126  1.00 17.24  ? 34  HOH A O   1 
HETATM 734 O  O   . HOH P 7 .  ? 3.650   -13.027 -1.014  1.00 9.38   ? 40  HOH A O   1 
HETATM 735 O  O   . HOH P 7 .  ? -4.415  8.902   5.718   1.00 17.64  ? 49  HOH A O   1 
HETATM 736 O  O   . HOH P 7 .  ? -17.768 -0.571  -0.782  1.00 17.96  ? 50  HOH A O   1 
HETATM 737 O  O   . HOH P 7 .  ? -8.324  -4.575  -8.461  1.00 18.52  ? 52  HOH A O   1 
HETATM 738 O  O   . HOH P 7 .  ? 2.676   3.884   10.002  1.00 20.28  ? 54  HOH A O   1 
HETATM 739 O  O   . HOH P 7 .  ? 13.071  -7.591  2.858   1.00 27.56  ? 55  HOH A O   1 
HETATM 740 O  O   . HOH P 7 .  ? 11.916  -9.670  1.595   1.00 23.63  ? 56  HOH A O   1 
HETATM 741 O  O   . HOH P 7 .  ? 8.597   -1.258  -5.490  1.00 21.67  ? 60  HOH A O   1 
HETATM 742 O  O   . HOH P 7 .  ? 8.044   -4.188  -6.792  1.00 25.48  ? 61  HOH A O   1 
HETATM 743 O  O   . HOH P 7 .  ? 13.893  0.836   -2.148  1.00 19.26  ? 63  HOH A O   1 
HETATM 744 O  O   . HOH P 7 .  ? 14.625  3.449   -3.416  1.00 26.31  ? 64  HOH A O   1 
HETATM 745 O  O   . HOH P 7 .  ? 2.283   -7.177  10.782  1.00 22.40  ? 65  HOH A O   1 
HETATM 746 O  O   . HOH P 7 .  ? -17.245 1.931   2.312   1.00 19.60  ? 66  HOH A O   1 
HETATM 747 O  O   . HOH P 7 .  ? 3.076   14.893  -2.587  1.00 24.37  ? 67  HOH A O   1 
HETATM 748 O  O   . HOH P 7 .  ? -2.690  11.010  5.125   1.00 23.73  ? 68  HOH A O   1 
HETATM 749 O  O   . HOH P 7 .  ? -1.884  10.136  -6.547  0.50 21.13  ? 69  HOH A O   1 
HETATM 750 O  O   . HOH P 7 .  ? 7.915   1.586   -6.128  1.00 19.28  ? 70  HOH A O   1 
HETATM 751 O  O   . HOH P 7 .  ? -3.219  16.051  -6.864  1.00 23.14  ? 71  HOH A O   1 
HETATM 752 O  O   . HOH P 7 .  ? -7.094  -12.285 2.282   1.00 27.49  ? 72  HOH A O   1 
HETATM 753 O  O   . HOH P 7 .  ? -0.581  -5.102  -10.990 1.00 33.14  ? 73  HOH A O   1 
HETATM 754 O  O   . HOH P 7 .  ? 1.965   -8.931  -11.656 1.00 55.33  ? 74  HOH A O   1 
HETATM 755 O  O   . HOH P 7 .  ? 4.562   -2.091  -12.141 1.00 143.26 ? 75  HOH A O   1 
HETATM 756 O  O   . HOH P 7 .  ? -3.460  14.870  -3.428  1.00 38.82  ? 76  HOH A O   1 
HETATM 757 O  O   . HOH P 7 .  ? 6.137   3.073   11.423  1.00 20.95  ? 77  HOH A O   1 
HETATM 758 O  O   . HOH P 7 .  ? -11.326 1.864   8.862   0.50 24.42  ? 78  HOH A O   1 
HETATM 759 O  O   . HOH P 7 .  ? 12.476  -4.639  5.767   1.00 34.07  ? 80  HOH A O   1 
HETATM 760 O  O   . HOH P 7 .  ? -8.760  -0.723  10.975  1.00 25.66  ? 82  HOH A O   1 
HETATM 761 O  O   . HOH P 7 .  ? 13.133  -0.637  7.379   1.00 59.15  ? 84  HOH A O   1 
HETATM 762 O  O   . HOH P 7 .  ? 12.930  -9.294  -1.142  1.00 26.55  ? 85  HOH A O   1 
HETATM 763 O  O   . HOH P 7 .  ? 13.941  5.556   -7.506  1.00 31.46  ? 86  HOH A O   1 
HETATM 764 O  O   . HOH P 7 .  ? 1.374   9.702   -11.704 1.00 28.79  ? 87  HOH A O   1 
HETATM 765 O  O   . HOH P 7 .  ? 13.521  -6.582  -3.276  1.00 189.04 ? 89  HOH A O   1 
HETATM 766 O  O   . HOH P 7 .  ? -2.662  11.387  -12.398 1.00 29.90  ? 90  HOH A O   1 
HETATM 767 O  O   . HOH P 7 .  ? 16.268  -0.332  -1.143  1.00 37.15  ? 91  HOH A O   1 
HETATM 768 O  O   . HOH P 7 .  ? 8.306   -11.027 -7.189  1.00 36.50  ? 92  HOH A O   1 
HETATM 769 O  O   . HOH P 7 .  ? -10.047 5.567   7.393   1.00 31.76  ? 93  HOH A O   1 
HETATM 770 O  O   . HOH P 7 .  ? 7.294   1.170   -10.664 1.00 34.35  ? 94  HOH A O   1 
HETATM 771 O  O   . HOH P 7 .  ? 15.235  -1.188  1.733   1.00 36.49  ? 95  HOH A O   1 
HETATM 772 O  O   . HOH P 7 .  ? -0.999  15.080  -2.352  1.00 32.04  ? 96  HOH A O   1 
HETATM 773 O  O   . HOH P 7 .  ? -6.541  -3.881  -12.054 1.00 38.54  ? 97  HOH A O   1 
HETATM 774 O  O   . HOH P 7 .  ? 14.297  -3.809  2.382   1.00 33.66  ? 98  HOH A O   1 
HETATM 775 O  O   . HOH P 7 .  ? 12.971  -6.776  7.542   1.00 32.91  ? 99  HOH A O   1 
HETATM 776 O  O   . HOH P 7 .  ? 12.270  -10.538 -7.161  1.00 61.73  ? 100 HOH A O   1 
HETATM 777 O  O   . HOH P 7 .  ? -6.309  5.411   8.840   1.00 34.23  ? 101 HOH A O   1 
HETATM 778 O  O   . HOH P 7 .  ? 10.739  -2.333  -8.010  1.00 128.85 ? 107 HOH A O   1 
HETATM 779 O  O   . HOH P 7 .  ? 5.441   -14.106 -2.793  1.00 9.54   ? 108 HOH A O   1 
HETATM 780 O  O   . HOH P 7 .  ? 1.767   -11.053 0.468   0.50 7.44   ? 109 HOH A O   1 
HETATM 781 O  O   . HOH P 7 .  ? -9.159  1.626   11.001  1.00 34.97  ? 110 HOH A O   1 
HETATM 782 O  O   . HOH P 7 .  ? 8.420   2.562   -8.542  1.00 32.74  ? 111 HOH A O   1 
HETATM 783 O  O   . HOH P 7 .  ? -4.652  6.331   11.227  1.00 134.05 ? 112 HOH A O   1 
HETATM 784 O  O   . HOH P 7 .  ? -15.782 0.779   6.157   1.00 38.10  ? 113 HOH A O   1 
HETATM 785 O  O   . HOH P 7 .  ? -5.157  -8.983  10.749  1.00 36.92  ? 114 HOH A O   1 
HETATM 786 O  O   . HOH P 7 .  ? -11.120 -1.918  11.253  1.00 30.28  ? 115 HOH A O   1 
HETATM 787 O  O   . HOH P 7 .  ? -14.354 -5.721  4.541   1.00 37.49  ? 116 HOH A O   1 
HETATM 788 O  O   . HOH P 7 .  ? -3.615  -8.569  -7.677  1.00 26.07  ? 117 HOH A O   1 
HETATM 789 O  O   . HOH P 7 .  ? 15.083  0.019   5.699   1.00 39.72  ? 118 HOH A O   1 
HETATM 790 O  O   . HOH P 7 .  ? -7.362  16.995  -11.792 1.00 27.29  ? 120 HOH A O   1 
HETATM 791 O  O   . HOH P 7 .  ? -1.912  18.003  -18.125 1.00 24.40  ? 121 HOH A O   1 
HETATM 792 O  O   . HOH P 7 .  ? -18.127 -3.220  -4.850  1.00 26.66  ? 122 HOH A O   1 
HETATM 793 O  O   . HOH P 7 .  ? -12.118 -5.474  5.717   1.00 124.76 ? 123 HOH A O   1 
HETATM 794 O  O   . HOH P 7 .  ? 11.726  -12.310 -4.150  1.00 177.03 ? 124 HOH A O   1 
HETATM 795 O  O   . HOH P 7 .  ? -2.550  8.065   -5.698  0.50 20.80  ? 125 HOH A O   1 
HETATM 796 O  O   . HOH P 7 .  ? -6.288  9.123   -0.946  0.50 12.12  ? 126 HOH A O   1 
HETATM 797 O  O   . HOH P 7 .  ? 15.163  3.590   -6.249  1.00 30.18  ? 127 HOH A O   1 
HETATM 798 O  O   . HOH P 7 .  ? -0.662  10.571  -8.370  0.50 31.06  ? 130 HOH A O   1 
HETATM 799 O  O   . HOH P 7 .  ? 11.628  -11.455 6.248   1.00 33.84  ? 132 HOH A O   1 
HETATM 800 O  O   . HOH P 7 .  ? -4.794  17.534  -8.325  1.00 32.43  ? 133 HOH A O   1 
HETATM 801 O  O   . HOH P 7 .  ? 13.299  -11.914 -0.808  1.00 86.85  ? 134 HOH A O   1 
HETATM 802 O  O   . HOH P 7 .  ? -15.552 3.505   3.984   1.00 38.52  ? 135 HOH A O   1 
HETATM 803 O  O   . HOH P 7 .  ? 0.765   17.985  -3.476  1.00 44.28  ? 136 HOH A O   1 
HETATM 804 O  O   . HOH P 7 .  ? -2.884  -7.278  -11.198 1.00 48.73  ? 137 HOH A O   1 
HETATM 805 O  O   . HOH P 7 .  ? 10.094  3.568   9.160   1.00 38.20  ? 138 HOH A O   1 
HETATM 806 O  O   . HOH P 7 .  ? 4.423   -10.083 9.986   1.00 145.60 ? 139 HOH A O   1 
HETATM 807 O  O   . HOH P 7 .  ? -0.559  -7.896  12.526  1.00 40.06  ? 140 HOH A O   1 
HETATM 808 O  O   . HOH P 7 .  ? -7.342  18.247  -9.515  1.00 36.63  ? 141 HOH A O   1 
HETATM 809 O  O   . HOH P 7 .  ? -10.798 -2.041  -11.240 1.00 97.98  ? 142 HOH A O   1 
HETATM 810 O  O   . HOH P 7 .  ? -8.760  7.715   7.221   1.00 32.77  ? 145 HOH A O   1 
HETATM 811 O  O   . HOH P 7 .  ? -7.780  15.503  -13.277 1.00 34.85  ? 146 HOH A O   1 
HETATM 812 O  O   . HOH P 7 .  ? -1.991  20.076  -6.650  1.00 35.01  ? 147 HOH A O   1 
HETATM 813 O  O   . HOH P 7 .  ? -11.841 -5.980  -5.033  1.00 32.81  ? 148 HOH A O   1 
HETATM 814 O  O   . HOH P 7 .  ? -6.259  8.782   4.853   1.00 130.12 ? 149 HOH A O   1 
HETATM 815 O  O   . HOH P 7 .  ? 1.673   -1.626  15.902  1.00 47.21  ? 150 HOH A O   1 
HETATM 816 O  O   . HOH P 7 .  ? 6.727   -2.472  15.236  1.00 178.73 ? 151 HOH A O   1 
HETATM 817 O  O   . HOH P 7 .  ? 9.159   -5.111  13.172  1.00 133.69 ? 152 HOH A O   1 
HETATM 818 O  O   . HOH P 7 .  ? 1.564   -6.478  14.525  1.00 101.55 ? 153 HOH A O   1 
HETATM 819 O  O   . HOH P 7 .  ? -2.056  8.421   -14.538 1.00 38.16  ? 154 HOH A O   1 
HETATM 820 O  O   . HOH P 7 .  ? -4.120  9.215   -17.593 1.00 25.57  ? 155 HOH A O   1 
HETATM 821 O  O   . HOH P 7 .  ? -18.899 -4.372  2.549   1.00 43.83  ? 156 HOH A O   1 
HETATM 822 O  O   . HOH P 7 .  ? -19.012 -1.883  1.444   1.00 37.01  ? 157 HOH A O   1 
HETATM 823 O  O   . HOH P 7 .  ? -10.742 0.523   -12.126 1.00 119.46 ? 158 HOH A O   1 
HETATM 824 O  O   . HOH P 7 .  ? 13.433  -10.743 -3.098  1.00 47.37  ? 159 HOH A O   1 
HETATM 825 O  O   . HOH P 7 .  ? 2.234   14.664  -17.324 1.00 39.99  ? 160 HOH A O   1 
HETATM 826 O  O   . HOH P 7 .  ? 3.731   -0.717  8.334   1.00 10.84  ? 331 HOH A O   1 
HETATM 827 O  O   . HOH P 7 .  ? 5.864   -11.981 0.364   1.00 10.92  ? 332 HOH A O   1 
HETATM 828 O  O   . HOH P 7 .  ? 5.791   6.712   3.617   1.00 10.76  ? 333 HOH A O   1 
HETATM 829 O  O   . HOH P 7 .  ? -11.102 4.269   -1.564  1.00 11.07  ? 334 HOH A O   1 
HETATM 830 O  O   . HOH P 7 .  ? 1.636   -3.991  9.097   1.00 14.14  ? 335 HOH A O   1 
HETATM 831 O  O   . HOH P 7 .  ? 3.825   1.510   11.518  1.00 21.10  ? 336 HOH A O   1 
HETATM 832 O  O   . HOH P 7 .  ? -14.492 0.640   3.865   1.00 17.26  ? 337 HOH A O   1 
HETATM 833 O  O   . HOH P 7 .  ? -9.560  -2.662  -5.884  1.00 16.03  ? 338 HOH A O   1 
HETATM 834 O  O   . HOH P 7 .  ? 11.966  -5.145  3.070   1.00 18.54  ? 339 HOH A O   1 
HETATM 835 O  O   . HOH P 7 .  ? 11.456  6.384   7.853   1.00 17.33  ? 340 HOH A O   1 
HETATM 836 O  O   . HOH P 7 .  ? 6.200   -0.887  -4.571  1.00 18.33  ? 341 HOH A O   1 
HETATM 837 O  O   . HOH P 7 .  ? -7.342  2.872   9.041   1.00 16.90  ? 342 HOH A O   1 
HETATM 838 O  O   . HOH P 7 .  ? -10.711 8.222   5.275   1.00 22.03  ? 343 HOH A O   1 
# 
loop_
_atom_site_anisotrop.id 
_atom_site_anisotrop.type_symbol 
_atom_site_anisotrop.pdbx_label_atom_id 
_atom_site_anisotrop.pdbx_label_alt_id 
_atom_site_anisotrop.pdbx_label_comp_id 
_atom_site_anisotrop.pdbx_label_asym_id 
_atom_site_anisotrop.pdbx_label_seq_id 
_atom_site_anisotrop.pdbx_PDB_ins_code 
_atom_site_anisotrop.U[1][1] 
_atom_site_anisotrop.U[2][2] 
_atom_site_anisotrop.U[3][3] 
_atom_site_anisotrop.U[1][2] 
_atom_site_anisotrop.U[1][3] 
_atom_site_anisotrop.U[2][3] 
_atom_site_anisotrop.pdbx_auth_seq_id 
_atom_site_anisotrop.pdbx_auth_comp_id 
_atom_site_anisotrop.pdbx_auth_asym_id 
_atom_site_anisotrop.pdbx_auth_atom_id 
1   N  N   . SER A 2  ? 0.3975 0.4542 0.4144 -0.0081 0.0018  0.0273  237 SER A N   
2   C  CA  . SER A 2  ? 0.3951 0.4472 0.4116 -0.0035 0.0007  0.0224  237 SER A CA  
3   C  C   . SER A 2  ? 0.3675 0.4319 0.3926 -0.0021 0.0087  0.0253  237 SER A C   
4   O  O   . SER A 2  ? 0.3729 0.4542 0.3895 -0.0047 0.0057  0.0363  237 SER A O   
5   C  CB  . SER A 2  ? 0.4031 0.4537 0.4209 -0.0025 0.0005  0.0193  237 SER A CB  
6   O  OG  . SER A 2  ? 0.4221 0.4991 0.4430 0.0173  -0.0212 0.0186  237 SER A OG  
7   N  N   . PRO A 3  ? 0.3333 0.4033 0.3635 -0.0093 0.0091  0.0224  238 PRO A N   
8   C  CA  . PRO A 3  ? 0.3076 0.3718 0.3376 -0.0077 0.0031  0.0172  238 PRO A CA  
9   C  C   . PRO A 3  ? 0.2635 0.3179 0.2905 -0.0194 -0.0067 0.0280  238 PRO A C   
10  O  O   . PRO A 3  ? 0.2529 0.3132 0.2818 -0.0438 0.0074  0.0517  238 PRO A O   
11  C  CB  . PRO A 3  ? 0.3209 0.3800 0.3471 -0.0070 0.0047  0.0088  238 PRO A CB  
12  C  CG  . PRO A 3  ? 0.3456 0.3979 0.3592 -0.0114 0.0091  0.0166  238 PRO A CG  
13  C  CD  . PRO A 3  ? 0.3306 0.4070 0.3698 -0.0079 0.0121  0.0181  238 PRO A CD  
14  N  N   . HIS A 4  ? 0.2100 0.2628 0.2578 -0.0138 -0.0218 0.0200  239 HIS A N   
15  C  CA  . HIS A 4  ? 0.1796 0.1941 0.2281 -0.0184 -0.0297 0.0262  239 HIS A CA  
16  C  C   . HIS A 4  ? 0.1763 0.1859 0.2288 -0.0146 -0.0213 0.0312  239 HIS A C   
17  O  O   . HIS A 4  ? 0.1701 0.2282 0.2739 -0.0156 -0.0295 0.0115  239 HIS A O   
18  C  CB  . HIS A 4  ? 0.1619 0.1844 0.2107 -0.0171 -0.0446 0.0341  239 HIS A CB  
19  C  CG  . HIS A 4  ? 0.1482 0.1657 0.2304 -0.0008 -0.0382 0.0378  239 HIS A CG  
20  N  ND1 . HIS A 4  ? 0.1210 0.1731 0.1747 0.0013  -0.0209 0.0183  239 HIS A ND1 
21  C  CD2 . HIS A 4  ? 0.1777 0.1631 0.2369 -0.0010 -0.0197 0.0570  239 HIS A CD2 
22  C  CE1 . HIS A 4  ? 0.1130 0.1765 0.2081 0.0020  -0.0222 0.0640  239 HIS A CE1 
23  N  NE2 . HIS A 4  ? 0.1479 0.2006 0.2568 0.0044  0.0024  0.0547  239 HIS A NE2 
24  N  N   . GLN A 5  ? 0.1803 0.1760 0.2162 -0.0218 -0.0370 0.0420  240 GLN A N   
25  C  CA  . GLN A 5  ? 0.1877 0.1803 0.2186 -0.0239 -0.0396 0.0366  240 GLN A CA  
26  C  C   . GLN A 5  ? 0.1866 0.1725 0.1944 -0.0290 -0.0261 0.0331  240 GLN A C   
27  O  O   . GLN A 5  ? 0.1838 0.1772 0.2018 -0.0480 -0.0324 0.0383  240 GLN A O   
28  C  CB  . GLN A 5  ? 0.2115 0.1939 0.2341 -0.0136 -0.0540 0.0353  240 GLN A CB  
29  C  CG  . GLN A 5  ? 0.2538 0.2238 0.2978 -0.0207 -0.0649 0.0573  240 GLN A CG  
30  C  CD  . GLN A 5  ? 0.2722 0.2861 0.3552 -0.0732 -0.0645 0.0825  240 GLN A CD  
31  O  OE1 . GLN A 5  ? 0.2854 0.2704 0.4338 -0.1055 -0.1211 0.0818  240 GLN A OE1 
32  N  NE2 . GLN A 5  ? 0.2958 0.3531 0.3904 -0.0976 -0.0886 0.0989  240 GLN A NE2 
33  N  N   . PRO A 6  ? 0.1821 0.1632 0.1780 -0.0206 -0.0232 0.0284  241 PRO A N   
34  C  CA  . PRO A 6  ? 0.1942 0.1541 0.1824 -0.0087 -0.0192 0.0177  241 PRO A CA  
35  C  C   . PRO A 6  ? 0.1989 0.1466 0.1736 0.0023  -0.0226 0.0141  241 PRO A C   
36  O  O   . PRO A 6  ? 0.2300 0.1423 0.1844 0.0004  -0.0191 0.0096  241 PRO A O   
37  C  CB  . PRO A 6  ? 0.2087 0.1903 0.1961 -0.0043 -0.0323 0.0097  241 PRO A CB  
38  C  CG  . PRO A 6  ? 0.1942 0.2049 0.2365 -0.0188 -0.0129 0.0168  241 PRO A CG  
39  C  CD  . PRO A 6  ? 0.1934 0.1959 0.2018 -0.0164 -0.0217 0.0219  241 PRO A CD  
40  N  N   . ARG A 7  ? 0.1824 0.1321 0.1536 -0.0002 -0.0259 0.0026  242 ARG A N   
41  C  CA  A ARG A 7  ? 0.1627 0.1378 0.1576 0.0057  -0.0198 0.0084  242 ARG A CA  
42  C  CA  B ARG A 7  ? 0.1628 0.1401 0.1628 0.0042  -0.0204 0.0090  242 ARG A CA  
43  C  C   . ARG A 7  ? 0.1447 0.1197 0.1492 0.0024  -0.0137 0.0073  242 ARG A C   
44  O  O   . ARG A 7  ? 0.1718 0.1214 0.1527 0.0052  -0.0174 -0.0021 242 ARG A O   
45  C  CB  A ARG A 7  ? 0.1680 0.1484 0.1680 0.0008  -0.0205 0.0124  242 ARG A CB  
46  C  CB  B ARG A 7  ? 0.1650 0.1486 0.1765 -0.0040 -0.0245 0.0133  242 ARG A CB  
47  C  CG  A ARG A 7  ? 0.1710 0.1359 0.1395 -0.0056 -0.0026 0.0213  242 ARG A CG  
48  C  CG  B ARG A 7  ? 0.1756 0.1566 0.1974 -0.0196 -0.0080 0.0205  242 ARG A CG  
49  C  CD  A ARG A 7  ? 0.1784 0.1612 0.1831 -0.0209 -0.0156 -0.0101 242 ARG A CD  
50  C  CD  B ARG A 7  ? 0.1975 0.1969 0.2061 -0.0101 -0.0114 0.0296  242 ARG A CD  
51  N  NE  A ARG A 7  ? 0.1761 0.1562 0.2111 -0.0266 -0.0277 0.0105  242 ARG A NE  
52  N  NE  B ARG A 7  ? 0.1595 0.1840 0.2468 0.0091  -0.0128 0.0367  242 ARG A NE  
53  C  CZ  A ARG A 7  ? 0.1048 0.1358 0.1343 -0.0097 -0.0407 0.0057  242 ARG A CZ  
54  C  CZ  B ARG A 7  ? 0.1581 0.1773 0.2096 0.0131  -0.0151 0.0339  242 ARG A CZ  
55  N  NH1 A ARG A 7  ? 0.1264 0.1151 0.1587 -0.0338 -0.0289 0.0184  242 ARG A NH1 
56  N  NH1 B ARG A 7  ? 0.1748 0.1967 0.2102 0.0101  -0.0246 0.0183  242 ARG A NH1 
57  N  NH2 A ARG A 7  ? 0.1170 0.1115 0.1356 -0.0131 0.0008  -0.0061 242 ARG A NH2 
58  N  NH2 B ARG A 7  ? 0.1381 0.1916 0.2027 0.0142  -0.0101 0.0039  242 ARG A NH2 
59  N  N   . VAL A 8  ? 0.1320 0.1018 0.1429 0.0109  -0.0105 -0.0010 243 VAL A N   
60  C  CA  . VAL A 8  ? 0.1186 0.1155 0.1539 -0.0001 0.0021  0.0022  243 VAL A CA  
61  C  C   . VAL A 8  ? 0.1177 0.1211 0.1581 0.0005  0.0063  0.0026  243 VAL A C   
62  O  O   . VAL A 8  ? 0.1273 0.1267 0.2081 0.0041  0.0069  0.0062  243 VAL A O   
63  C  CB  . VAL A 8  ? 0.1270 0.1293 0.1505 -0.0049 0.0008  -0.0014 243 VAL A CB  
64  C  CG1 . VAL A 8  ? 0.1702 0.1469 0.1448 -0.0024 -0.0093 0.0161  243 VAL A CG1 
65  C  CG2 . VAL A 8  ? 0.1308 0.1628 0.1683 -0.0240 0.0030  0.0146  243 VAL A CG2 
66  N  N   . VAL A 9  ? 0.0986 0.1106 0.1444 -0.0014 0.0103  0.0009  244 VAL A N   
67  C  CA  . VAL A 9  ? 0.1091 0.1156 0.1455 -0.0018 0.0085  0.0029  244 VAL A CA  
68  C  C   . VAL A 9  ? 0.1070 0.1115 0.1460 -0.0026 0.0079  0.0007  244 VAL A C   
69  O  O   . VAL A 9  ? 0.1187 0.1251 0.1539 0.0100  0.0141  0.0027  244 VAL A O   
70  C  CB  . VAL A 9  ? 0.1162 0.1135 0.1460 -0.0005 0.0042  0.0030  244 VAL A CB  
71  C  CG1 . VAL A 9  ? 0.1198 0.1442 0.1508 -0.0189 0.0176  0.0006  244 VAL A CG1 
72  C  CG2 . VAL A 9  ? 0.1514 0.1340 0.1732 -0.0113 -0.0129 0.0124  244 VAL A CG2 
73  N  N   . VAL A 10 ? 0.1317 0.1239 0.1415 0.0125  0.0019  -0.0018 245 VAL A N   
74  C  CA  . VAL A 10 ? 0.1387 0.1327 0.1475 0.0089  0.0014  -0.0116 245 VAL A CA  
75  C  C   . VAL A 10 ? 0.1249 0.1318 0.1309 0.0024  0.0092  0.0035  245 VAL A C   
76  O  O   . VAL A 10 ? 0.1383 0.1346 0.1726 -0.0003 0.0055  -0.0082 245 VAL A O   
77  C  CB  . VAL A 10 ? 0.1445 0.1488 0.1503 0.0035  -0.0021 -0.0158 245 VAL A CB  
78  C  CG1 . VAL A 10 ? 0.2181 0.1790 0.1524 -0.0050 -0.0095 -0.0185 245 VAL A CG1 
79  C  CG2 . VAL A 10 ? 0.1755 0.1521 0.1888 -0.0149 0.0000  -0.0334 245 VAL A CG2 
80  N  N   . ILE A 11 ? 0.1234 0.1384 0.1334 0.0019  0.0117  0.0115  246 ILE A N   
81  C  CA  . ILE A 11 ? 0.1234 0.1457 0.1366 0.0009  0.0057  0.0019  246 ILE A CA  
82  C  C   . ILE A 11 ? 0.1317 0.1406 0.1500 -0.0026 0.0077  0.0066  246 ILE A C   
83  O  O   . ILE A 11 ? 0.1411 0.1454 0.1342 0.0055  0.0053  0.0125  246 ILE A O   
84  C  CB  . ILE A 11 ? 0.1183 0.1305 0.1427 0.0044  0.0036  0.0058  246 ILE A CB  
85  C  CG1 . ILE A 11 ? 0.1256 0.1274 0.1340 -0.0001 0.0105  0.0055  246 ILE A CG1 
86  C  CG2 . ILE A 11 ? 0.1132 0.1634 0.1556 -0.0126 0.0087  0.0070  246 ILE A CG2 
87  C  CD1 . ILE A 11 ? 0.1201 0.1515 0.1454 -0.0183 0.0112  -0.0030 246 ILE A CD1 
88  N  N   . LYS A 12 ? 0.1461 0.1816 0.1592 0.0103  0.0107  0.0200  247 LYS A N   
89  C  CA  . LYS A 12 ? 0.1789 0.2044 0.1530 0.0090  0.0130  0.0156  247 LYS A CA  
90  C  C   . LYS A 12 ? 0.1838 0.2100 0.1418 -0.0039 0.0116  0.0291  247 LYS A C   
91  O  O   . LYS A 12 ? 0.1921 0.2079 0.1577 -0.0129 0.0031  0.0400  247 LYS A O   
92  C  CB  . LYS A 12 ? 0.2060 0.2179 0.1734 0.0108  0.0170  0.0147  247 LYS A CB  
93  C  CG  . LYS A 12 ? 0.2670 0.2689 0.2471 0.0009  0.0089  -0.0039 247 LYS A CG  
94  C  CD  . LYS A 12 ? 0.3504 0.3278 0.2941 0.0118  0.0124  -0.0184 247 LYS A CD  
95  C  CE  . LYS A 12 ? 0.4037 0.3705 0.3764 -0.0037 -0.0003 -0.0194 247 LYS A CE  
96  N  NZ  . LYS A 12 ? 0.4571 0.4323 0.3968 -0.0030 0.0126  -0.0173 247 LYS A NZ  
97  N  N   . LYS A 13 ? 0.2190 0.2225 0.1540 -0.0041 0.0087  0.0157  248 LYS A N   
98  C  CA  . LYS A 13 ? 0.2569 0.2433 0.1894 -0.0008 0.0094  0.0188  248 LYS A CA  
99  C  C   . LYS A 13 ? 0.2794 0.2451 0.1998 -0.0077 0.0229  0.0186  248 LYS A C   
100 O  O   . LYS A 13 ? 0.3348 0.2929 0.2042 -0.0471 0.0508  0.0134  248 LYS A O   
101 C  CB  . LYS A 13 ? 0.2942 0.2355 0.2041 0.0072  -0.0154 0.0219  248 LYS A CB  
102 C  CG  . LYS A 13 ? 0.2741 0.2803 0.2200 0.0365  -0.0044 0.0098  248 LYS A CG  
103 C  CD  . LYS A 13 ? 0.2566 0.2515 0.1951 0.0260  -0.0028 0.0147  248 LYS A CD  
104 C  CE  . LYS A 13 ? 0.2320 0.1937 0.1847 0.0143  -0.0145 0.0032  248 LYS A CE  
105 N  NZ  . LYS A 13 ? 0.2565 0.1882 0.1769 0.0526  -0.0071 -0.0434 248 LYS A NZ  
106 N  N   . GLY A 14 ? 0.2844 0.2545 0.2312 -0.0184 0.0293  0.0225  249 GLY A N   
107 C  CA  . GLY A 14 ? 0.2986 0.2757 0.2734 -0.0162 0.0226  0.0262  249 GLY A CA  
108 C  C   . GLY A 14 ? 0.3163 0.2938 0.2991 -0.0133 0.0175  0.0261  249 GLY A C   
109 O  O   . GLY A 14 ? 0.3260 0.2754 0.2861 -0.0229 0.0299  0.0514  249 GLY A O   
110 N  N   A SER A 15 ? 0.3300 0.3103 0.3201 -0.0127 0.0204  0.0263  250 SER A N   
111 N  N   B SER A 15 ? 0.3280 0.3081 0.3184 -0.0139 0.0214  0.0274  250 SER A N   
112 C  CA  A SER A 15 ? 0.3333 0.3153 0.3320 -0.0143 0.0179  0.0247  250 SER A CA  
113 C  CA  B SER A 15 ? 0.3272 0.3112 0.3292 -0.0177 0.0198  0.0283  250 SER A CA  
114 C  C   A SER A 15 ? 0.3331 0.3089 0.3362 -0.0150 0.0170  0.0274  250 SER A C   
115 C  C   B SER A 15 ? 0.3302 0.3067 0.3346 -0.0160 0.0189  0.0287  250 SER A C   
116 O  O   A SER A 15 ? 0.3538 0.3046 0.3475 -0.0157 0.0239  0.0430  250 SER A O   
117 O  O   B SER A 15 ? 0.3484 0.2984 0.3470 -0.0186 0.0269  0.0453  250 SER A O   
118 C  CB  A SER A 15 ? 0.3363 0.3240 0.3376 -0.0144 0.0167  0.0253  250 SER A CB  
119 C  CB  B SER A 15 ? 0.3322 0.3183 0.3316 -0.0180 0.0220  0.0267  250 SER A CB  
120 O  OG  A SER A 15 ? 0.3593 0.3404 0.3608 -0.0151 0.0247  0.0081  250 SER A OG  
121 O  OG  B SER A 15 ? 0.3157 0.3222 0.3505 -0.0453 0.0309  0.0427  250 SER A OG  
122 N  N   . ASN A 16 ? 0.3149 0.2945 0.3306 -0.0211 0.0188  0.0302  251 ASN A N   
123 C  CA  A ASN A 16 ? 0.3039 0.2890 0.3266 -0.0194 0.0141  0.0264  251 ASN A CA  
124 C  CA  B ASN A 16 ? 0.3019 0.2880 0.3224 -0.0175 0.0127  0.0244  251 ASN A CA  
125 C  C   . ASN A 16 ? 0.2782 0.2621 0.2985 -0.0184 0.0117  0.0276  251 ASN A C   
126 O  O   . ASN A 16 ? 0.2811 0.2756 0.3206 -0.0284 -0.0004 0.0160  251 ASN A O   
127 C  CB  A ASN A 16 ? 0.3162 0.2960 0.3451 -0.0187 0.0119  0.0197  251 ASN A CB  
128 C  CB  B ASN A 16 ? 0.3095 0.2966 0.3342 -0.0155 0.0124  0.0232  251 ASN A CB  
129 C  CG  A ASN A 16 ? 0.3449 0.3400 0.3940 -0.0237 0.0207  0.0197  251 ASN A CG  
130 C  CG  B ASN A 16 ? 0.3346 0.3122 0.3650 -0.0217 0.0100  0.0171  251 ASN A CG  
131 O  OD1 A ASN A 16 ? 0.4248 0.3621 0.4841 -0.0376 0.0044  0.0163  251 ASN A OD1 
132 O  OD1 B ASN A 16 ? 0.3628 0.3036 0.4163 -0.0441 0.0124  0.0169  251 ASN A OD1 
133 N  ND2 A ASN A 16 ? 0.3894 0.3911 0.4435 -0.0055 0.0416  0.0023  251 ASN A ND2 
134 N  ND2 B ASN A 16 ? 0.3651 0.3348 0.3858 -0.0209 0.0181  0.0028  251 ASN A ND2 
135 N  N   . GLY A 17 ? 0.2379 0.1970 0.2463 -0.0080 0.0098  0.0332  252 GLY A N   
136 C  CA  . GLY A 17 ? 0.2016 0.1829 0.2187 -0.0013 0.0082  0.0230  252 GLY A CA  
137 C  C   . GLY A 17 ? 0.1603 0.1553 0.1803 -0.0076 0.0117  0.0246  252 GLY A C   
138 O  O   . GLY A 17 ? 0.1749 0.1630 0.1765 -0.0090 0.0317  0.0317  252 GLY A O   
139 N  N   . TYR A 18 ? 0.1431 0.1391 0.1638 0.0013  0.0119  0.0274  253 TYR A N   
140 C  CA  . TYR A 18 ? 0.1343 0.1297 0.1499 0.0026  0.0104  0.0256  253 TYR A CA  
141 C  C   . TYR A 18 ? 0.1279 0.1416 0.1543 0.0008  0.0168  0.0246  253 TYR A C   
142 O  O   . TYR A 18 ? 0.1471 0.1393 0.1774 0.0139  0.0146  0.0293  253 TYR A O   
143 C  CB  . TYR A 18 ? 0.1335 0.1422 0.1496 0.0029  0.0159  0.0130  253 TYR A CB  
144 C  CG  . TYR A 18 ? 0.1406 0.1368 0.1382 -0.0032 0.0131  0.0175  253 TYR A CG  
145 C  CD1 . TYR A 18 ? 0.1429 0.1279 0.1567 0.0077  0.0150  0.0124  253 TYR A CD1 
146 C  CD2 . TYR A 18 ? 0.1398 0.1302 0.1496 -0.0064 0.0123  0.0074  253 TYR A CD2 
147 C  CE1 . TYR A 18 ? 0.1680 0.1414 0.1456 -0.0002 0.0178  0.0147  253 TYR A CE1 
148 C  CE2 . TYR A 18 ? 0.1376 0.1347 0.1562 -0.0099 0.0039  0.0130  253 TYR A CE2 
149 C  CZ  . TYR A 18 ? 0.1554 0.1301 0.1402 -0.0108 0.0077  0.0269  253 TYR A CZ  
150 O  OH  . TYR A 18 ? 0.1752 0.1512 0.1651 -0.0232 -0.0027 -0.0111 253 TYR A OH  
151 N  N   . GLY A 19 ? 0.1346 0.1473 0.1584 -0.0018 0.0062  0.0268  254 GLY A N   
152 C  CA  . GLY A 19 ? 0.1392 0.1636 0.1621 -0.0030 0.0030  0.0191  254 GLY A CA  
153 C  C   . GLY A 19 ? 0.1215 0.1283 0.1549 0.0023  0.0042  0.0083  254 GLY A C   
154 O  O   . GLY A 19 ? 0.1231 0.1618 0.1647 0.0033  -0.0112 0.0141  254 GLY A O   
155 N  N   . PHE A 20 ? 0.1141 0.1398 0.1352 -0.0022 0.0031  0.0009  255 PHE A N   
156 C  CA  . PHE A 20 ? 0.1197 0.1250 0.1322 0.0066  0.0024  0.0024  255 PHE A CA  
157 C  C   . PHE A 20 ? 0.1194 0.1194 0.1414 0.0036  -0.0049 0.0050  255 PHE A C   
158 O  O   . PHE A 20 ? 0.1310 0.1170 0.1335 0.0027  0.0062  0.0072  255 PHE A O   
159 C  CB  . PHE A 20 ? 0.1317 0.1296 0.1379 0.0148  0.0083  0.0099  255 PHE A CB  
160 C  CG  . PHE A 20 ? 0.1474 0.1117 0.1355 0.0049  0.0153  0.0111  255 PHE A CG  
161 C  CD1 . PHE A 20 ? 0.1293 0.1250 0.1236 0.0101  0.0065  0.0050  255 PHE A CD1 
162 C  CD2 . PHE A 20 ? 0.1328 0.1310 0.1274 0.0267  0.0080  0.0130  255 PHE A CD2 
163 C  CE1 . PHE A 20 ? 0.1239 0.1263 0.1436 -0.0027 0.0183  -0.0009 255 PHE A CE1 
164 C  CE2 . PHE A 20 ? 0.1407 0.1207 0.1154 0.0040  0.0159  0.0031  255 PHE A CE2 
165 C  CZ  . PHE A 20 ? 0.1285 0.1242 0.1391 -0.0033 0.0043  0.0018  255 PHE A CZ  
166 N  N   . TYR A 21 ? 0.1188 0.1009 0.1424 0.0077  -0.0006 -0.0014 256 TYR A N   
167 C  CA  . TYR A 21 ? 0.1174 0.1028 0.1507 0.0189  0.0074  0.0053  256 TYR A CA  
168 C  C   . TYR A 21 ? 0.1253 0.1075 0.1426 0.0135  0.0031  0.0151  256 TYR A C   
169 O  O   . TYR A 21 ? 0.1399 0.1134 0.1767 0.0172  0.0048  0.0168  256 TYR A O   
170 C  CB  . TYR A 21 ? 0.1296 0.1112 0.1680 0.0114  0.0256  0.0067  256 TYR A CB  
171 C  CG  . TYR A 21 ? 0.1233 0.1118 0.1645 0.0044  0.0353  0.0064  256 TYR A CG  
172 C  CD1 . TYR A 21 ? 0.1142 0.1313 0.2144 0.0107  0.0213  0.0326  256 TYR A CD1 
173 C  CD2 . TYR A 21 ? 0.1170 0.1333 0.1877 -0.0063 0.0187  0.0272  256 TYR A CD2 
174 C  CE1 . TYR A 21 ? 0.1378 0.2048 0.2618 0.0261  0.0390  0.0897  256 TYR A CE1 
175 C  CE2 . TYR A 21 ? 0.0993 0.1834 0.2258 0.0182  0.0349  0.0642  256 TYR A CE2 
176 C  CZ  . TYR A 21 ? 0.1362 0.2253 0.2660 0.0214  0.0564  0.1104  256 TYR A CZ  
177 O  OH  . TYR A 21 ? 0.1743 0.3401 0.3727 0.0638  0.0963  0.2092  256 TYR A OH  
178 N  N   . LEU A 22 ? 0.1188 0.1031 0.1254 0.0104  0.0100  0.0107  257 LEU A N   
179 C  CA  . LEU A 22 ? 0.1207 0.1055 0.1212 0.0102  0.0012  0.0058  257 LEU A CA  
180 C  C   . LEU A 22 ? 0.1269 0.1138 0.1209 0.0124  0.0009  0.0003  257 LEU A C   
181 O  O   . LEU A 22 ? 0.1587 0.1033 0.1342 0.0101  -0.0029 -0.0020 257 LEU A O   
182 C  CB  . LEU A 22 ? 0.1155 0.1172 0.1124 0.0129  -0.0006 -0.0001 257 LEU A CB  
183 C  CG  . LEU A 22 ? 0.1269 0.1238 0.1148 -0.0031 0.0221  -0.0158 257 LEU A CG  
184 C  CD1 . LEU A 22 ? 0.1574 0.1878 0.1405 0.0073  -0.0156 -0.0387 257 LEU A CD1 
185 C  CD2 . LEU A 22 ? 0.1952 0.1056 0.1639 0.0104  0.0209  -0.0026 257 LEU A CD2 
186 N  N   . ARG A 23 ? 0.1464 0.1217 0.1347 0.0023  0.0085  -0.0023 258 ARG A N   
187 C  CA  A ARG A 23 ? 0.1861 0.1596 0.1489 0.0014  0.0104  -0.0039 258 ARG A CA  
188 C  CA  B ARG A 23 ? 0.1784 0.1554 0.1417 -0.0006 0.0078  -0.0070 258 ARG A CA  
189 C  C   . ARG A 23 ? 0.1988 0.1861 0.1472 0.0033  0.0141  -0.0043 258 ARG A C   
190 O  O   . ARG A 23 ? 0.2555 0.1642 0.1682 -0.0019 0.0457  -0.0142 258 ARG A O   
191 C  CB  A ARG A 23 ? 0.2061 0.1826 0.1634 -0.0098 0.0157  -0.0061 258 ARG A CB  
192 C  CB  B ARG A 23 ? 0.1889 0.1758 0.1540 -0.0138 0.0121  -0.0153 258 ARG A CB  
193 C  CG  A ARG A 23 ? 0.2399 0.1937 0.2249 0.0158  0.0169  0.0037  258 ARG A CG  
194 C  CG  B ARG A 23 ? 0.1973 0.1663 0.1757 0.0073  -0.0072 -0.0070 258 ARG A CG  
195 C  CD  A ARG A 23 ? 0.2607 0.2202 0.2539 -0.0009 -0.0051 0.0109  258 ARG A CD  
196 C  CD  B ARG A 23 ? 0.1780 0.2073 0.2120 -0.0174 -0.0209 -0.0059 258 ARG A CD  
197 N  NE  A ARG A 23 ? 0.2923 0.2554 0.3009 0.0158  -0.0024 0.0104  258 ARG A NE  
198 N  NE  B ARG A 23 ? 0.1424 0.1268 0.1852 0.0051  -0.0260 -0.0007 258 ARG A NE  
199 C  CZ  A ARG A 23 ? 0.3057 0.2593 0.3005 0.0038  -0.0060 0.0279  258 ARG A CZ  
200 C  CZ  B ARG A 23 ? 0.1475 0.1258 0.1692 0.0089  -0.0043 -0.0063 258 ARG A CZ  
201 N  NH1 A ARG A 23 ? 0.3257 0.3340 0.3458 -0.0110 -0.0179 0.0137  258 ARG A NH1 
202 N  NH1 B ARG A 23 ? 0.1351 0.1320 0.1249 -0.0002 0.0085  0.0062  258 ARG A NH1 
203 N  NH2 A ARG A 23 ? 0.3208 0.2836 0.3064 -0.0092 0.0019  0.0051  258 ARG A NH2 
204 N  NH2 B ARG A 23 ? 0.1249 0.1261 0.1929 0.0157  -0.0129 0.0089  258 ARG A NH2 
205 N  N   . ALA A 24 ? 0.2297 0.2276 0.1866 0.0042  0.0175  -0.0087 259 ALA A N   
206 C  CA  . ALA A 24 ? 0.2492 0.2815 0.2221 -0.0145 0.0282  -0.0015 259 ALA A CA  
207 C  C   . ALA A 24 ? 0.2884 0.3022 0.2435 -0.0133 0.0298  0.0237  259 ALA A C   
208 O  O   . ALA A 24 ? 0.3350 0.3249 0.1879 -0.0252 0.0220  0.0460  259 ALA A O   
209 C  CB  . ALA A 24 ? 0.2607 0.3465 0.2570 0.0040  0.0185  0.0054  259 ALA A CB  
210 N  N   . GLY A 25 ? 0.3231 0.3434 0.2909 -0.0129 0.0323  0.0297  260 GLY A N   
211 C  CA  . GLY A 25 ? 0.3504 0.3723 0.3281 -0.0053 0.0239  0.0190  260 GLY A CA  
212 C  C   . GLY A 25 ? 0.3625 0.3936 0.3285 -0.0002 0.0210  0.0127  260 GLY A C   
213 O  O   . GLY A 25 ? 0.3822 0.4411 0.3424 0.0037  0.0273  0.0167  260 GLY A O   
214 N  N   . GLN A 28 ? 0.3782 0.3801 0.3678 -0.0026 0.0052  0.0024  263 GLN A N   
215 C  CA  . GLN A 28 ? 0.3657 0.3690 0.3634 -0.0012 0.0039  0.0017  263 GLN A CA  
216 C  C   . GLN A 28 ? 0.3532 0.3594 0.3528 -0.0024 0.0066  0.0033  263 GLN A C   
217 O  O   . GLN A 28 ? 0.3614 0.3670 0.3633 -0.0002 0.0079  0.0059  263 GLN A O   
218 C  CB  . GLN A 28 ? 0.3722 0.3729 0.3652 -0.0021 0.0044  0.0021  263 GLN A CB  
219 C  CG  . GLN A 28 ? 0.3853 0.3762 0.3669 0.0010  -0.0008 0.0007  263 GLN A CG  
220 C  CD  . GLN A 28 ? 0.4020 0.3870 0.3663 -0.0055 -0.0020 0.0042  263 GLN A CD  
221 O  OE1 . GLN A 28 ? 0.4144 0.3832 0.3474 -0.0038 0.0023  -0.0122 263 GLN A OE1 
222 N  NE2 . GLN A 28 ? 0.4001 0.3331 0.3613 -0.0142 0.0052  -0.0009 263 GLN A NE2 
223 N  N   . LYS A 29 ? 0.3311 0.3437 0.3311 -0.0073 0.0075  0.0039  264 LYS A N   
224 C  CA  . LYS A 29 ? 0.3147 0.3259 0.3099 -0.0091 0.0109  0.0069  264 LYS A CA  
225 C  C   . LYS A 29 ? 0.2807 0.2995 0.2870 -0.0146 0.0101  0.0117  264 LYS A C   
226 O  O   . LYS A 29 ? 0.2764 0.2959 0.2764 -0.0193 0.0016  0.0193  264 LYS A O   
227 C  CB  . LYS A 29 ? 0.3146 0.3253 0.3088 -0.0086 0.0112  0.0046  264 LYS A CB  
228 C  CG  . LYS A 29 ? 0.3375 0.3332 0.3109 -0.0020 0.0157  -0.0025 264 LYS A CG  
229 N  N   . GLY A 30 ? 0.2544 0.2866 0.2650 -0.0284 0.0060  0.0207  265 GLY A N   
230 C  CA  . GLY A 30 ? 0.2245 0.2459 0.2461 -0.0272 0.0029  0.0224  265 GLY A CA  
231 C  C   . GLY A 30 ? 0.2060 0.2100 0.2062 -0.0349 0.0021  0.0131  265 GLY A C   
232 O  O   . GLY A 30 ? 0.2236 0.2599 0.1995 -0.0400 0.0169  -0.0056 265 GLY A O   
233 N  N   . GLN A 31 ? 0.1681 0.1548 0.1715 -0.0028 -0.0011 0.0048  266 GLN A N   
234 C  CA  . GLN A 31 ? 0.1688 0.1341 0.1507 -0.0132 -0.0021 -0.0012 266 GLN A CA  
235 C  C   . GLN A 31 ? 0.1678 0.1103 0.1387 -0.0071 0.0099  0.0008  266 GLN A C   
236 O  O   . GLN A 31 ? 0.2009 0.1107 0.1684 -0.0127 0.0015  -0.0190 266 GLN A O   
237 C  CB  . GLN A 31 ? 0.1927 0.1320 0.1439 -0.0149 -0.0033 -0.0059 266 GLN A CB  
238 C  CG  . GLN A 31 ? 0.1751 0.1506 0.1522 -0.0242 -0.0175 0.0074  266 GLN A CG  
239 C  CD  . GLN A 31 ? 0.1607 0.1313 0.1289 0.0004  0.0039  0.0161  266 GLN A CD  
240 O  OE1 . GLN A 31 ? 0.1584 0.1165 0.1574 -0.0029 0.0152  0.0244  266 GLN A OE1 
241 N  NE2 . GLN A 31 ? 0.1515 0.1634 0.1626 0.0250  0.0243  0.0283  266 GLN A NE2 
242 N  N   . ILE A 32 ? 0.1538 0.1144 0.1383 -0.0104 0.0144  -0.0067 267 ILE A N   
243 C  CA  A ILE A 32 ? 0.1648 0.1237 0.1467 -0.0023 0.0020  0.0093  267 ILE A CA  
244 C  CA  B ILE A 32 ? 0.1633 0.1145 0.1451 -0.0060 0.0010  0.0064  267 ILE A CA  
245 C  C   . ILE A 32 ? 0.1447 0.1144 0.1364 -0.0024 -0.0033 0.0145  267 ILE A C   
246 O  O   . ILE A 32 ? 0.1606 0.1146 0.1535 -0.0071 0.0089  0.0155  267 ILE A O   
247 C  CB  A ILE A 32 ? 0.1729 0.1420 0.1447 -0.0016 -0.0010 0.0080  267 ILE A CB  
248 C  CB  B ILE A 32 ? 0.1723 0.1240 0.1447 -0.0107 -0.0024 0.0002  267 ILE A CB  
249 C  CG1 A ILE A 32 ? 0.1850 0.1675 0.1813 -0.0062 0.0053  -0.0004 267 ILE A CG1 
250 C  CG1 B ILE A 32 ? 0.1758 0.1327 0.1566 -0.0092 0.0025  -0.0118 267 ILE A CG1 
251 C  CG2 A ILE A 32 ? 0.1960 0.1535 0.1590 0.0120  -0.0093 0.0117  267 ILE A CG2 
252 C  CG2 B ILE A 32 ? 0.1882 0.1260 0.1731 -0.0080 -0.0123 0.0024  267 ILE A CG2 
253 C  CD1 A ILE A 32 ? 0.2480 0.2567 0.2061 -0.0015 -0.0055 -0.0021 267 ILE A CD1 
254 C  CD1 B ILE A 32 ? 0.1737 0.1453 0.1721 -0.0401 0.0397  0.0090  267 ILE A CD1 
255 N  N   . ILE A 33 ? 0.1403 0.1189 0.1359 -0.0046 0.0091  0.0232  268 ILE A N   
256 C  CA  . ILE A 33 ? 0.1294 0.1206 0.1396 -0.0029 -0.0005 0.0260  268 ILE A CA  
257 C  C   . ILE A 33 ? 0.1474 0.1153 0.1565 0.0157  -0.0016 0.0091  268 ILE A C   
258 O  O   . ILE A 33 ? 0.1604 0.1437 0.1629 0.0192  -0.0130 0.0146  268 ILE A O   
259 C  CB  . ILE A 33 ? 0.1305 0.1316 0.1489 0.0016  0.0031  0.0217  268 ILE A CB  
260 C  CG1 . ILE A 33 ? 0.1334 0.1691 0.1850 -0.0181 0.0056  0.0215  268 ILE A CG1 
261 C  CG2 . ILE A 33 ? 0.1537 0.1744 0.1816 -0.0266 0.0301  0.0131  268 ILE A CG2 
262 C  CD1 . ILE A 33 ? 0.1633 0.1956 0.2021 0.0190  -0.0076 0.0364  268 ILE A CD1 
263 N  N   . LYS A 34 ? 0.1392 0.1308 0.1597 0.0044  0.0016  0.0052  269 LYS A N   
264 C  CA  . LYS A 34 ? 0.1547 0.1336 0.1692 0.0044  0.0043  -0.0004 269 LYS A CA  
265 C  C   . LYS A 34 ? 0.1492 0.1219 0.1779 -0.0016 -0.0074 -0.0088 269 LYS A C   
266 O  O   . LYS A 34 ? 0.1565 0.1341 0.1820 -0.0053 -0.0178 0.0118  269 LYS A O   
267 C  CB  . LYS A 34 ? 0.1577 0.1578 0.1916 -0.0015 0.0066  -0.0041 269 LYS A CB  
268 C  CG  . LYS A 34 ? 0.1872 0.1872 0.1991 -0.0119 0.0395  -0.0130 269 LYS A CG  
269 C  CD  . LYS A 34 ? 0.2269 0.2273 0.2291 0.0144  0.0307  -0.0177 269 LYS A CD  
270 C  CE  . LYS A 34 ? 0.2734 0.2324 0.2260 0.0113  0.0091  -0.0202 269 LYS A CE  
271 N  NZ  . LYS A 34 ? 0.3108 0.2362 0.2454 0.0395  0.0289  -0.0037 269 LYS A NZ  
272 N  N   . ASP A 35 ? 0.1445 0.1421 0.1894 -0.0174 -0.0060 -0.0047 270 ASP A N   
273 C  CA  . ASP A 35 ? 0.1717 0.1603 0.2099 -0.0176 -0.0021 -0.0090 270 ASP A CA  
274 C  C   . ASP A 35 ? 0.1445 0.1595 0.2047 -0.0143 -0.0001 0.0088  270 ASP A C   
275 O  O   . ASP A 35 ? 0.1517 0.1744 0.2373 -0.0127 0.0167  0.0143  270 ASP A O   
276 C  CB  . ASP A 35 ? 0.1936 0.1747 0.2235 -0.0201 0.0044  -0.0132 270 ASP A CB  
277 C  CG  . ASP A 35 ? 0.2339 0.2152 0.2887 -0.0008 -0.0158 -0.0671 270 ASP A CG  
278 O  OD1 . ASP A 35 ? 0.3054 0.2677 0.3155 0.0122  -0.0492 -0.1306 270 ASP A OD1 
279 O  OD2 . ASP A 35 ? 0.2541 0.2677 0.2761 -0.0089 -0.0046 -0.1450 270 ASP A OD2 
280 N  N   . ILE A 36 ? 0.1320 0.1543 0.1820 -0.0056 -0.0029 -0.0034 271 ILE A N   
281 C  CA  . ILE A 36 ? 0.1294 0.1530 0.1733 0.0012  -0.0060 0.0075  271 ILE A CA  
282 C  C   . ILE A 36 ? 0.1345 0.1583 0.1845 -0.0115 -0.0074 0.0109  271 ILE A C   
283 O  O   . ILE A 36 ? 0.1320 0.1704 0.1891 -0.0097 -0.0246 0.0204  271 ILE A O   
284 C  CB  . ILE A 36 ? 0.1286 0.1522 0.1612 -0.0017 -0.0011 0.0064  271 ILE A CB  
285 C  CG1 . ILE A 36 ? 0.1425 0.1542 0.1689 0.0011  -0.0011 0.0071  271 ILE A CG1 
286 C  CG2 . ILE A 36 ? 0.1558 0.1695 0.1826 -0.0134 0.0267  -0.0084 271 ILE A CG2 
287 C  CD1 . ILE A 36 ? 0.1764 0.1581 0.1812 0.0086  -0.0182 0.0254  271 ILE A CD1 
288 N  N   . GLU A 37 ? 0.1337 0.1591 0.1825 -0.0075 -0.0150 0.0137  272 GLU A N   
289 C  CA  A GLU A 37 ? 0.1472 0.1690 0.1948 -0.0119 -0.0044 0.0092  272 GLU A CA  
290 C  CA  B GLU A 37 ? 0.1541 0.1766 0.2010 -0.0132 -0.0045 0.0098  272 GLU A CA  
291 C  C   . GLU A 37 ? 0.1462 0.1826 0.2080 -0.0121 -0.0058 0.0120  272 GLU A C   
292 O  O   . GLU A 37 ? 0.1314 0.1692 0.2075 -0.0130 -0.0009 0.0243  272 GLU A O   
293 C  CB  A GLU A 37 ? 0.1587 0.1706 0.1985 -0.0062 0.0017  0.0110  272 GLU A CB  
294 C  CB  B GLU A 37 ? 0.1782 0.1827 0.2114 -0.0021 0.0016  0.0093  272 GLU A CB  
295 C  CG  A GLU A 37 ? 0.1563 0.1540 0.2136 -0.0121 0.0220  0.0101  272 GLU A CG  
296 C  CG  B GLU A 37 ? 0.2244 0.2448 0.2729 -0.0089 0.0261  0.0260  272 GLU A CG  
297 C  CD  A GLU A 37 ? 0.1448 0.1541 0.2321 -0.0082 0.0677  0.0313  272 GLU A CD  
298 C  CD  B GLU A 37 ? 0.2697 0.2817 0.3250 -0.0175 0.0348  0.0143  272 GLU A CD  
299 O  OE1 A GLU A 37 ? 0.2355 0.1845 0.2458 0.0104  0.0421  0.0314  272 GLU A OE1 
300 O  OE1 B GLU A 37 ? 0.3230 0.2448 0.3468 -0.0266 0.0455  0.0152  272 GLU A OE1 
301 O  OE2 A GLU A 37 ? 0.1024 0.1578 0.2935 0.0349  0.0874  0.0931  272 GLU A OE2 
302 O  OE2 B GLU A 37 ? 0.3092 0.3367 0.4195 -0.0562 0.0548  0.0220  272 GLU A OE2 
303 N  N   . PRO A 38 ? 0.1681 0.2174 0.2401 -0.0037 -0.0154 -0.0120 273 PRO A N   
304 C  CA  . PRO A 38 ? 0.1603 0.2298 0.2472 -0.0038 -0.0134 -0.0069 273 PRO A CA  
305 C  C   . PRO A 38 ? 0.1457 0.2202 0.2471 -0.0089 -0.0048 0.0021  273 PRO A C   
306 O  O   . PRO A 38 ? 0.1628 0.2164 0.3002 -0.0173 0.0104  0.0072  273 PRO A O   
307 C  CB  . PRO A 38 ? 0.1693 0.2605 0.2650 -0.0028 -0.0210 -0.0150 273 PRO A CB  
308 C  CG  . PRO A 38 ? 0.1953 0.2818 0.2740 0.0022  -0.0210 -0.0167 273 PRO A CG  
309 C  CD  . PRO A 38 ? 0.1825 0.2470 0.2561 -0.0060 -0.0266 -0.0203 273 PRO A CD  
310 N  N   . GLY A 39 ? 0.1428 0.2016 0.2256 -0.0049 0.0042  0.0063  274 GLY A N   
311 C  CA  . GLY A 39 ? 0.1500 0.2163 0.2236 -0.0087 0.0060  0.0169  274 GLY A CA  
312 C  C   . GLY A 39 ? 0.1541 0.2151 0.2168 -0.0098 0.0039  0.0181  274 GLY A C   
313 O  O   . GLY A 39 ? 0.1768 0.2682 0.2266 -0.0097 0.0182  0.0157  274 GLY A O   
314 N  N   . SER A 40 ? 0.1384 0.1829 0.1914 -0.0117 0.0028  0.0246  275 SER A N   
315 C  CA  . SER A 40 ? 0.1467 0.1789 0.1847 -0.0084 0.0008  0.0237  275 SER A CA  
316 C  C   . SER A 40 ? 0.1236 0.1662 0.1734 -0.0015 0.0212  0.0294  275 SER A C   
317 O  O   . SER A 40 ? 0.1240 0.1571 0.1784 0.0029  0.0146  0.0276  275 SER A O   
318 C  CB  . SER A 40 ? 0.1333 0.1694 0.1980 -0.0015 -0.0140 0.0245  275 SER A CB  
319 O  OG  . SER A 40 ? 0.1325 0.1795 0.2068 -0.0122 0.0216  -0.0025 275 SER A OG  
320 N  N   . PRO A 41 ? 0.1285 0.1527 0.1604 -0.0069 0.0174  0.0326  276 PRO A N   
321 C  CA  . PRO A 41 ? 0.1346 0.1640 0.1576 -0.0035 0.0120  0.0145  276 PRO A CA  
322 C  C   . PRO A 41 ? 0.1176 0.1340 0.1391 -0.0019 0.0105  0.0180  276 PRO A C   
323 O  O   . PRO A 41 ? 0.1318 0.1283 0.1439 0.0038  0.0200  0.0117  276 PRO A O   
324 C  CB  . PRO A 41 ? 0.1486 0.1862 0.1663 -0.0116 0.0002  0.0187  276 PRO A CB  
325 C  CG  . PRO A 41 ? 0.1650 0.1964 0.1827 -0.0024 0.0061  0.0311  276 PRO A CG  
326 C  CD  . PRO A 41 ? 0.1440 0.1665 0.1805 -0.0058 0.0169  0.0400  276 PRO A CD  
327 N  N   . ALA A 42 ? 0.1283 0.1249 0.1364 -0.0040 0.0114  0.0133  277 ALA A N   
328 C  CA  . ALA A 42 ? 0.1037 0.1224 0.1343 0.0040  0.0164  0.0114  277 ALA A CA  
329 C  C   . ALA A 42 ? 0.1082 0.1224 0.1323 0.0042  0.0147  0.0091  277 ALA A C   
330 O  O   . ALA A 42 ? 0.1150 0.1279 0.1386 0.0078  0.0189  0.0118  277 ALA A O   
331 C  CB  . ALA A 42 ? 0.1240 0.1360 0.1541 0.0170  0.0121  -0.0044 277 ALA A CB  
332 N  N   . GLU A 43 ? 0.1114 0.1174 0.1504 0.0107  0.0055  0.0061  278 GLU A N   
333 C  CA  . GLU A 43 ? 0.1184 0.1283 0.1425 0.0085  0.0073  0.0096  278 GLU A CA  
334 C  C   . GLU A 43 ? 0.1182 0.1356 0.1325 0.0135  0.0041  0.0067  278 GLU A C   
335 O  O   . GLU A 43 ? 0.1250 0.1347 0.1377 0.0213  0.0126  0.0112  278 GLU A O   
336 C  CB  . GLU A 43 ? 0.1318 0.1345 0.1584 0.0079  0.0042  0.0019  278 GLU A CB  
337 C  CG  . GLU A 43 ? 0.1378 0.1542 0.1717 -0.0045 -0.0183 0.0188  278 GLU A CG  
338 C  CD  . GLU A 43 ? 0.1414 0.1540 0.1944 0.0104  -0.0251 0.0359  278 GLU A CD  
339 O  OE1 . GLU A 43 ? 0.1406 0.2168 0.2210 0.0021  -0.0196 0.0672  278 GLU A OE1 
340 O  OE2 . GLU A 43 ? 0.1770 0.2326 0.1896 -0.0365 -0.0361 0.0300  278 GLU A OE2 
341 N  N   . ALA A 44 ? 0.1373 0.1325 0.1275 0.0129  0.0127  0.0123  279 ALA A N   
342 C  CA  . ALA A 44 ? 0.1495 0.1605 0.1348 0.0243  0.0152  0.0017  279 ALA A CA  
343 C  C   . ALA A 44 ? 0.1422 0.1474 0.1292 0.0236  0.0087  -0.0027 279 ALA A C   
344 O  O   . ALA A 44 ? 0.1587 0.1554 0.1595 0.0285  0.0236  -0.0086 279 ALA A O   
345 C  CB  . ALA A 44 ? 0.1611 0.1996 0.1504 0.0198  0.0253  0.0087  279 ALA A CB  
346 N  N   . ALA A 45 ? 0.1340 0.1376 0.1411 0.0183  0.0082  -0.0007 280 ALA A N   
347 C  CA  . ALA A 45 ? 0.1404 0.1358 0.1378 0.0151  0.0051  -0.0009 280 ALA A CA  
348 C  C   . ALA A 45 ? 0.1308 0.1277 0.1418 0.0105  0.0024  0.0011  280 ALA A C   
349 O  O   . ALA A 45 ? 0.1588 0.1447 0.1692 -0.0092 -0.0081 0.0131  280 ALA A O   
350 C  CB  . ALA A 45 ? 0.1337 0.1579 0.1688 0.0119  -0.0079 0.0286  280 ALA A CB  
351 N  N   . GLY A 46 ? 0.1289 0.1175 0.1295 0.0128  0.0062  0.0026  281 GLY A N   
352 C  CA  . GLY A 46 ? 0.1375 0.1272 0.1253 0.0184  0.0007  0.0045  281 GLY A CA  
353 C  C   . GLY A 46 ? 0.1308 0.1307 0.1183 0.0147  0.0043  0.0150  281 GLY A C   
354 O  O   . GLY A 46 ? 0.1590 0.1429 0.1424 0.0351  0.0152  0.0186  281 GLY A O   
355 N  N   . LEU A 47 ? 0.1210 0.1296 0.1010 0.0096  -0.0033 0.0071  282 LEU A N   
356 C  CA  . LEU A 47 ? 0.1098 0.1190 0.1158 -0.0003 0.0037  0.0052  282 LEU A CA  
357 C  C   . LEU A 47 ? 0.1110 0.1199 0.1203 -0.0013 0.0090  0.0095  282 LEU A C   
358 O  O   . LEU A 47 ? 0.1075 0.1398 0.1293 0.0042  0.0025  0.0087  282 LEU A O   
359 C  CB  . LEU A 47 ? 0.1253 0.1196 0.1123 0.0017  0.0025  -0.0079 282 LEU A CB  
360 C  CG  . LEU A 47 ? 0.1015 0.1355 0.1153 0.0010  -0.0024 -0.0102 282 LEU A CG  
361 C  CD1 . LEU A 47 ? 0.1474 0.1364 0.1357 0.0168  -0.0137 0.0198  282 LEU A CD1 
362 C  CD2 . LEU A 47 ? 0.1141 0.1386 0.1615 -0.0126 -0.0064 0.0105  282 LEU A CD2 
363 N  N   . LYS A 48 ? 0.1064 0.1313 0.1185 0.0046  -0.0024 0.0030  283 LYS A N   
364 C  CA  . LYS A 48 ? 0.1070 0.1340 0.1120 0.0081  0.0015  0.0055  283 LYS A CA  
365 C  C   . LYS A 48 ? 0.1041 0.1339 0.1228 0.0076  -0.0049 0.0009  283 LYS A C   
366 O  O   . LYS A 48 ? 0.1104 0.1399 0.1291 0.0057  -0.0016 -0.0049 283 LYS A O   
367 C  CB  . LYS A 48 ? 0.1004 0.1356 0.1331 0.0161  -0.0005 0.0025  283 LYS A CB  
368 C  CG  . LYS A 48 ? 0.1136 0.1570 0.1236 0.0072  0.0091  0.0092  283 LYS A CG  
369 C  CD  . LYS A 48 ? 0.1173 0.1535 0.1543 0.0033  0.0119  0.0106  283 LYS A CD  
370 C  CE  . LYS A 48 ? 0.1527 0.1604 0.1696 -0.0064 0.0146  0.0032  283 LYS A CE  
371 N  NZ  . LYS A 48 ? 0.1126 0.1713 0.1704 0.0017  0.0196  0.0192  283 LYS A NZ  
372 N  N   . ASN A 49 ? 0.1108 0.1459 0.1293 0.0115  -0.0144 -0.0093 284 ASN A N   
373 C  CA  . ASN A 49 ? 0.1152 0.1292 0.1415 0.0141  -0.0135 -0.0002 284 ASN A CA  
374 C  C   . ASN A 49 ? 0.1363 0.1463 0.1355 0.0107  -0.0089 -0.0077 284 ASN A C   
375 O  O   . ASN A 49 ? 0.1432 0.1576 0.1577 0.0304  -0.0012 -0.0075 284 ASN A O   
376 C  CB  . ASN A 49 ? 0.1285 0.1266 0.1609 0.0114  -0.0116 -0.0039 284 ASN A CB  
377 C  CG  . ASN A 49 ? 0.1444 0.1474 0.1606 0.0016  -0.0192 -0.0190 284 ASN A CG  
378 O  OD1 . ASN A 49 ? 0.1452 0.1622 0.1657 0.0351  -0.0127 -0.0221 284 ASN A OD1 
379 N  ND2 . ASN A 49 ? 0.2268 0.1966 0.2289 -0.0233 -0.0506 -0.0613 284 ASN A ND2 
380 N  N   . ASN A 50 ? 0.1272 0.1468 0.1477 0.0014  0.0011  -0.0040 285 ASN A N   
381 C  CA  . ASN A 50 ? 0.1439 0.1652 0.1352 0.0007  0.0077  0.0011  285 ASN A CA  
382 C  C   . ASN A 50 ? 0.1446 0.1635 0.1446 -0.0077 0.0083  0.0085  285 ASN A C   
383 O  O   . ASN A 50 ? 0.1272 0.1733 0.1610 -0.0010 0.0092  0.0255  285 ASN A O   
384 C  CB  . ASN A 50 ? 0.1483 0.1782 0.1425 -0.0101 0.0125  0.0111  285 ASN A CB  
385 C  CG  . ASN A 50 ? 0.1320 0.1826 0.1642 -0.0035 -0.0002 0.0181  285 ASN A CG  
386 O  OD1 . ASN A 50 ? 0.2405 0.2058 0.1975 -0.0338 -0.0090 0.0555  285 ASN A OD1 
387 N  ND2 . ASN A 50 ? 0.1061 0.1330 0.1565 -0.0019 0.0056  0.0188  285 ASN A ND2 
388 N  N   . ASP A 51 ? 0.1351 0.1495 0.1392 -0.0178 0.0073  0.0100  286 ASP A N   
389 C  CA  . ASP A 51 ? 0.1070 0.1280 0.1400 -0.0060 0.0073  0.0125  286 ASP A CA  
390 C  C   . ASP A 51 ? 0.1269 0.1167 0.1370 -0.0037 0.0169  0.0077  286 ASP A C   
391 O  O   . ASP A 51 ? 0.1535 0.1179 0.1960 0.0052  0.0460  0.0266  286 ASP A O   
392 C  CB  . ASP A 51 ? 0.0964 0.1297 0.1377 -0.0085 0.0024  0.0023  286 ASP A CB  
393 C  CG  . ASP A 51 ? 0.1089 0.1460 0.1507 -0.0116 -0.0107 0.0104  286 ASP A CG  
394 O  OD1 . ASP A 51 ? 0.1316 0.1377 0.1726 -0.0057 -0.0008 0.0352  286 ASP A OD1 
395 O  OD2 . ASP A 51 ? 0.1146 0.1450 0.1509 -0.0036 -0.0039 -0.0057 286 ASP A OD2 
396 N  N   . LEU A 52 ? 0.1118 0.1205 0.1355 -0.0034 0.0017  0.0217  287 LEU A N   
397 C  CA  . LEU A 52 ? 0.1107 0.1171 0.1294 -0.0049 0.0042  0.0078  287 LEU A CA  
398 C  C   . LEU A 52 ? 0.1073 0.1107 0.1206 -0.0061 0.0099  0.0096  287 LEU A C   
399 O  O   . LEU A 52 ? 0.1359 0.1241 0.1197 0.0021  -0.0045 0.0004  287 LEU A O   
400 C  CB  . LEU A 52 ? 0.1379 0.1438 0.1456 0.0011  0.0148  0.0105  287 LEU A CB  
401 C  CG  . LEU A 52 ? 0.1711 0.1818 0.1826 0.0010  0.0460  0.0250  287 LEU A CG  
402 C  CD1 . LEU A 52 ? 0.2251 0.1853 0.2607 0.0007  0.0526  0.0243  287 LEU A CD1 
403 C  CD2 . LEU A 52 ? 0.1877 0.1931 0.2226 -0.0131 0.0585  0.0350  287 LEU A CD2 
404 N  N   . VAL A 53 ? 0.1123 0.1053 0.1118 -0.0050 -0.0017 -0.0014 288 VAL A N   
405 C  CA  . VAL A 53 ? 0.1191 0.1051 0.1167 -0.0050 0.0059  0.0061  288 VAL A CA  
406 C  C   . VAL A 53 ? 0.1226 0.1079 0.1134 -0.0079 0.0064  -0.0021 288 VAL A C   
407 O  O   . VAL A 53 ? 0.1215 0.1149 0.1506 -0.0046 0.0122  -0.0160 288 VAL A O   
408 C  CB  . VAL A 53 ? 0.1241 0.1017 0.1168 -0.0103 0.0099  0.0071  288 VAL A CB  
409 C  CG1 . VAL A 53 ? 0.1436 0.1290 0.1171 -0.0067 -0.0217 0.0067  288 VAL A CG1 
410 C  CG2 . VAL A 53 ? 0.1273 0.1430 0.1449 -0.0302 0.0187  0.0149  288 VAL A CG2 
411 N  N   . VAL A 54 ? 0.1154 0.1013 0.1199 -0.0055 0.0092  0.0001  289 VAL A N   
412 C  CA  . VAL A 54 ? 0.1187 0.1120 0.1312 -0.0070 -0.0003 0.0045  289 VAL A CA  
413 C  C   . VAL A 54 ? 0.1089 0.1080 0.1211 -0.0074 0.0058  0.0012  289 VAL A C   
414 O  O   . VAL A 54 ? 0.1082 0.1240 0.1409 -0.0126 0.0105  0.0046  289 VAL A O   
415 C  CB  . VAL A 54 ? 0.1260 0.1200 0.1320 -0.0197 -0.0010 0.0128  289 VAL A CB  
416 C  CG1 . VAL A 54 ? 0.1763 0.1499 0.1422 -0.0132 -0.0164 0.0182  289 VAL A CG1 
417 C  CG2 . VAL A 54 ? 0.1653 0.1106 0.1515 -0.0029 -0.0054 0.0079  289 VAL A CG2 
418 N  N   . ALA A 55 ? 0.1021 0.1096 0.1176 -0.0058 -0.0011 0.0033  290 ALA A N   
419 C  CA  . ALA A 55 ? 0.1135 0.1028 0.1220 -0.0034 -0.0044 0.0110  290 ALA A CA  
420 C  C   . ALA A 55 ? 0.1072 0.0993 0.1232 -0.0080 -0.0079 0.0073  290 ALA A C   
421 O  O   . ALA A 55 ? 0.1127 0.1043 0.1204 -0.0071 -0.0044 0.0046  290 ALA A O   
422 C  CB  . ALA A 55 ? 0.1355 0.1112 0.1472 -0.0191 -0.0064 0.0047  290 ALA A CB  
423 N  N   . VAL A 56 ? 0.0969 0.1060 0.1181 -0.0079 -0.0063 0.0073  291 VAL A N   
424 C  CA  . VAL A 56 ? 0.1081 0.1064 0.1283 -0.0112 -0.0024 0.0040  291 VAL A CA  
425 C  C   . VAL A 56 ? 0.1076 0.1099 0.1318 -0.0093 -0.0053 0.0054  291 VAL A C   
426 O  O   . VAL A 56 ? 0.1153 0.1049 0.1532 -0.0074 -0.0086 0.0002  291 VAL A O   
427 C  CB  . VAL A 56 ? 0.1186 0.0989 0.1254 -0.0142 -0.0038 0.0059  291 VAL A CB  
428 C  CG1 . VAL A 56 ? 0.1363 0.1149 0.1378 -0.0147 -0.0037 0.0166  291 VAL A CG1 
429 C  CG2 . VAL A 56 ? 0.1114 0.1262 0.1392 -0.0163 -0.0038 0.0016  291 VAL A CG2 
430 N  N   . ASN A 57 ? 0.1070 0.1132 0.1239 -0.0140 -0.0072 0.0079  292 ASN A N   
431 C  CA  . ASN A 57 ? 0.1213 0.1150 0.1285 -0.0165 -0.0113 0.0040  292 ASN A CA  
432 C  C   . ASN A 57 ? 0.1254 0.1184 0.1332 -0.0140 -0.0178 -0.0007 292 ASN A C   
433 O  O   . ASN A 57 ? 0.1362 0.1441 0.1484 -0.0231 -0.0235 -0.0032 292 ASN A O   
434 C  CB  . ASN A 57 ? 0.1340 0.1324 0.1436 -0.0151 -0.0194 0.0061  292 ASN A CB  
435 C  CG  . ASN A 57 ? 0.1297 0.1305 0.1239 0.0034  -0.0109 0.0203  292 ASN A CG  
436 O  OD1 . ASN A 57 ? 0.1952 0.1331 0.1504 0.0108  -0.0174 0.0181  292 ASN A OD1 
437 N  ND2 . ASN A 57 ? 0.1210 0.1052 0.1244 -0.0116 -0.0067 0.0122  292 ASN A ND2 
438 N  N   . GLY A 58 ? 0.1195 0.1173 0.1337 -0.0137 -0.0038 0.0031  293 GLY A N   
439 C  CA  . GLY A 58 ? 0.1189 0.1292 0.1293 -0.0170 -0.0080 0.0005  293 GLY A CA  
440 C  C   . GLY A 58 ? 0.1136 0.1232 0.1320 -0.0132 -0.0087 0.0047  293 GLY A C   
441 O  O   . GLY A 58 ? 0.1304 0.1363 0.1689 -0.0124 0.0139  0.0167  293 GLY A O   
442 N  N   . LYS A 59 ? 0.1199 0.1259 0.1507 -0.0147 -0.0007 -0.0008 294 LYS A N   
443 C  CA  A LYS A 59 ? 0.1193 0.1285 0.1457 -0.0093 -0.0076 0.0023  294 LYS A CA  
444 C  CA  B LYS A 59 ? 0.1310 0.1353 0.1514 -0.0080 -0.0052 -0.0015 294 LYS A CA  
445 C  C   . LYS A 59 ? 0.1109 0.1246 0.1413 -0.0046 -0.0042 -0.0005 294 LYS A C   
446 O  O   . LYS A 59 ? 0.1227 0.1261 0.1511 -0.0171 -0.0045 0.0028  294 LYS A O   
447 C  CB  A LYS A 59 ? 0.1248 0.1379 0.1490 0.0005  -0.0154 0.0018  294 LYS A CB  
448 C  CB  B LYS A 59 ? 0.1460 0.1520 0.1634 -0.0023 -0.0033 0.0003  294 LYS A CB  
449 C  CG  A LYS A 59 ? 0.1169 0.1722 0.1514 -0.0132 -0.0042 0.0152  294 LYS A CG  
450 C  CG  B LYS A 59 ? 0.1901 0.1829 0.1883 -0.0049 0.0011  -0.0074 294 LYS A CG  
451 C  CD  A LYS A 59 ? 0.1708 0.2032 0.2082 -0.0187 -0.0059 0.0131  294 LYS A CD  
452 C  CD  B LYS A 59 ? 0.2197 0.2342 0.2159 0.0051  0.0015  0.0107  294 LYS A CD  
453 C  CE  A LYS A 59 ? 0.1670 0.2194 0.1981 0.0043  0.0073  0.0132  294 LYS A CE  
454 C  CE  B LYS A 59 ? 0.2241 0.2501 0.2389 -0.0020 -0.0052 0.0094  294 LYS A CE  
455 N  NZ  A LYS A 59 ? 0.2032 0.2141 0.2683 -0.0275 0.0223  0.0534  294 LYS A NZ  
456 N  NZ  B LYS A 59 ? 0.2368 0.2925 0.2854 -0.0410 0.0181  0.0159  294 LYS A NZ  
457 N  N   . SER A 60 ? 0.1107 0.1328 0.1591 -0.0053 0.0068  -0.0043 295 SER A N   
458 C  CA  . SER A 60 ? 0.1164 0.1186 0.1581 -0.0099 0.0072  -0.0015 295 SER A CA  
459 C  C   . SER A 60 ? 0.1124 0.1206 0.1692 -0.0021 0.0071  -0.0013 295 SER A C   
460 O  O   . SER A 60 ? 0.1289 0.1354 0.2015 0.0033  -0.0044 -0.0082 295 SER A O   
461 C  CB  . SER A 60 ? 0.1427 0.1395 0.1778 -0.0160 0.0186  0.0022  295 SER A CB  
462 O  OG  . SER A 60 ? 0.1702 0.1689 0.1731 -0.0400 0.0213  -0.0166 295 SER A OG  
463 N  N   . VAL A 61 ? 0.1238 0.1057 0.1611 0.0003  0.0044  -0.0100 296 VAL A N   
464 C  CA  . VAL A 61 ? 0.1386 0.1146 0.1681 -0.0060 0.0122  -0.0037 296 VAL A CA  
465 C  C   . VAL A 61 ? 0.1878 0.1311 0.1800 -0.0129 0.0202  0.0021  296 VAL A C   
466 O  O   . VAL A 61 ? 0.2131 0.1404 0.1638 -0.0159 0.0254  -0.0114 296 VAL A O   
467 C  CB  . VAL A 61 ? 0.1277 0.1143 0.1663 -0.0075 0.0090  -0.0077 296 VAL A CB  
468 C  CG1 . VAL A 61 ? 0.1761 0.1301 0.1759 -0.0077 0.0124  -0.0063 296 VAL A CG1 
469 C  CG2 . VAL A 61 ? 0.1410 0.1258 0.2208 -0.0088 -0.0170 0.0022  296 VAL A CG2 
470 N  N   . GLU A 62 ? 0.2076 0.1532 0.1705 -0.0100 0.0244  0.0113  297 GLU A N   
471 C  CA  . GLU A 62 ? 0.2201 0.1920 0.2023 -0.0022 0.0355  0.0125  297 GLU A CA  
472 C  C   . GLU A 62 ? 0.2230 0.1942 0.1986 0.0035  0.0427  0.0064  297 GLU A C   
473 O  O   . GLU A 62 ? 0.2737 0.2677 0.2416 0.0243  0.0372  -0.0142 297 GLU A O   
474 C  CB  . GLU A 62 ? 0.2211 0.1951 0.1999 -0.0053 0.0318  0.0090  297 GLU A CB  
475 C  CG  . GLU A 62 ? 0.2093 0.2127 0.2157 0.0031  0.0160  0.0274  297 GLU A CG  
476 C  CD  . GLU A 62 ? 0.1816 0.2335 0.2321 -0.0198 0.0015  -0.0037 297 GLU A CD  
477 O  OE1 . GLU A 62 ? 0.2931 0.2477 0.3894 -0.0410 -0.0560 -0.0072 297 GLU A OE1 
478 O  OE2 . GLU A 62 ? 0.1761 0.2043 0.2162 -0.0321 0.0106  0.0446  297 GLU A OE2 
479 N  N   . ALA A 63 ? 0.2130 0.1925 0.2161 0.0021  0.0572  0.0035  298 ALA A N   
480 C  CA  . ALA A 63 ? 0.2106 0.1854 0.2383 0.0041  0.0575  0.0078  298 ALA A CA  
481 C  C   . ALA A 63 ? 0.2041 0.1777 0.2459 0.0112  0.0661  0.0092  298 ALA A C   
482 O  O   . ALA A 63 ? 0.2311 0.2013 0.2847 0.0163  0.0914  0.0125  298 ALA A O   
483 C  CB  . ALA A 63 ? 0.2053 0.2033 0.2828 -0.0032 0.0587  0.0066  298 ALA A CB  
484 N  N   . LEU A 64 ? 0.1924 0.1546 0.2177 -0.0009 0.0632  0.0044  299 LEU A N   
485 C  CA  . LEU A 64 ? 0.1554 0.1407 0.2018 -0.0050 0.0470  -0.0059 299 LEU A CA  
486 C  C   . LEU A 64 ? 0.1562 0.1578 0.1781 -0.0066 0.0493  -0.0013 299 LEU A C   
487 O  O   . LEU A 64 ? 0.1976 0.1458 0.2256 0.0009  0.0281  0.0045  299 LEU A O   
488 C  CB  . LEU A 64 ? 0.1589 0.1457 0.1974 -0.0078 0.0405  -0.0119 299 LEU A CB  
489 C  CG  . LEU A 64 ? 0.1562 0.1619 0.2223 -0.0149 0.0235  -0.0153 299 LEU A CG  
490 C  CD1 . LEU A 64 ? 0.1745 0.1632 0.1941 0.0105  0.0229  -0.0095 299 LEU A CD1 
491 C  CD2 . LEU A 64 ? 0.1659 0.2549 0.2632 0.0027  0.0104  -0.0402 299 LEU A CD2 
492 N  N   . ASP A 65 ? 0.1435 0.1404 0.1811 -0.0126 0.0349  -0.0120 300 ASP A N   
493 C  CA  . ASP A 65 ? 0.1423 0.1477 0.1762 -0.0076 0.0284  -0.0147 300 ASP A CA  
494 C  C   . ASP A 65 ? 0.1347 0.1206 0.1645 -0.0089 0.0245  -0.0096 300 ASP A C   
495 O  O   . ASP A 65 ? 0.1353 0.1280 0.1608 -0.0111 0.0365  -0.0111 300 ASP A O   
496 C  CB  . ASP A 65 ? 0.1513 0.1511 0.2044 -0.0101 0.0388  -0.0248 300 ASP A CB  
497 C  CG  . ASP A 65 ? 0.1561 0.1504 0.2282 0.0102  0.0433  -0.0343 300 ASP A CG  
498 O  OD1 . ASP A 65 ? 0.1597 0.1623 0.2248 0.0161  0.0540  -0.0159 300 ASP A OD1 
499 O  OD2 . ASP A 65 ? 0.2496 0.2056 0.3022 0.0837  0.0418  -0.0259 300 ASP A OD2 
500 N  N   . HIS A 66 ? 0.1193 0.1292 0.1508 -0.0072 0.0287  -0.0195 301 HIS A N   
501 C  CA  . HIS A 66 ? 0.1154 0.1141 0.1386 -0.0004 0.0155  -0.0076 301 HIS A CA  
502 C  C   . HIS A 66 ? 0.1168 0.1066 0.1343 0.0023  0.0107  -0.0095 301 HIS A C   
503 O  O   . HIS A 66 ? 0.1200 0.1115 0.1345 -0.0016 0.0142  -0.0130 301 HIS A O   
504 C  CB  . HIS A 66 ? 0.1135 0.1153 0.1265 -0.0020 0.0060  -0.0049 301 HIS A CB  
505 C  CG  . HIS A 66 ? 0.1076 0.1097 0.1248 -0.0100 0.0049  -0.0163 301 HIS A CG  
506 N  ND1 . HIS A 66 ? 0.1069 0.1147 0.1357 -0.0012 0.0055  -0.0073 301 HIS A ND1 
507 C  CD2 . HIS A 66 ? 0.1032 0.1051 0.1235 0.0010  0.0118  0.0005  301 HIS A CD2 
508 C  CE1 . HIS A 66 ? 0.0997 0.0963 0.1261 0.0033  0.0013  -0.0001 301 HIS A CE1 
509 N  NE2 . HIS A 66 ? 0.1118 0.1006 0.1159 -0.0018 0.0168  -0.0026 301 HIS A NE2 
510 N  N   . ASP A 67 ? 0.1131 0.1219 0.1352 0.0089  0.0041  -0.0091 302 ASP A N   
511 C  CA  . ASP A 67 ? 0.1172 0.1146 0.1434 -0.0002 0.0032  -0.0076 302 ASP A CA  
512 C  C   . ASP A 67 ? 0.1210 0.1143 0.1495 0.0029  0.0015  -0.0015 302 ASP A C   
513 O  O   . ASP A 67 ? 0.1227 0.1135 0.1522 0.0013  0.0033  -0.0143 302 ASP A O   
514 C  CB  . ASP A 67 ? 0.1148 0.1165 0.1717 0.0033  0.0000  -0.0085 302 ASP A CB  
515 C  CG  . ASP A 67 ? 0.1221 0.1019 0.2079 0.0055  0.0220  -0.0011 302 ASP A CG  
516 O  OD1 . ASP A 67 ? 0.1251 0.0986 0.1655 -0.0047 0.0153  -0.0080 302 ASP A OD1 
517 O  OD2 . ASP A 67 ? 0.1513 0.1305 0.2936 0.0263  -0.0050 -0.0303 302 ASP A OD2 
518 N  N   . GLY A 68 ? 0.1198 0.1146 0.1379 -0.0039 0.0015  -0.0129 303 GLY A N   
519 C  CA  . GLY A 68 ? 0.1266 0.1177 0.1434 -0.0088 -0.0086 -0.0071 303 GLY A CA  
520 C  C   . GLY A 68 ? 0.1074 0.1183 0.1427 -0.0111 0.0000  -0.0005 303 GLY A C   
521 O  O   . GLY A 68 ? 0.1319 0.1246 0.1618 -0.0015 -0.0072 -0.0164 303 GLY A O   
522 N  N   . VAL A 69 ? 0.1153 0.1070 0.1317 -0.0053 0.0020  -0.0075 304 VAL A N   
523 C  CA  . VAL A 69 ? 0.1184 0.1083 0.1371 -0.0097 0.0050  -0.0177 304 VAL A CA  
524 C  C   . VAL A 69 ? 0.1095 0.1027 0.1264 -0.0094 -0.0035 -0.0115 304 VAL A C   
525 O  O   . VAL A 69 ? 0.1282 0.1095 0.1312 -0.0017 -0.0026 -0.0071 304 VAL A O   
526 C  CB  . VAL A 69 ? 0.1204 0.1139 0.1295 -0.0168 0.0005  -0.0171 304 VAL A CB  
527 C  CG1 . VAL A 69 ? 0.1417 0.1258 0.1451 -0.0002 0.0137  -0.0065 304 VAL A CG1 
528 C  CG2 . VAL A 69 ? 0.1477 0.1249 0.1392 -0.0262 0.0214  -0.0031 304 VAL A CG2 
529 N  N   . VAL A 70 ? 0.1072 0.1025 0.1270 -0.0034 0.0047  -0.0062 305 VAL A N   
530 C  CA  . VAL A 70 ? 0.1011 0.1169 0.1345 -0.0076 -0.0006 -0.0133 305 VAL A CA  
531 C  C   . VAL A 70 ? 0.1159 0.1032 0.1387 -0.0022 0.0001  -0.0123 305 VAL A C   
532 O  O   . VAL A 70 ? 0.1264 0.1083 0.1376 -0.0094 0.0043  -0.0078 305 VAL A O   
533 C  CB  . VAL A 70 ? 0.1021 0.1047 0.1362 -0.0188 0.0062  -0.0112 305 VAL A CB  
534 C  CG1 . VAL A 70 ? 0.1442 0.1280 0.1384 -0.0178 0.0099  -0.0006 305 VAL A CG1 
535 C  CG2 . VAL A 70 ? 0.1232 0.1323 0.1348 -0.0169 -0.0085 -0.0254 305 VAL A CG2 
536 N  N   . GLU A 71 ? 0.1229 0.1227 0.1290 -0.0022 -0.0001 -0.0134 306 GLU A N   
537 C  CA  . GLU A 71 ? 0.1374 0.1273 0.1398 0.0041  -0.0101 -0.0080 306 GLU A CA  
538 C  C   . GLU A 71 ? 0.1206 0.1253 0.1390 0.0013  -0.0085 -0.0061 306 GLU A C   
539 O  O   . GLU A 71 ? 0.1426 0.1332 0.1376 -0.0026 -0.0178 -0.0083 306 GLU A O   
540 C  CB  . GLU A 71 ? 0.1512 0.1418 0.1458 0.0100  -0.0157 -0.0143 306 GLU A CB  
541 C  CG  . GLU A 71 ? 0.1567 0.1849 0.1911 0.0196  -0.0330 -0.0077 306 GLU A CG  
542 C  CD  . GLU A 71 ? 0.2081 0.1647 0.1925 0.0116  -0.0791 -0.0012 306 GLU A CD  
543 O  OE1 . GLU A 71 ? 0.2489 0.1468 0.2223 0.0069  -0.0778 0.0180  306 GLU A OE1 
544 O  OE2 . GLU A 71 ? 0.2831 0.1606 0.2085 -0.0139 -0.1055 0.0240  306 GLU A OE2 
545 N  N   . MET A 72 ? 0.1226 0.1195 0.1326 -0.0068 -0.0093 -0.0079 307 MET A N   
546 C  CA  A MET A 72 ? 0.1341 0.1271 0.1328 -0.0089 -0.0090 -0.0134 307 MET A CA  
547 C  CA  B MET A 72 ? 0.1240 0.1204 0.1267 -0.0048 -0.0076 -0.0092 307 MET A CA  
548 C  CA  C MET A 72 ? 0.1353 0.1282 0.1339 -0.0063 -0.0076 -0.0088 307 MET A CA  
549 C  C   . MET A 72 ? 0.1326 0.1126 0.1233 -0.0025 -0.0075 -0.0101 307 MET A C   
550 O  O   . MET A 72 ? 0.1525 0.1280 0.1426 0.0002  -0.0205 -0.0155 307 MET A O   
551 C  CB  A MET A 72 ? 0.1341 0.1318 0.1500 -0.0071 0.0018  -0.0159 307 MET A CB  
552 C  CB  B MET A 72 ? 0.1165 0.1197 0.1300 -0.0045 -0.0022 -0.0110 307 MET A CB  
553 C  CB  C MET A 72 ? 0.1424 0.1353 0.1439 -0.0059 -0.0023 -0.0067 307 MET A CB  
554 C  CG  A MET A 72 ? 0.1596 0.1427 0.1777 -0.0139 -0.0176 -0.0194 307 MET A CG  
555 C  CG  B MET A 72 ? 0.0875 0.1139 0.1182 -0.0103 -0.0103 -0.0091 307 MET A CG  
556 C  CG  C MET A 72 ? 0.1601 0.1568 0.1727 -0.0089 -0.0111 0.0022  307 MET A CG  
557 S  SD  A MET A 72 ? 0.1330 0.1929 0.2207 -0.0394 -0.0194 0.0017  307 MET A SD  
558 S  SD  B MET A 72 ? 0.0577 0.1322 0.1540 0.0035  -0.0134 -0.0265 307 MET A SD  
559 S  SD  C MET A 72 ? 0.1900 0.2350 0.2012 -0.0145 -0.0079 0.0335  307 MET A SD  
560 C  CE  A MET A 72 ? 0.1470 0.2018 0.1996 -0.0320 0.0024  -0.0385 307 MET A CE  
561 C  CE  B MET A 72 ? 0.0893 0.1345 0.1540 -0.0124 -0.0053 -0.0153 307 MET A CE  
562 C  CE  C MET A 72 ? 0.2411 0.2356 0.2477 -0.0240 -0.0026 0.0210  307 MET A CE  
563 N  N   . ILE A 73 ? 0.1296 0.1163 0.1191 0.0003  -0.0048 -0.0084 308 ILE A N   
564 C  CA  . ILE A 73 ? 0.1276 0.1065 0.1261 -0.0067 -0.0007 -0.0091 308 ILE A CA  
565 C  C   . ILE A 73 ? 0.1457 0.1252 0.1227 0.0101  -0.0090 -0.0089 308 ILE A C   
566 O  O   . ILE A 73 ? 0.1624 0.1196 0.1167 0.0088  -0.0109 -0.0050 308 ILE A O   
567 C  CB  . ILE A 73 ? 0.1259 0.1043 0.1146 0.0049  -0.0044 -0.0096 308 ILE A CB  
568 C  CG1 . ILE A 73 ? 0.1147 0.1225 0.1216 -0.0031 -0.0047 -0.0034 308 ILE A CG1 
569 C  CG2 . ILE A 73 ? 0.1044 0.1423 0.1393 -0.0006 0.0040  0.0113  308 ILE A CG2 
570 C  CD1 . ILE A 73 ? 0.1487 0.1354 0.1129 0.0015  -0.0213 0.0013  308 ILE A CD1 
571 N  N   . ARG A 74 ? 0.1616 0.1202 0.1239 0.0034  -0.0004 -0.0031 309 ARG A N   
572 C  CA  A ARG A 74 ? 0.1790 0.1361 0.1373 -0.0056 0.0035  0.0080  309 ARG A CA  
573 C  CA  B ARG A 74 ? 0.1788 0.1508 0.1449 -0.0050 0.0013  0.0062  309 ARG A CA  
574 C  C   . ARG A 74 ? 0.1867 0.1501 0.1389 0.0102  0.0037  0.0050  309 ARG A C   
575 O  O   . ARG A 74 ? 0.2221 0.2068 0.1349 0.0284  0.0056  0.0240  309 ARG A O   
576 C  CB  A ARG A 74 ? 0.2064 0.1299 0.1420 -0.0176 0.0163  0.0211  309 ARG A CB  
577 C  CB  B ARG A 74 ? 0.1781 0.1788 0.1626 -0.0076 0.0065  0.0182  309 ARG A CB  
578 C  CG  A ARG A 74 ? 0.1636 0.1666 0.1800 0.0047  0.0057  0.0315  309 ARG A CG  
579 C  CG  B ARG A 74 ? 0.1986 0.1818 0.2131 -0.0010 0.0119  0.0054  309 ARG A CG  
580 C  CD  A ARG A 74 ? 0.2087 0.1331 0.1910 0.0048  0.0055  0.0173  309 ARG A CD  
581 C  CD  B ARG A 74 ? 0.1651 0.1524 0.1965 0.0005  -0.0042 0.0004  309 ARG A CD  
582 N  NE  A ARG A 74 ? 0.1854 0.1842 0.1496 0.0006  -0.0161 0.0231  309 ARG A NE  
583 N  NE  B ARG A 74 ? 0.1911 0.1641 0.2178 -0.0001 -0.0119 0.0024  309 ARG A NE  
584 C  CZ  A ARG A 74 ? 0.1833 0.1678 0.1181 0.0027  -0.0053 0.0210  309 ARG A CZ  
585 C  CZ  B ARG A 74 ? 0.1699 0.1357 0.1825 0.0035  -0.0346 0.0302  309 ARG A CZ  
586 N  NH1 A ARG A 74 ? 0.0682 0.0535 0.0865 0.0070  -0.0082 0.0324  309 ARG A NH1 
587 N  NH1 B ARG A 74 ? 0.1586 0.1635 0.1847 0.0060  -0.0163 0.0133  309 ARG A NH1 
588 N  NH2 A ARG A 74 ? 0.2502 0.1726 0.1641 -0.0180 -0.0451 0.0140  309 ARG A NH2 
589 N  NH2 B ARG A 74 ? 0.1738 0.1377 0.1888 0.0019  -0.0612 0.0099  309 ARG A NH2 
590 N  N   . LYS A 75 ? 0.1902 0.1818 0.1374 0.0157  -0.0183 0.0044  310 LYS A N   
591 C  CA  . LYS A 75 ? 0.1999 0.2211 0.1582 0.0099  -0.0323 -0.0043 310 LYS A CA  
592 C  C   . LYS A 75 ? 0.1949 0.2264 0.1539 0.0009  -0.0347 -0.0150 310 LYS A C   
593 O  O   . LYS A 75 ? 0.2150 0.2720 0.1515 -0.0004 -0.0466 -0.0307 310 LYS A O   
594 C  CB  . LYS A 75 ? 0.2214 0.2506 0.1883 0.0001  -0.0269 -0.0117 310 LYS A CB  
595 C  CG  . LYS A 75 ? 0.2099 0.2183 0.1817 -0.0051 -0.0293 -0.0156 310 LYS A CG  
596 C  CD  . LYS A 75 ? 0.2418 0.2694 0.2341 0.0045  -0.0011 -0.0098 310 LYS A CD  
597 C  CE  . LYS A 75 ? 0.2479 0.2814 0.2794 -0.0127 -0.0186 -0.0115 310 LYS A CE  
598 N  NZ  . LYS A 75 ? 0.2401 0.3324 0.3537 -0.0162 -0.0034 -0.0170 310 LYS A NZ  
599 N  N   . GLY A 76 ? 0.1903 0.2129 0.1433 0.0112  -0.0245 -0.0293 311 GLY A N   
600 C  CA  . GLY A 76 ? 0.1963 0.2082 0.1507 0.0049  -0.0252 -0.0221 311 GLY A CA  
601 C  C   . GLY A 76 ? 0.2142 0.2146 0.1607 0.0120  -0.0141 -0.0160 311 GLY A C   
602 O  O   . GLY A 76 ? 0.2653 0.2437 0.1721 0.0300  0.0093  -0.0182 311 GLY A O   
603 N  N   . GLY A 77 ? 0.2145 0.2226 0.1798 0.0227  -0.0010 0.0005  312 GLY A N   
604 C  CA  . GLY A 77 ? 0.2273 0.2297 0.1849 0.0129  -0.0020 0.0177  312 GLY A CA  
605 C  C   . GLY A 77 ? 0.2262 0.2329 0.1692 0.0072  0.0065  0.0198  312 GLY A C   
606 O  O   . GLY A 77 ? 0.2445 0.2520 0.1713 0.0028  0.0086  0.0133  312 GLY A O   
607 N  N   . ASP A 78 ? 0.2210 0.2243 0.1744 0.0111  0.0081  0.0318  313 ASP A N   
608 C  CA  A ASP A 78 ? 0.2176 0.2294 0.1922 0.0072  0.0105  0.0209  313 ASP A CA  
609 C  CA  B ASP A 78 ? 0.2191 0.2355 0.1923 0.0104  0.0128  0.0200  313 ASP A CA  
610 C  C   . ASP A 78 ? 0.2004 0.2231 0.1710 0.0066  0.0129  0.0229  313 ASP A C   
611 O  O   . ASP A 78 ? 0.1883 0.2425 0.2003 0.0091  0.0059  0.0369  313 ASP A O   
612 C  CB  A ASP A 78 ? 0.2359 0.2465 0.2035 0.0047  0.0134  0.0191  313 ASP A CB  
613 C  CB  B ASP A 78 ? 0.2402 0.2613 0.2123 0.0103  0.0219  0.0216  313 ASP A CB  
614 C  CG  A ASP A 78 ? 0.2791 0.2557 0.2308 -0.0045 0.0169  0.0277  313 ASP A CG  
615 C  CG  B ASP A 78 ? 0.2778 0.2951 0.2116 0.0214  0.0379  0.0087  313 ASP A CG  
616 O  OD1 A ASP A 78 ? 0.3597 0.2367 0.2643 -0.0222 0.0209  0.0287  313 ASP A OD1 
617 O  OD1 B ASP A 78 ? 0.3604 0.3490 0.1742 0.0253  0.0840  -0.0006 313 ASP A OD1 
618 O  OD2 A ASP A 78 ? 0.3647 0.3198 0.2463 0.0123  0.0037  0.0437  313 ASP A OD2 
619 O  OD2 B ASP A 78 ? 0.3401 0.3874 0.2395 0.0228  0.0629  0.0051  313 ASP A OD2 
620 N  N   . GLN A 79 ? 0.1624 0.1943 0.1411 0.0140  0.0098  0.0200  314 GLN A N   
621 C  CA  . GLN A 79 ? 0.1684 0.1771 0.1419 0.0131  0.0124  -0.0014 314 GLN A CA  
622 C  C   . GLN A 79 ? 0.1418 0.1419 0.1288 0.0032  0.0049  0.0038  314 GLN A C   
623 O  O   . GLN A 79 ? 0.1451 0.1590 0.1322 0.0031  0.0088  0.0045  314 GLN A O   
624 C  CB  . GLN A 79 ? 0.2148 0.1951 0.1665 0.0178  0.0250  0.0050  314 GLN A CB  
625 C  CG  . GLN A 79 ? 0.2634 0.2826 0.2186 -0.0008 0.0304  -0.0261 314 GLN A CG  
626 C  CD  . GLN A 79 ? 0.3323 0.3202 0.2727 -0.0068 0.0560  -0.0697 314 GLN A CD  
627 O  OE1 . GLN A 79 ? 0.3979 0.4221 0.3671 0.0041  0.0839  -0.0988 314 GLN A OE1 
628 N  NE2 . GLN A 79 ? 0.3844 0.3208 0.2629 -0.0067 0.0662  -0.0494 314 GLN A NE2 
629 N  N   . THR A 80 ? 0.1256 0.1219 0.1210 0.0000  0.0114  0.0042  315 THR A N   
630 C  CA  . THR A 80 ? 0.1219 0.1253 0.1308 0.0010  0.0040  0.0043  315 THR A CA  
631 C  C   . THR A 80 ? 0.1119 0.1222 0.1366 -0.0012 0.0066  0.0055  315 THR A C   
632 O  O   . THR A 80 ? 0.1132 0.1223 0.1600 0.0035  0.0113  0.0098  315 THR A O   
633 C  CB  . THR A 80 ? 0.1273 0.1156 0.1273 0.0021  0.0076  -0.0035 315 THR A CB  
634 O  OG1 . THR A 80 ? 0.1423 0.1315 0.1335 0.0064  0.0134  0.0019  315 THR A OG1 
635 C  CG2 . THR A 80 ? 0.1421 0.1554 0.1085 -0.0055 0.0013  0.0108  315 THR A CG2 
636 N  N   . THR A 81 ? 0.1115 0.1262 0.1347 -0.0001 0.0029  0.0063  316 THR A N   
637 C  CA  . THR A 81 ? 0.1168 0.1230 0.1296 -0.0060 -0.0011 0.0008  316 THR A CA  
638 C  C   . THR A 81 ? 0.1188 0.1245 0.1237 -0.0004 -0.0008 0.0054  316 THR A C   
639 O  O   . THR A 81 ? 0.1163 0.1680 0.1355 -0.0059 -0.0043 0.0109  316 THR A O   
640 C  CB  . THR A 81 ? 0.1220 0.1339 0.1304 0.0013  -0.0087 -0.0003 316 THR A CB  
641 O  OG1 . THR A 81 ? 0.1817 0.1694 0.1342 -0.0060 0.0105  -0.0168 316 THR A OG1 
642 C  CG2 . THR A 81 ? 0.1473 0.1343 0.1646 -0.0024 0.0060  0.0073  316 THR A CG2 
643 N  N   . LEU A 82 ? 0.1068 0.1167 0.1207 0.0008  -0.0005 0.0004  317 LEU A N   
644 C  CA  . LEU A 82 ? 0.1031 0.1086 0.1293 0.0071  0.0134  0.0013  317 LEU A CA  
645 C  C   . LEU A 82 ? 0.1111 0.1105 0.1175 0.0051  -0.0002 0.0047  317 LEU A C   
646 O  O   . LEU A 82 ? 0.1276 0.1155 0.1580 0.0191  0.0235  0.0129  317 LEU A O   
647 C  CB  . LEU A 82 ? 0.0971 0.1237 0.1197 0.0107  0.0073  -0.0008 317 LEU A CB  
648 C  CG  . LEU A 82 ? 0.1192 0.1079 0.1066 -0.0021 0.0045  -0.0054 317 LEU A CG  
649 C  CD1 . LEU A 82 ? 0.1309 0.1275 0.1430 -0.0124 0.0106  -0.0014 317 LEU A CD1 
650 C  CD2 . LEU A 82 ? 0.1298 0.1148 0.1462 0.0186  0.0006  0.0088  317 LEU A CD2 
651 N  N   . LEU A 83 ? 0.1054 0.1077 0.1181 0.0035  0.0018  0.0108  318 LEU A N   
652 C  CA  . LEU A 83 ? 0.1204 0.1043 0.1266 0.0002  -0.0055 -0.0027 318 LEU A CA  
653 C  C   . LEU A 83 ? 0.1127 0.0993 0.1245 -0.0067 -0.0020 0.0080  318 LEU A C   
654 O  O   . LEU A 83 ? 0.1183 0.1022 0.1297 -0.0019 0.0027  -0.0019 318 LEU A O   
655 C  CB  . LEU A 83 ? 0.1179 0.1127 0.1272 -0.0045 0.0072  -0.0079 318 LEU A CB  
656 C  CG  . LEU A 83 ? 0.1459 0.1355 0.1180 -0.0118 0.0139  -0.0127 318 LEU A CG  
657 C  CD1 . LEU A 83 ? 0.1373 0.1360 0.1517 0.0003  -0.0008 -0.0043 318 LEU A CD1 
658 C  CD2 . LEU A 83 ? 0.1274 0.1555 0.2186 -0.0324 0.0474  0.0043  318 LEU A CD2 
659 N  N   . VAL A 84 ? 0.1378 0.1113 0.1167 -0.0031 -0.0100 -0.0014 319 VAL A N   
660 C  CA  . VAL A 84 ? 0.1589 0.1164 0.1317 0.0021  -0.0178 0.0011  319 VAL A CA  
661 C  C   . VAL A 84 ? 0.1707 0.1078 0.1324 0.0007  -0.0150 0.0045  319 VAL A C   
662 O  O   . VAL A 84 ? 0.2340 0.1278 0.1263 0.0076  -0.0187 0.0043  319 VAL A O   
663 C  CB  . VAL A 84 ? 0.1567 0.1194 0.1293 0.0002  -0.0231 -0.0037 319 VAL A CB  
664 C  CG1 . VAL A 84 ? 0.1605 0.1350 0.1582 0.0230  0.0123  0.0196  319 VAL A CG1 
665 C  CG2 . VAL A 84 ? 0.1392 0.1528 0.2344 0.0103  -0.0281 -0.0223 319 VAL A CG2 
666 N  N   . LEU A 85 ? 0.1672 0.1235 0.1295 0.0086  -0.0196 0.0132  320 LEU A N   
667 C  CA  . LEU A 85 ? 0.1683 0.1380 0.1470 -0.0083 -0.0103 0.0123  320 LEU A CA  
668 C  C   . LEU A 85 ? 0.1509 0.1306 0.1300 -0.0019 -0.0035 0.0189  320 LEU A C   
669 O  O   . LEU A 85 ? 0.1623 0.1268 0.1348 -0.0096 -0.0205 0.0149  320 LEU A O   
670 C  CB  . LEU A 85 ? 0.2047 0.1964 0.1691 -0.0288 -0.0197 0.0122  320 LEU A CB  
671 C  CG  . LEU A 85 ? 0.2288 0.2419 0.2557 -0.0484 0.0094  -0.0253 320 LEU A CG  
672 C  CD1 . LEU A 85 ? 0.3108 0.3031 0.2831 -0.0438 0.0059  -0.0134 320 LEU A CD1 
673 C  CD2 . LEU A 85 ? 0.2745 0.3096 0.3687 -0.0820 0.0487  -0.0167 320 LEU A CD2 
674 N  N   . ASP A 86 ? 0.1521 0.1263 0.1437 0.0032  -0.0174 0.0108  321 ASP A N   
675 C  CA  . ASP A 86 ? 0.1378 0.1539 0.1362 0.0020  -0.0101 0.0137  321 ASP A CA  
676 C  C   . ASP A 86 ? 0.1584 0.1666 0.1667 0.0036  0.0103  0.0144  321 ASP A C   
677 O  O   . ASP A 86 ? 0.1609 0.1740 0.2061 -0.0031 0.0145  0.0095  321 ASP A O   
678 C  CB  . ASP A 86 ? 0.1464 0.1616 0.1432 0.0096  -0.0081 0.0298  321 ASP A CB  
679 C  CG  . ASP A 86 ? 0.1391 0.1472 0.1418 -0.0150 0.0057  0.0371  321 ASP A CG  
680 O  OD1 . ASP A 86 ? 0.1612 0.1588 0.1947 0.0089  0.0414  0.0501  321 ASP A OD1 
681 O  OD2 . ASP A 86 ? 0.1308 0.1584 0.1793 -0.0107 0.0037  0.0498  321 ASP A OD2 
682 N  N   . LYS A 87 ? 0.1678 0.1840 0.1619 -0.0035 0.0224  -0.0012 322 LYS A N   
683 C  CA  . LYS A 87 ? 0.2506 0.2468 0.2272 0.0038  0.0203  -0.0108 322 LYS A CA  
684 C  C   . LYS A 87 ? 0.2710 0.3067 0.2560 0.0034  0.0148  -0.0113 322 LYS A C   
685 O  O   . LYS A 87 ? 0.2762 0.3403 0.2498 -0.0061 0.0159  -0.0190 322 LYS A O   
686 C  CB  . LYS A 87 ? 0.2456 0.2505 0.2132 0.0170  0.0237  -0.0186 322 LYS A CB  
687 C  CG  . LYS A 87 ? 0.3039 0.3069 0.2771 0.0201  0.0229  -0.0186 322 LYS A CG  
688 C  CD  . LYS A 87 ? 0.3483 0.3483 0.3557 0.0054  0.0027  -0.0132 322 LYS A CD  
689 C  CE  . LYS A 87 ? 0.3516 0.3788 0.3644 0.0065  0.0110  0.0018  322 LYS A CE  
690 N  NZ  . LYS A 87 ? 0.4258 0.3991 0.4552 0.0069  0.0015  -0.0027 322 LYS A NZ  
691 N  N   . GLU A 88 ? 0.3043 0.3464 0.2947 -0.0043 0.0085  0.0036  323 GLU A N   
692 C  CA  . GLU A 88 ? 0.3367 0.3734 0.3244 -0.0038 0.0001  0.0043  323 GLU A CA  
693 C  C   . GLU A 88 ? 0.3417 0.3931 0.3236 -0.0146 -0.0043 0.0005  323 GLU A C   
694 O  O   . GLU A 88 ? 0.3524 0.4210 0.3665 -0.0114 -0.0031 -0.0080 323 GLU A O   
695 C  CB  . GLU A 88 ? 0.3461 0.3859 0.3297 -0.0096 -0.0005 0.0031  323 GLU A CB  
696 C  CG  . GLU A 88 ? 0.3722 0.4053 0.3581 0.0002  -0.0118 0.0148  323 GLU A CG  
697 C  CD  . GLU A 88 ? 0.3813 0.4725 0.3784 -0.0160 0.0030  0.0268  323 GLU A CD  
698 O  OE1 . GLU A 88 ? 0.3944 0.5069 0.4249 -0.0314 0.0067  0.0277  323 GLU A OE1 
699 O  OE2 . GLU A 88 ? 0.4267 0.5346 0.3919 0.0062  -0.0083 0.0275  323 GLU A OE2 
700 C  C   . ACT B .  ? 0.3593 0.2361 0.3251 0.0803  -0.0769 -0.0453 1   ACT A C   
701 O  O   . ACT B .  ? 0.3919 0.1910 0.3648 0.0655  -0.0810 -0.0396 1   ACT A O   
702 O  OXT . ACT B .  ? 0.2057 0.1068 0.1414 0.1212  -0.1447 -0.0972 1   ACT A OXT 
703 C  CH3 . ACT B .  ? 0.4007 0.2732 0.3596 0.0750  -0.0696 -0.0502 1   ACT A CH3 
704 C  C   . ACT C .  ? 0.1059 0.1413 0.1551 -0.0178 -0.0167 0.0300  2   ACT A C   
705 O  O   . ACT C .  ? 0.1841 0.2123 0.1959 -0.0023 -0.0070 0.0103  2   ACT A O   
706 O  OXT . ACT C .  ? 0.1682 0.1674 0.1770 -0.0054 0.0220  0.0061  2   ACT A OXT 
707 C  CH3 . ACT C .  ? 0.1741 0.2287 0.1813 -0.0217 0.0015  0.0099  2   ACT A CH3 
708 C  C1  . EDO D .  ? 0.2757 0.2793 0.2739 0.0148  0.0006  -0.0167 3   EDO A C1  
709 O  O1  . EDO D .  ? 0.2254 0.2000 0.2162 0.0209  0.0004  0.0136  3   EDO A O1  
710 C  C2  . EDO D .  ? 0.2619 0.2549 0.2740 0.0049  -0.0066 -0.0261 3   EDO A C2  
711 O  O2  . EDO D .  ? 0.1756 0.2112 0.2362 0.0307  0.0024  -0.0193 3   EDO A O2  
712 ZN ZN  . ZN  E .  ? 0.1730 0.1464 0.1336 -0.0228 0.0034  0.0141  4   ZN  A ZN  
713 ZN ZN  . ZN  F .  ? 0.1330 0.1124 0.1737 0.0052  0.0055  -0.0126 5   ZN  A ZN  
714 ZN ZN  . ZN  G .  ? 0.1339 0.1053 0.1361 0.0001  0.0002  -0.0043 6   ZN  A ZN  
715 ZN ZN  . ZN  H .  ? 0.1190 0.1013 0.1228 -0.0025 -0.0017 -0.0033 7   ZN  A ZN  
716 CL CL  . CL  I .  ? 0.2112 0.1274 0.1611 0.0004  -0.0334 -0.0170 8   CL  A CL  
717 CL CL  . CL  J .  ? 0.2076 0.1391 0.1784 0.0060  0.0622  -0.0042 9   CL  A CL  
718 CL CL  . CL  K .  ? 0.1337 0.1162 0.1243 0.0070  -0.0013 0.0111  10  CL  A CL  
719 CL CL  . CL  L .  ? 0.5175 0.4819 0.3528 -0.0478 -0.0516 0.1534  11  CL  A CL  
720 CA CA  . CA  M .  ? 0.3481 0.1442 0.3639 -0.0714 -0.2882 0.0875  12  CA  A CA  
721 CL CL  . CL  N .  ? 0.5801 0.4438 0.4173 -0.1356 -0.1030 0.0066  13  CL  A CL  
722 CA CA  . CA  O .  ? 0.2755 0.1497 0.1687 -0.0399 -0.0918 0.0204  14  CA  A CA  
723 O  O   . HOH P .  ? 0.2257 0.3037 0.5411 -0.0061 0.0719  0.1497  15  HOH A O   
724 O  O   . HOH P .  ? 0.2993 0.2839 0.2101 -0.0125 -0.0188 0.0053  16  HOH A O   
725 O  O   . HOH P .  ? 0.1812 0.2530 0.1605 0.0507  0.0064  0.0076  17  HOH A O   
726 O  O   . HOH P .  ? 0.3177 0.1343 0.2394 0.0583  -0.0674 -0.0172 18  HOH A O   
727 O  O   . HOH P .  ? 0.1680 0.2398 0.4358 0.0587  -0.0260 0.0327  20  HOH A O   
728 O  O   . HOH P .  ? 0.1707 0.1400 0.1862 0.0012  -0.0334 -0.0082 21  HOH A O   
729 O  O   . HOH P .  ? 0.2604 0.3634 0.1854 -0.0450 0.0335  -0.0253 22  HOH A O   
730 O  O   . HOH P .  ? 0.1767 0.1363 0.2100 -0.0014 0.0316  -0.0287 23  HOH A O   
731 O  O   . HOH P .  ? 0.2356 0.2481 0.2651 -0.0203 0.0162  -0.0317 24  HOH A O   
732 O  O   . HOH P .  ? 0.1944 0.2149 0.2658 -0.0383 0.0238  -0.0865 29  HOH A O   
733 O  O   . HOH P .  ? 0.2112 0.1940 0.2498 -0.0008 -0.0258 -0.0363 34  HOH A O   
734 O  O   . HOH P .  ? 0.1350 0.0947 0.1267 0.0075  -0.0092 -0.0098 40  HOH A O   
735 O  O   . HOH P .  ? 0.2305 0.1874 0.2522 0.0486  0.0309  -0.0200 49  HOH A O   
736 O  O   . HOH P .  ? 0.1882 0.2262 0.2676 -0.0118 -0.0246 0.0180  50  HOH A O   
737 O  O   . HOH P .  ? 0.3625 0.1742 0.1668 -0.0877 -0.0851 0.0183  52  HOH A O   
738 O  O   . HOH P .  ? 0.3196 0.2403 0.2104 -0.0177 -0.0455 0.0090  54  HOH A O   
739 O  O   . HOH P .  ? 0.2954 0.2871 0.4648 0.0212  -0.0990 -0.0603 55  HOH A O   
740 O  O   . HOH P .  ? 0.2504 0.2338 0.4134 0.0335  -0.0853 -0.0185 56  HOH A O   
741 O  O   . HOH P .  ? 0.2379 0.2697 0.3158 0.0324  -0.0455 -0.0590 60  HOH A O   
742 O  O   . HOH P .  ? 0.1636 0.3394 0.4649 -0.0077 0.0165  0.2157  61  HOH A O   
743 O  O   . HOH P .  ? 0.1877 0.2203 0.3237 0.0110  0.0259  0.0145  63  HOH A O   
744 O  O   . HOH P .  ? 0.3665 0.2600 0.3730 0.0555  0.1620  0.0222  64  HOH A O   
745 O  O   . HOH P .  ? 0.2978 0.2924 0.2608 -0.0127 0.0210  0.0290  65  HOH A O   
746 O  O   . HOH P .  ? 0.2563 0.2720 0.2163 0.0303  -0.0162 0.0551  66  HOH A O   
747 O  O   . HOH P .  ? 0.3544 0.2637 0.3077 -0.1358 -0.1174 0.0665  67  HOH A O   
748 O  O   . HOH P .  ? 0.2798 0.2773 0.3445 0.0283  0.0447  -0.0909 68  HOH A O   
749 O  O   . HOH P .  ? 0.0828 0.1415 0.5784 -0.0135 -0.1006 -0.0387 69  HOH A O   
750 O  O   . HOH P .  ? 0.2230 0.2402 0.2691 -0.0252 0.0197  -0.0123 70  HOH A O   
751 O  O   . HOH P .  ? 0.2781 0.2883 0.3126 0.0298  -0.0068 0.0121  71  HOH A O   
752 O  O   . HOH P .  ? 0.2327 0.1834 0.6282 0.0279  0.1463  0.1182  72  HOH A O   
753 O  O   . HOH P .  ? 0.3827 0.4825 0.3939 0.0445  0.0077  0.0157  73  HOH A O   
754 O  O   . HOH P .  ? 0.7385 0.7740 0.5898 -0.1732 0.3260  -0.3691 74  HOH A O   
755 O  O   . HOH P .  ? 3.7457 0.8247 0.8727 -0.7896 0.5046  0.0182  75  HOH A O   
756 O  O   . HOH P .  ? 0.2996 0.4393 0.7362 -0.0717 0.1709  -0.2403 76  HOH A O   
757 O  O   . HOH P .  ? 0.3392 0.2116 0.2450 -0.0041 -0.0249 0.0354  77  HOH A O   
758 O  O   . HOH P .  ? 0.2734 0.3826 0.2717 0.0115  0.1675  0.0478  78  HOH A O   
759 O  O   . HOH P .  ? 0.5821 0.4775 0.2347 -0.2646 0.0258  -0.0125 80  HOH A O   
760 O  O   . HOH P .  ? 0.2513 0.4899 0.2335 -0.0586 0.0384  -0.0122 82  HOH A O   
761 O  O   . HOH P .  ? 0.6110 0.8874 0.7488 0.4438  0.1853  0.1441  84  HOH A O   
762 O  O   . HOH P .  ? 0.2132 0.3412 0.4543 0.0091  0.0113  0.0042  85  HOH A O   
763 O  O   . HOH P .  ? 0.4021 0.4116 0.3813 -0.1216 0.1091  -0.0242 86  HOH A O   
764 O  O   . HOH P .  ? 0.3156 0.3311 0.4470 -0.0274 0.1258  0.1094  87  HOH A O   
765 O  O   . HOH P .  ? 0.7920 0.4655 5.9247 0.3486  -0.6533 -1.3492 89  HOH A O   
766 O  O   . HOH P .  ? 0.3623 0.3779 0.3958 0.0226  0.0573  0.2294  90  HOH A O   
767 O  O   . HOH P .  ? 0.3259 0.4029 0.6826 0.1013  -0.1431 0.0138  91  HOH A O   
768 O  O   . HOH P .  ? 0.7903 0.2876 0.3088 0.0478  0.0415  -0.0170 92  HOH A O   
769 O  O   . HOH P .  ? 0.6309 0.2935 0.2822 0.2057  0.0008  0.0021  93  HOH A O   
770 O  O   . HOH P .  ? 0.3105 0.6083 0.3861 0.1235  0.0810  -0.0250 94  HOH A O   
771 O  O   . HOH P .  ? 0.4462 0.4120 0.5282 -0.0926 -0.0201 -0.0185 95  HOH A O   
772 O  O   . HOH P .  ? 0.4232 0.2874 0.5067 0.0145  0.1524  -0.0997 96  HOH A O   
773 O  O   . HOH P .  ? 0.3781 0.4494 0.6367 0.0304  -0.0248 -0.0941 97  HOH A O   
774 O  O   . HOH P .  ? 0.2432 0.4595 0.5763 0.0112  0.0608  0.1625  98  HOH A O   
775 O  O   . HOH P .  ? 0.3154 0.4475 0.4875 -0.0705 -0.1012 0.0143  99  HOH A O   
776 O  O   . HOH P .  ? 1.2909 0.4513 0.6031 0.4209  0.4380  -0.2035 100 HOH A O   
777 O  O   . HOH P .  ? 0.3243 0.4132 0.5630 -0.0552 0.2125  -0.1617 101 HOH A O   
778 O  O   . HOH P .  ? 2.5919 1.2162 1.0872 -1.0416 0.4258  -0.3963 107 HOH A O   
779 O  O   . HOH P .  ? 0.1290 0.1131 0.1202 0.0083  0.0011  0.0129  108 HOH A O   
780 O  O   . HOH P .  ? 0.0984 0.0706 0.1133 -0.0091 0.0181  0.0307  109 HOH A O   
781 O  O   . HOH P .  ? 0.3121 0.6262 0.3904 0.0350  0.0635  0.1182  110 HOH A O   
782 O  O   . HOH P .  ? 0.3151 0.6075 0.3212 0.1631  0.0724  0.1004  111 HOH A O   
783 O  O   . HOH P .  ? 1.9730 2.2638 0.8565 -1.4225 1.1239  -1.0938 112 HOH A O   
784 O  O   . HOH P .  ? 0.5921 0.4188 0.4365 0.0501  0.2729  0.0686  113 HOH A O   
785 O  O   . HOH P .  ? 0.6238 0.3799 0.3991 -0.0380 -0.1595 0.0429  114 HOH A O   
786 O  O   . HOH P .  ? 0.3627 0.4271 0.3607 0.0025  0.0780  0.0511  115 HOH A O   
787 O  O   . HOH P .  ? 0.6423 0.3977 0.3843 -0.0205 -0.0759 0.1193  116 HOH A O   
788 O  O   . HOH P .  ? 0.3913 0.2887 0.3101 -0.0200 -0.0444 0.0316  117 HOH A O   
789 O  O   . HOH P .  ? 0.3426 0.5194 0.6471 0.0379  -0.0145 0.0403  118 HOH A O   
790 O  O   . HOH P .  ? 0.3072 0.3625 0.3671 0.0065  -0.0079 0.0843  120 HOH A O   
791 O  O   . HOH P .  ? 0.3905 0.3460 0.1905 -0.1415 0.0775  -0.0237 121 HOH A O   
792 O  O   . HOH P .  ? 0.2986 0.3310 0.3830 0.0356  -0.1138 -0.0543 122 HOH A O   
793 O  O   . HOH P .  ? 2.6693 0.1635 1.9073 -0.1855 -1.4340 0.1882  123 HOH A O   
794 O  O   . HOH P .  ? 0.6865 1.1138 4.9260 0.4841  1.5176  1.4203  124 HOH A O   
795 O  O   . HOH P .  ? 0.2997 0.2671 0.2233 -0.0946 -0.0811 0.0525  125 HOH A O   
796 O  O   . HOH P .  ? 0.1725 0.1392 0.1486 0.0183  -0.0028 -0.0079 126 HOH A O   
797 O  O   . HOH P .  ? 0.4293 0.3623 0.3552 -0.0956 0.1736  -0.0169 127 HOH A O   
798 O  O   . HOH P .  ? 0.3991 0.1176 0.6636 0.0155  -0.2900 0.0008  130 HOH A O   
799 O  O   . HOH P .  ? 0.3595 0.3808 0.5454 0.1105  -0.0458 -0.0817 132 HOH A O   
800 O  O   . HOH P .  ? 0.2561 0.3441 0.6318 0.0537  -0.0348 0.0340  133 HOH A O   
801 O  O   . HOH P .  ? 1.2126 1.1419 0.9454 0.8853  -0.7819 -0.1530 134 HOH A O   
802 O  O   . HOH P .  ? 0.4457 0.3254 0.6924 -0.0184 -0.3244 0.0911  135 HOH A O   
803 O  O   . HOH P .  ? 0.4824 0.5551 0.6447 0.1577  -0.3005 -0.2157 136 HOH A O   
804 O  O   . HOH P .  ? 0.9394 0.4440 0.4681 -0.2776 -0.0466 -0.1272 137 HOH A O   
805 O  O   . HOH P .  ? 0.3212 0.4764 0.6536 -0.1136 -0.1663 0.3128  138 HOH A O   
806 O  O   . HOH P .  ? 4.7688 0.1255 0.6378 -0.6466 -0.8740 0.1929  139 HOH A O   
807 O  O   . HOH P .  ? 0.6229 0.6256 0.2736 0.1944  -0.0698 0.0971  140 HOH A O   
808 O  O   . HOH P .  ? 0.3215 0.6626 0.4076 0.0572  0.1298  -0.0687 141 HOH A O   
809 O  O   . HOH P .  ? 1.7700 0.9549 0.9979 0.4475  -0.8127 -0.3779 142 HOH A O   
810 O  O   . HOH P .  ? 0.3388 0.4986 0.4075 0.0252  0.0671  -0.1192 145 HOH A O   
811 O  O   . HOH P .  ? 0.4440 0.5407 0.3392 0.1726  0.0073  0.1859  146 HOH A O   
812 O  O   . HOH P .  ? 0.3654 0.3546 0.6100 0.0286  0.1271  0.0792  147 HOH A O   
813 O  O   . HOH P .  ? 0.2729 0.5073 0.4664 -0.0641 -0.0827 -0.1422 148 HOH A O   
814 O  O   . HOH P .  ? 1.2260 0.9112 2.8068 -0.0144 0.0184  -0.6190 149 HOH A O   
815 O  O   . HOH P .  ? 0.5103 0.7901 0.4930 0.0623  0.0410  -0.2868 150 HOH A O   
816 O  O   . HOH P .  ? 1.5136 3.7877 1.4894 1.8794  -0.9789 -1.6388 151 HOH A O   
817 O  O   . HOH P .  ? 2.4937 1.4682 1.1175 1.3205  -0.8870 -0.4497 152 HOH A O   
818 O  O   . HOH P .  ? 1.0048 1.2321 1.6214 0.1351  0.2630  0.5807  153 HOH A O   
819 O  O   . HOH P .  ? 0.5417 0.5770 0.3311 0.0703  0.0730  0.0922  154 HOH A O   
820 O  O   . HOH P .  ? 0.3869 0.2872 0.2971 0.0175  0.0690  -0.0024 155 HOH A O   
821 O  O   . HOH P .  ? 0.4043 0.6156 0.6453 -0.1804 0.0748  -0.0188 156 HOH A O   
822 O  O   . HOH P .  ? 0.2992 0.5246 0.5824 0.0796  0.0862  0.1173  157 HOH A O   
823 O  O   . HOH P .  ? 3.5829 0.1138 0.8419 0.3238  -0.2659 -0.2410 158 HOH A O   
824 O  O   . HOH P .  ? 0.3022 0.3696 1.1278 -0.0988 0.2001  -0.1492 159 HOH A O   
825 O  O   . HOH P .  ? 0.5462 0.7125 0.2607 -0.3495 0.0493  -0.0704 160 HOH A O   
826 O  O   . HOH P .  ? 0.1486 0.1160 0.1470 -0.0062 0.0036  -0.0026 331 HOH A O   
827 O  O   . HOH P .  ? 0.1465 0.1331 0.1350 -0.0049 -0.0080 -0.0078 332 HOH A O   
828 O  O   . HOH P .  ? 0.1410 0.1306 0.1372 0.0095  -0.0076 0.0119  333 HOH A O   
829 O  O   . HOH P .  ? 0.1142 0.1638 0.1423 0.0085  -0.0108 -0.0024 334 HOH A O   
830 O  O   . HOH P .  ? 0.1664 0.1978 0.1729 0.0023  -0.0094 -0.0038 335 HOH A O   
831 O  O   . HOH P .  ? 0.2656 0.2088 0.3271 -0.0311 0.0185  -0.0177 336 HOH A O   
832 O  O   . HOH P .  ? 0.1719 0.2235 0.2603 0.0251  0.0334  0.0107  337 HOH A O   
833 O  O   . HOH P .  ? 0.2084 0.2344 0.1659 0.0154  0.0307  0.0338  338 HOH A O   
834 O  O   . HOH P .  ? 0.1643 0.3093 0.2305 -0.0265 -0.0202 -0.0254 339 HOH A O   
835 O  O   . HOH P .  ? 0.1863 0.2253 0.2467 -0.0232 -0.0141 -0.0144 340 HOH A O   
836 O  O   . HOH P .  ? 0.2837 0.1631 0.2496 0.0212  -0.0377 -0.0152 341 HOH A O   
837 O  O   . HOH P .  ? 0.1815 0.2325 0.2280 0.0340  0.0040  -0.0017 342 HOH A O   
838 O  O   . HOH P .  ? 0.3596 0.2196 0.2576 0.0550  -0.0756 -0.0485 343 HOH A O   
# 
